data_1UKL
#
_entry.id   1UKL
#
_cell.length_a   101.092
_cell.length_b   113.285
_cell.length_c   240.044
_cell.angle_alpha   90.00
_cell.angle_beta   90.00
_cell.angle_gamma   90.00
#
_symmetry.space_group_name_H-M   'P 21 21 21'
#
loop_
_entity.id
_entity.type
_entity.pdbx_description
1 polymer 'Importin beta-1 subunit'
2 polymer 'Sterol regulatory element binding protein-2'
#
loop_
_entity_poly.entity_id
_entity_poly.type
_entity_poly.pdbx_seq_one_letter_code
_entity_poly.pdbx_strand_id
1 'polypeptide(L)'
;MELITILEKTVSPDRLELEAAQKFLERAAVENLPTFLVELSRVLANPGNSQVARVAAGLQIKNSLTSKDPDIKAQYQQRW
LAIDANARREVKNYVLQTLGTETYRPSSASQCVAGIACAEIPVSQWPELIPQLVANVTNPNSTEHMKESTLEAIGYICQD
IDPEQLQDKSNEILTAIIQGMRKEEPSNNVKLAATNALLNSLEFTKANFDKESERHFIMQVVCEATQCPDTRVRVAALQN
LVKIMSLYYQYMETYMGPALFAITIEAMKSDIDEVALQGIEFWSNVCDEEMDLAIEASEAAEQGRPPEHTSKFYAKGALQ
YLVPILTQTLTKQDENDDDDDWNPCKAAGVCLMLLSTCCEDDIVPHVLPFIKEHIKNPDWRYRDAAVMAFGSILEGPEPN
QLKPLVIQAMPTLIELMKDPSVVVRDTTAWTVGRICELLPEAAINDVYLAPLLQCLIEGLSAEPRVASNVCWAFSSLAEA
AYEAADVADDQEEPATYCLSSSFELIVQKLLETTDRPDGHQNNLRSSAYESLMEIVKNSAKDCYPAVQKTTLVIMERLQQ
VLQMESHIQSTSDRIQFNDLQSLLCATLQNVLRKVQHQDALQISDVVMASLLRMFQSTAGSGGVQEDALMAVSTLVEVLG
GEFLKYMEAFKPFLGIGLKNYAEYQVCLAAVGLVGDLCRALQSNILPFCDEVMQLLLENLGNENVHRSVKPQILSVFGDI
ALAIGGEFKKYLEVVLNTLQQASQAQVDKSDFDMVDYLNELRESCLEAYTGIVQGLKGDQENVHPDVMLVQPRVEFILSF
IDHIAGDEDHTDGVVACAAGLIGDLCTAFGKDVLKLVEARPMIHELLTEGRRSKTNKAKTLATWATKELRKLKNQA
;
A,B
2 'polypeptide(L)' RSSINDKIIELKDLV(MSE)GTDAK(MSE)HKSGVLRKAIDYIKYLQQVNHKLRQEN(MSE)VLKLANQKNKL C,D,E,F
#
# COMPACT_ATOMS: atom_id res chain seq x y z
N MET A 1 -54.94 47.84 -24.81
CA MET A 1 -54.11 48.38 -25.92
C MET A 1 -54.03 47.41 -27.12
N GLU A 2 -52.86 46.78 -27.33
CA GLU A 2 -52.71 45.85 -28.44
C GLU A 2 -51.77 44.69 -28.12
N LEU A 3 -51.06 44.20 -29.14
CA LEU A 3 -50.12 43.09 -28.97
C LEU A 3 -48.73 43.55 -29.40
N ILE A 4 -48.68 44.23 -30.54
CA ILE A 4 -47.41 44.73 -31.07
C ILE A 4 -47.09 46.07 -30.41
N THR A 5 -47.86 46.41 -29.39
CA THR A 5 -47.66 47.66 -28.67
C THR A 5 -47.39 47.43 -27.17
N ILE A 6 -48.06 46.45 -26.59
CA ILE A 6 -47.89 46.14 -25.16
C ILE A 6 -46.53 45.49 -24.88
N LEU A 7 -46.10 44.64 -25.80
CA LEU A 7 -44.83 43.94 -25.67
C LEU A 7 -43.67 44.93 -25.79
N GLU A 8 -43.94 46.07 -26.41
CA GLU A 8 -42.94 47.10 -26.59
C GLU A 8 -43.09 48.17 -25.50
N LYS A 9 -44.10 48.01 -24.66
CA LYS A 9 -44.34 48.95 -23.56
C LYS A 9 -43.40 48.64 -22.40
N THR A 10 -42.15 48.33 -22.76
CA THR A 10 -41.11 48.02 -21.79
C THR A 10 -39.95 48.99 -22.02
N VAL A 11 -39.91 49.57 -23.22
CA VAL A 11 -38.87 50.52 -23.60
C VAL A 11 -39.51 51.91 -23.72
N SER A 12 -40.14 52.36 -22.64
CA SER A 12 -40.79 53.66 -22.65
C SER A 12 -40.68 54.44 -21.35
N PRO A 13 -40.63 55.78 -21.43
CA PRO A 13 -40.53 56.69 -20.30
C PRO A 13 -41.74 56.63 -19.38
N ASP A 14 -41.70 55.72 -18.40
CA ASP A 14 -42.78 55.55 -17.43
C ASP A 14 -42.50 54.28 -16.62
N ARG A 15 -42.45 54.43 -15.30
CA ARG A 15 -42.19 53.31 -14.39
C ARG A 15 -43.45 52.47 -14.16
N LEU A 16 -44.60 53.12 -14.16
CA LEU A 16 -45.87 52.44 -13.94
C LEU A 16 -46.36 51.79 -15.24
N GLU A 17 -45.75 52.19 -16.35
CA GLU A 17 -46.11 51.65 -17.66
C GLU A 17 -45.22 50.46 -18.02
N LEU A 18 -44.19 50.24 -17.20
CA LEU A 18 -43.26 49.13 -17.42
C LEU A 18 -43.98 47.80 -17.32
N GLU A 19 -45.07 47.77 -16.56
CA GLU A 19 -45.84 46.54 -16.37
C GLU A 19 -47.05 46.50 -17.30
N ALA A 20 -47.15 47.50 -18.19
CA ALA A 20 -48.26 47.59 -19.14
C ALA A 20 -48.48 46.24 -19.81
N ALA A 21 -47.49 45.37 -19.68
CA ALA A 21 -47.54 44.03 -20.26
C ALA A 21 -47.53 42.93 -19.20
N GLN A 22 -46.61 43.03 -18.24
CA GLN A 22 -46.49 42.03 -17.18
C GLN A 22 -47.82 41.74 -16.50
N LYS A 23 -48.81 42.60 -16.72
CA LYS A 23 -50.12 42.41 -16.13
C LYS A 23 -51.09 41.87 -17.17
N PHE A 24 -51.32 42.63 -18.23
CA PHE A 24 -52.23 42.22 -19.29
C PHE A 24 -51.84 40.84 -19.80
N LEU A 25 -50.60 40.72 -20.25
CA LEU A 25 -50.08 39.46 -20.79
C LEU A 25 -50.29 38.32 -19.81
N GLU A 26 -49.80 38.50 -18.58
CA GLU A 26 -49.92 37.47 -17.55
C GLU A 26 -51.36 37.23 -17.14
N ARG A 27 -52.07 38.30 -16.78
CA ARG A 27 -53.46 38.20 -16.36
C ARG A 27 -54.34 37.93 -17.59
N ALA A 28 -53.78 37.22 -18.56
CA ALA A 28 -54.48 36.85 -19.79
C ALA A 28 -53.95 35.51 -20.28
N ALA A 29 -52.78 35.14 -19.79
CA ALA A 29 -52.14 33.87 -20.17
C ALA A 29 -52.91 32.70 -19.57
N VAL A 30 -53.08 32.70 -18.25
CA VAL A 30 -53.80 31.63 -17.58
C VAL A 30 -55.19 31.45 -18.18
N GLU A 31 -55.89 32.56 -18.42
CA GLU A 31 -57.22 32.51 -19.01
C GLU A 31 -57.20 31.64 -20.25
N ASN A 32 -56.39 32.04 -21.22
CA ASN A 32 -56.27 31.29 -22.47
C ASN A 32 -54.83 31.24 -22.92
N LEU A 33 -54.02 30.42 -22.25
CA LEU A 33 -52.61 30.29 -22.60
C LEU A 33 -52.55 29.64 -23.99
N PRO A 34 -53.39 28.62 -24.24
CA PRO A 34 -53.40 27.98 -25.56
C PRO A 34 -53.85 28.99 -26.61
N THR A 35 -54.38 30.12 -26.12
CA THR A 35 -54.87 31.18 -26.99
C THR A 35 -54.14 32.49 -26.63
N PHE A 36 -52.91 32.35 -26.12
CA PHE A 36 -52.08 33.48 -25.74
C PHE A 36 -50.70 33.31 -26.37
N LEU A 37 -50.25 32.06 -26.44
CA LEU A 37 -48.96 31.73 -27.02
C LEU A 37 -49.12 31.50 -28.52
N VAL A 38 -50.12 30.70 -28.88
CA VAL A 38 -50.40 30.40 -30.28
C VAL A 38 -50.38 31.69 -31.07
N GLU A 39 -51.18 32.66 -30.63
CA GLU A 39 -51.24 33.95 -31.31
C GLU A 39 -49.84 34.56 -31.39
N LEU A 40 -49.07 34.41 -30.32
CA LEU A 40 -47.71 34.95 -30.29
C LEU A 40 -46.88 34.33 -31.42
N SER A 41 -47.10 33.05 -31.69
CA SER A 41 -46.37 32.35 -32.73
C SER A 41 -46.63 33.00 -34.08
N ARG A 42 -47.72 33.76 -34.16
CA ARG A 42 -48.10 34.45 -35.39
C ARG A 42 -47.25 35.69 -35.61
N VAL A 43 -46.98 36.44 -34.54
CA VAL A 43 -46.17 37.64 -34.63
C VAL A 43 -44.71 37.25 -34.84
N LEU A 44 -44.30 36.14 -34.23
CA LEU A 44 -42.94 35.67 -34.35
C LEU A 44 -42.63 35.30 -35.80
N ALA A 45 -43.50 34.50 -36.41
CA ALA A 45 -43.31 34.09 -37.80
C ALA A 45 -43.81 35.16 -38.75
N ASN A 46 -43.78 36.41 -38.29
CA ASN A 46 -44.23 37.54 -39.08
C ASN A 46 -43.04 38.45 -39.46
N PRO A 47 -42.56 38.33 -40.71
CA PRO A 47 -41.43 39.12 -41.23
C PRO A 47 -41.65 40.64 -41.15
N GLY A 48 -42.91 41.05 -41.10
CA GLY A 48 -43.23 42.46 -41.04
C GLY A 48 -42.81 43.14 -39.75
N ASN A 49 -43.35 42.66 -38.64
CA ASN A 49 -43.06 43.22 -37.32
C ASN A 49 -41.58 43.53 -37.09
N SER A 50 -41.30 44.34 -36.08
CA SER A 50 -39.93 44.72 -35.75
C SER A 50 -39.19 43.63 -35.00
N GLN A 51 -38.21 44.02 -34.21
CA GLN A 51 -37.41 43.07 -33.44
C GLN A 51 -37.56 43.25 -31.95
N VAL A 52 -38.57 43.99 -31.54
CA VAL A 52 -38.83 44.23 -30.14
C VAL A 52 -40.23 43.67 -29.82
N ALA A 53 -40.98 43.39 -30.88
CA ALA A 53 -42.32 42.84 -30.76
C ALA A 53 -42.28 41.32 -31.01
N ARG A 54 -41.43 40.92 -31.95
CA ARG A 54 -41.27 39.51 -32.30
C ARG A 54 -40.42 38.84 -31.24
N VAL A 55 -39.39 39.54 -30.79
CA VAL A 55 -38.50 39.04 -29.75
C VAL A 55 -39.23 39.00 -28.42
N ALA A 56 -39.95 40.07 -28.10
CA ALA A 56 -40.71 40.14 -26.87
C ALA A 56 -41.83 39.10 -26.97
N ALA A 57 -42.17 38.73 -28.21
CA ALA A 57 -43.20 37.73 -28.46
C ALA A 57 -42.63 36.35 -28.10
N GLY A 58 -41.46 36.06 -28.64
CA GLY A 58 -40.81 34.78 -28.38
C GLY A 58 -40.50 34.61 -26.91
N LEU A 59 -40.17 35.70 -26.23
CA LEU A 59 -39.84 35.67 -24.81
C LEU A 59 -41.00 35.13 -23.98
N GLN A 60 -42.21 35.57 -24.31
CA GLN A 60 -43.41 35.13 -23.60
C GLN A 60 -43.82 33.73 -24.06
N ILE A 61 -43.19 33.26 -25.14
CA ILE A 61 -43.43 31.93 -25.67
C ILE A 61 -42.40 31.00 -25.05
N LYS A 62 -41.24 31.58 -24.76
CA LYS A 62 -40.13 30.86 -24.16
C LYS A 62 -40.41 30.66 -22.68
N ASN A 63 -40.55 31.76 -21.95
CA ASN A 63 -40.80 31.70 -20.51
C ASN A 63 -42.03 30.87 -20.12
N SER A 64 -43.04 30.87 -20.97
CA SER A 64 -44.25 30.09 -20.68
C SER A 64 -43.97 28.63 -21.01
N LEU A 65 -42.75 28.35 -21.47
CA LEU A 65 -42.34 26.99 -21.81
C LEU A 65 -41.02 26.64 -21.14
N THR A 66 -40.59 27.46 -20.17
CA THR A 66 -39.32 27.19 -19.49
C THR A 66 -39.01 28.09 -18.30
N SER A 67 -38.11 27.60 -17.46
CA SER A 67 -37.64 28.29 -16.27
C SER A 67 -36.42 27.52 -15.80
N LYS A 68 -35.58 28.15 -14.97
CA LYS A 68 -34.39 27.45 -14.51
C LYS A 68 -34.50 26.97 -13.06
N ASP A 69 -35.48 26.09 -12.84
CA ASP A 69 -35.73 25.48 -11.53
C ASP A 69 -36.16 24.06 -11.83
N PRO A 70 -35.33 23.07 -11.47
CA PRO A 70 -35.58 21.64 -11.67
C PRO A 70 -37.01 21.14 -11.42
N ASP A 71 -37.84 22.00 -10.84
CA ASP A 71 -39.23 21.65 -10.55
C ASP A 71 -40.18 22.47 -11.42
N ILE A 72 -40.07 23.79 -11.34
CA ILE A 72 -40.93 24.69 -12.14
C ILE A 72 -40.78 24.39 -13.63
N LYS A 73 -39.65 23.81 -13.99
CA LYS A 73 -39.36 23.46 -15.38
C LYS A 73 -40.22 22.28 -15.82
N ALA A 74 -40.01 21.13 -15.20
CA ALA A 74 -40.73 19.91 -15.52
C ALA A 74 -42.21 20.03 -15.14
N GLN A 75 -42.75 21.25 -15.23
CA GLN A 75 -44.14 21.49 -14.90
C GLN A 75 -44.83 22.24 -16.03
N TYR A 76 -44.09 23.10 -16.71
CA TYR A 76 -44.65 23.86 -17.82
C TYR A 76 -44.73 22.98 -19.06
N GLN A 77 -43.80 22.05 -19.18
CA GLN A 77 -43.76 21.14 -20.32
C GLN A 77 -45.06 20.36 -20.42
N GLN A 78 -45.47 19.76 -19.30
CA GLN A 78 -46.71 19.00 -19.27
C GLN A 78 -47.80 19.90 -19.83
N ARG A 79 -47.97 21.06 -19.21
CA ARG A 79 -48.96 22.05 -19.62
C ARG A 79 -48.87 22.31 -21.13
N TRP A 80 -47.68 22.11 -21.68
CA TRP A 80 -47.48 22.30 -23.10
C TRP A 80 -48.19 21.21 -23.90
N LEU A 81 -48.18 19.99 -23.38
CA LEU A 81 -48.87 18.90 -24.09
C LEU A 81 -50.00 18.33 -23.25
N ALA A 82 -50.56 19.21 -22.47
CA ALA A 82 -51.74 18.91 -21.68
C ALA A 82 -52.81 19.75 -22.34
N ILE A 83 -52.29 20.60 -23.23
CA ILE A 83 -53.07 21.52 -24.04
C ILE A 83 -53.66 20.74 -25.20
N ASP A 84 -54.51 21.40 -25.96
CA ASP A 84 -55.09 20.78 -27.14
C ASP A 84 -53.96 20.13 -27.94
N ALA A 85 -54.02 18.82 -28.08
CA ALA A 85 -53.01 18.09 -28.83
C ALA A 85 -53.12 18.54 -30.29
N ASN A 86 -53.99 19.50 -30.51
CA ASN A 86 -54.23 20.05 -31.83
C ASN A 86 -53.83 21.52 -31.83
N ALA A 87 -53.75 22.11 -30.63
CA ALA A 87 -53.38 23.52 -30.46
C ALA A 87 -51.91 23.74 -30.77
N ARG A 88 -51.10 22.71 -30.56
CA ARG A 88 -49.68 22.76 -30.83
C ARG A 88 -49.44 22.37 -32.29
N ARG A 89 -50.37 21.60 -32.82
CA ARG A 89 -50.32 21.12 -34.21
C ARG A 89 -49.75 22.13 -35.19
N GLU A 90 -50.14 23.39 -35.04
CA GLU A 90 -49.69 24.47 -35.93
C GLU A 90 -48.45 25.20 -35.42
N VAL A 91 -48.32 25.33 -34.11
CA VAL A 91 -47.18 26.01 -33.53
C VAL A 91 -45.87 25.32 -33.94
N LYS A 92 -45.88 23.99 -34.03
CA LYS A 92 -44.69 23.22 -34.39
C LYS A 92 -44.32 23.25 -35.87
N ASN A 93 -44.68 24.35 -36.55
CA ASN A 93 -44.35 24.53 -37.96
C ASN A 93 -44.60 26.01 -38.24
N TYR A 94 -45.14 26.69 -37.24
CA TYR A 94 -45.42 28.11 -37.31
C TYR A 94 -44.13 28.78 -36.84
N VAL A 95 -43.46 28.12 -35.91
CA VAL A 95 -42.21 28.60 -35.35
C VAL A 95 -41.03 27.92 -36.05
N LEU A 96 -41.23 26.67 -36.46
CA LEU A 96 -40.19 25.90 -37.16
C LEU A 96 -39.88 26.49 -38.54
N GLN A 97 -40.55 27.57 -38.89
CA GLN A 97 -40.34 28.23 -40.18
C GLN A 97 -39.89 29.67 -40.02
N THR A 98 -39.92 30.15 -38.79
CA THR A 98 -39.50 31.51 -38.50
C THR A 98 -37.97 31.54 -38.58
N LEU A 99 -37.38 30.35 -38.51
CA LEU A 99 -35.93 30.20 -38.57
C LEU A 99 -35.36 30.70 -39.90
N GLY A 100 -34.58 31.77 -39.82
CA GLY A 100 -33.99 32.34 -41.00
C GLY A 100 -34.87 33.45 -41.54
N THR A 101 -35.57 34.16 -40.65
CA THR A 101 -36.46 35.23 -41.07
C THR A 101 -35.85 36.63 -41.05
N GLU A 102 -35.18 37.01 -39.97
CA GLU A 102 -34.57 38.34 -39.89
C GLU A 102 -33.05 38.27 -39.90
N THR A 103 -32.40 39.32 -39.38
CA THR A 103 -30.94 39.36 -39.32
C THR A 103 -30.40 38.65 -38.08
N TYR A 104 -30.77 39.16 -36.90
CA TYR A 104 -30.33 38.57 -35.64
C TYR A 104 -31.43 38.68 -34.59
N ARG A 105 -32.69 38.62 -35.03
CA ARG A 105 -33.82 38.72 -34.10
C ARG A 105 -34.80 37.54 -34.04
N PRO A 106 -34.85 36.69 -35.09
CA PRO A 106 -35.76 35.54 -35.03
C PRO A 106 -35.01 34.46 -34.26
N SER A 107 -33.85 34.86 -33.73
CA SER A 107 -32.97 33.99 -32.97
C SER A 107 -33.77 33.37 -31.83
N SER A 108 -34.79 34.10 -31.38
CA SER A 108 -35.64 33.61 -30.31
C SER A 108 -36.26 32.28 -30.76
N ALA A 109 -36.55 32.18 -32.05
CA ALA A 109 -37.15 30.97 -32.60
C ALA A 109 -36.35 29.74 -32.19
N SER A 110 -35.05 29.94 -31.94
CA SER A 110 -34.20 28.84 -31.51
C SER A 110 -34.59 28.51 -30.08
N GLN A 111 -34.65 29.54 -29.25
CA GLN A 111 -35.02 29.39 -27.85
C GLN A 111 -36.36 28.67 -27.67
N CYS A 112 -37.18 28.67 -28.71
CA CYS A 112 -38.49 28.02 -28.65
C CYS A 112 -38.48 26.62 -29.26
N VAL A 113 -37.90 26.48 -30.44
CA VAL A 113 -37.82 25.18 -31.08
C VAL A 113 -37.17 24.20 -30.11
N ALA A 114 -36.47 24.74 -29.13
CA ALA A 114 -35.80 23.93 -28.12
C ALA A 114 -36.73 23.50 -27.00
N GLY A 115 -37.03 24.44 -26.11
CA GLY A 115 -37.91 24.17 -24.98
C GLY A 115 -39.14 23.34 -25.31
N ILE A 116 -39.75 23.63 -26.44
CA ILE A 116 -40.92 22.89 -26.89
C ILE A 116 -40.51 21.43 -27.03
N ALA A 117 -39.56 21.18 -27.91
CA ALA A 117 -39.06 19.83 -28.16
C ALA A 117 -38.53 19.20 -26.88
N CYS A 118 -38.04 20.05 -25.97
CA CYS A 118 -37.51 19.58 -24.69
C CYS A 118 -38.66 19.05 -23.84
N ALA A 119 -39.82 18.88 -24.46
CA ALA A 119 -41.01 18.38 -23.77
C ALA A 119 -41.80 17.43 -24.68
N GLU A 120 -41.64 17.58 -25.99
CA GLU A 120 -42.36 16.74 -26.93
C GLU A 120 -41.55 15.55 -27.43
N ILE A 121 -40.31 15.44 -26.97
CA ILE A 121 -39.48 14.33 -27.39
C ILE A 121 -39.49 13.18 -26.37
N PRO A 122 -39.60 13.51 -25.07
CA PRO A 122 -39.63 12.47 -24.02
C PRO A 122 -40.90 11.62 -24.10
N VAL A 123 -41.77 11.95 -25.07
CA VAL A 123 -43.04 11.24 -25.26
C VAL A 123 -43.21 10.72 -26.69
N SER A 124 -42.11 10.63 -27.44
CA SER A 124 -42.20 10.14 -28.81
C SER A 124 -43.23 11.00 -29.52
N GLN A 125 -42.80 12.19 -29.93
CA GLN A 125 -43.68 13.12 -30.60
C GLN A 125 -42.84 14.06 -31.48
N TRP A 126 -43.52 14.90 -32.24
CA TRP A 126 -42.86 15.84 -33.16
C TRP A 126 -41.76 15.13 -33.95
N PRO A 127 -42.09 14.00 -34.59
CA PRO A 127 -41.11 13.26 -35.37
C PRO A 127 -40.74 14.04 -36.63
N GLU A 128 -41.20 15.28 -36.68
CA GLU A 128 -40.95 16.15 -37.83
C GLU A 128 -40.03 17.31 -37.48
N LEU A 129 -39.30 17.18 -36.37
CA LEU A 129 -38.39 18.24 -35.95
C LEU A 129 -36.94 17.93 -36.32
N ILE A 130 -36.35 17.00 -35.58
CA ILE A 130 -34.97 16.63 -35.83
C ILE A 130 -34.70 16.41 -37.31
N PRO A 131 -35.67 15.84 -38.05
CA PRO A 131 -35.45 15.62 -39.49
C PRO A 131 -35.23 16.96 -40.18
N GLN A 132 -36.05 17.95 -39.82
CA GLN A 132 -35.96 19.28 -40.40
C GLN A 132 -34.57 19.86 -40.15
N LEU A 133 -34.38 20.39 -38.94
CA LEU A 133 -33.12 21.01 -38.52
C LEU A 133 -31.86 20.48 -39.18
N VAL A 134 -31.74 19.16 -39.25
CA VAL A 134 -30.60 18.53 -39.87
C VAL A 134 -30.55 18.99 -41.31
N ALA A 135 -31.53 18.53 -42.09
CA ALA A 135 -31.63 18.87 -43.50
C ALA A 135 -31.37 20.36 -43.73
N ASN A 136 -31.66 21.18 -42.72
CA ASN A 136 -31.47 22.63 -42.79
C ASN A 136 -30.00 23.04 -42.83
N VAL A 137 -29.11 22.05 -42.82
CA VAL A 137 -27.68 22.30 -42.86
C VAL A 137 -27.01 21.38 -43.89
N THR A 138 -27.50 20.15 -44.00
CA THR A 138 -26.95 19.20 -44.96
C THR A 138 -27.30 19.74 -46.35
N ASN A 139 -28.38 20.52 -46.40
CA ASN A 139 -28.86 21.14 -47.63
C ASN A 139 -27.87 22.21 -48.07
N PRO A 140 -27.10 21.93 -49.14
CA PRO A 140 -26.11 22.90 -49.64
C PRO A 140 -26.74 24.11 -50.32
N ASN A 141 -27.87 24.57 -49.82
CA ASN A 141 -28.54 25.72 -50.41
C ASN A 141 -29.32 26.53 -49.36
N SER A 142 -28.77 26.60 -48.16
CA SER A 142 -29.42 27.36 -47.09
C SER A 142 -28.65 28.64 -46.79
N THR A 143 -29.33 29.58 -46.15
CA THR A 143 -28.71 30.85 -45.81
C THR A 143 -28.04 30.83 -44.44
N GLU A 144 -27.27 31.88 -44.17
CA GLU A 144 -26.60 32.01 -42.89
C GLU A 144 -27.67 32.06 -41.81
N HIS A 145 -28.43 33.14 -41.81
CA HIS A 145 -29.49 33.33 -40.84
C HIS A 145 -30.24 32.00 -40.68
N MET A 146 -30.37 31.26 -41.77
CA MET A 146 -31.05 29.96 -41.74
C MET A 146 -30.25 29.01 -40.88
N LYS A 147 -29.13 28.54 -41.41
CA LYS A 147 -28.26 27.61 -40.72
C LYS A 147 -27.92 28.10 -39.31
N GLU A 148 -27.22 29.22 -39.25
CA GLU A 148 -26.82 29.83 -37.99
C GLU A 148 -27.85 29.58 -36.87
N SER A 149 -29.05 30.15 -37.04
CA SER A 149 -30.11 30.01 -36.04
C SER A 149 -30.66 28.59 -35.93
N THR A 150 -30.44 27.75 -36.93
CA THR A 150 -30.92 26.38 -36.86
C THR A 150 -29.97 25.62 -35.96
N LEU A 151 -28.68 25.92 -36.12
CA LEU A 151 -27.66 25.28 -35.30
C LEU A 151 -27.91 25.62 -33.84
N GLU A 152 -28.13 26.91 -33.57
CA GLU A 152 -28.41 27.35 -32.20
C GLU A 152 -29.49 26.45 -31.59
N ALA A 153 -30.61 26.34 -32.30
CA ALA A 153 -31.73 25.50 -31.84
C ALA A 153 -31.17 24.16 -31.41
N ILE A 154 -30.58 23.44 -32.35
CA ILE A 154 -29.98 22.14 -32.07
C ILE A 154 -29.17 22.29 -30.79
N GLY A 155 -28.30 23.30 -30.77
CA GLY A 155 -27.47 23.58 -29.62
C GLY A 155 -28.32 23.68 -28.36
N TYR A 156 -29.25 24.62 -28.35
CA TYR A 156 -30.13 24.82 -27.20
C TYR A 156 -30.90 23.57 -26.83
N ILE A 157 -30.85 22.56 -27.68
CA ILE A 157 -31.53 21.31 -27.40
C ILE A 157 -30.64 20.38 -26.58
N CYS A 158 -29.40 20.25 -26.99
CA CYS A 158 -28.44 19.39 -26.31
C CYS A 158 -28.13 19.87 -24.89
N GLN A 159 -28.29 21.17 -24.69
CA GLN A 159 -28.01 21.80 -23.40
C GLN A 159 -29.07 21.52 -22.33
N ASP A 160 -30.35 21.50 -22.71
CA ASP A 160 -31.43 21.28 -21.75
C ASP A 160 -32.23 19.98 -21.88
N ILE A 161 -32.09 19.27 -23.00
CA ILE A 161 -32.83 18.02 -23.18
C ILE A 161 -32.10 16.85 -22.55
N ASP A 162 -32.78 16.16 -21.63
CA ASP A 162 -32.21 15.01 -20.93
C ASP A 162 -31.36 14.20 -21.90
N PRO A 163 -30.03 14.17 -21.69
CA PRO A 163 -29.13 13.42 -22.57
C PRO A 163 -29.68 12.03 -22.86
N GLU A 164 -30.23 11.40 -21.83
CA GLU A 164 -30.82 10.08 -21.95
C GLU A 164 -31.66 10.02 -23.22
N GLN A 165 -32.75 10.78 -23.20
CA GLN A 165 -33.68 10.83 -24.31
C GLN A 165 -33.16 11.59 -25.53
N LEU A 166 -32.11 11.05 -26.15
CA LEU A 166 -31.52 11.66 -27.34
C LEU A 166 -30.29 10.86 -27.75
N GLN A 167 -29.84 9.98 -26.85
CA GLN A 167 -28.68 9.14 -27.10
C GLN A 167 -28.85 8.46 -28.47
N ASP A 168 -30.09 8.37 -28.93
CA ASP A 168 -30.42 7.77 -30.21
C ASP A 168 -29.87 8.60 -31.37
N LYS A 169 -30.77 8.98 -32.27
CA LYS A 169 -30.43 9.79 -33.45
C LYS A 169 -29.36 10.84 -33.13
N SER A 170 -28.09 10.43 -33.24
CA SER A 170 -26.97 11.30 -32.94
C SER A 170 -26.02 11.53 -34.09
N ASN A 171 -26.17 10.79 -35.18
CA ASN A 171 -25.29 10.97 -36.31
C ASN A 171 -25.80 12.08 -37.22
N GLU A 172 -27.12 12.21 -37.31
CA GLU A 172 -27.72 13.27 -38.12
C GLU A 172 -27.27 14.57 -37.47
N ILE A 173 -27.65 14.72 -36.20
CA ILE A 173 -27.31 15.90 -35.41
C ILE A 173 -25.81 16.16 -35.48
N LEU A 174 -25.01 15.14 -35.20
CA LEU A 174 -23.57 15.29 -35.26
C LEU A 174 -23.15 15.71 -36.67
N THR A 175 -23.79 15.12 -37.68
CA THR A 175 -23.48 15.45 -39.07
C THR A 175 -23.78 16.93 -39.34
N ALA A 176 -24.94 17.38 -38.86
CA ALA A 176 -25.35 18.77 -39.06
C ALA A 176 -24.29 19.67 -38.42
N ILE A 177 -23.99 19.39 -37.16
CA ILE A 177 -23.01 20.16 -36.39
C ILE A 177 -21.62 20.06 -36.99
N ILE A 178 -21.28 18.93 -37.60
CA ILE A 178 -19.97 18.76 -38.21
C ILE A 178 -19.83 19.62 -39.46
N GLN A 179 -20.87 19.64 -40.29
CA GLN A 179 -20.82 20.43 -41.50
C GLN A 179 -20.83 21.91 -41.17
N GLY A 180 -21.61 22.32 -40.18
CA GLY A 180 -21.63 23.72 -39.82
C GLY A 180 -20.25 24.22 -39.46
N MET A 181 -19.31 23.28 -39.28
CA MET A 181 -17.94 23.62 -38.89
C MET A 181 -16.87 23.50 -39.96
N ARG A 182 -17.08 22.67 -40.97
CA ARG A 182 -16.10 22.50 -42.06
C ARG A 182 -15.47 23.85 -42.41
N LYS A 183 -14.16 23.87 -42.60
CA LYS A 183 -13.46 25.11 -42.94
C LYS A 183 -14.08 25.88 -44.11
N GLU A 184 -14.85 25.19 -44.93
CA GLU A 184 -15.50 25.80 -46.10
C GLU A 184 -16.43 26.94 -45.67
N GLU A 185 -17.38 26.62 -44.79
CA GLU A 185 -18.35 27.58 -44.27
C GLU A 185 -17.87 29.02 -44.16
N PRO A 186 -18.38 29.89 -45.04
CA PRO A 186 -18.05 31.32 -45.11
C PRO A 186 -18.26 32.09 -43.82
N SER A 187 -19.49 32.07 -43.33
CA SER A 187 -19.82 32.78 -42.11
C SER A 187 -19.18 32.19 -40.87
N ASN A 188 -18.41 33.01 -40.14
CA ASN A 188 -17.82 32.54 -38.91
C ASN A 188 -19.01 32.44 -37.96
N ASN A 189 -19.94 33.39 -38.08
CA ASN A 189 -21.12 33.41 -37.24
C ASN A 189 -21.85 32.07 -37.25
N VAL A 190 -21.68 31.33 -38.33
CA VAL A 190 -22.31 30.01 -38.42
C VAL A 190 -21.42 29.03 -37.67
N LYS A 191 -20.19 28.86 -38.14
CA LYS A 191 -19.26 27.95 -37.48
C LYS A 191 -19.42 28.08 -35.96
N LEU A 192 -19.50 29.32 -35.49
CA LEU A 192 -19.64 29.60 -34.06
C LEU A 192 -20.86 28.95 -33.41
N ALA A 193 -22.03 29.13 -34.00
CA ALA A 193 -23.25 28.57 -33.45
C ALA A 193 -23.19 27.05 -33.53
N ALA A 194 -22.28 26.54 -34.35
CA ALA A 194 -22.11 25.10 -34.52
C ALA A 194 -21.10 24.51 -33.55
N THR A 195 -20.06 25.28 -33.22
CA THR A 195 -19.04 24.81 -32.28
C THR A 195 -19.62 24.79 -30.88
N ASN A 196 -20.35 25.86 -30.55
CA ASN A 196 -20.99 25.96 -29.25
C ASN A 196 -22.02 24.86 -29.11
N ALA A 197 -22.47 24.32 -30.24
CA ALA A 197 -23.46 23.26 -30.27
C ALA A 197 -22.80 21.93 -30.00
N LEU A 198 -21.66 21.70 -30.64
CA LEU A 198 -20.91 20.47 -30.47
C LEU A 198 -20.54 20.33 -29.01
N LEU A 199 -20.08 21.43 -28.43
CA LEU A 199 -19.70 21.42 -27.03
C LEU A 199 -20.84 20.83 -26.20
N ASN A 200 -22.05 21.29 -26.45
CA ASN A 200 -23.19 20.81 -25.70
C ASN A 200 -23.61 19.39 -26.06
N SER A 201 -23.02 18.83 -27.11
CA SER A 201 -23.39 17.49 -27.53
C SER A 201 -22.36 16.42 -27.18
N LEU A 202 -21.12 16.85 -26.95
CA LEU A 202 -20.02 15.94 -26.62
C LEU A 202 -20.42 14.84 -25.65
N GLU A 203 -21.42 15.15 -24.82
CA GLU A 203 -21.95 14.25 -23.81
C GLU A 203 -22.58 12.99 -24.40
N PHE A 204 -23.46 13.16 -25.38
CA PHE A 204 -24.10 12.00 -25.99
C PHE A 204 -23.62 11.67 -27.40
N THR A 205 -22.31 11.57 -27.54
CA THR A 205 -21.69 11.19 -28.81
C THR A 205 -20.74 10.08 -28.44
N LYS A 206 -20.87 9.62 -27.19
CA LYS A 206 -20.04 8.55 -26.67
C LYS A 206 -19.89 7.47 -27.74
N ALA A 207 -21.01 7.06 -28.31
CA ALA A 207 -21.02 6.03 -29.35
C ALA A 207 -20.03 6.37 -30.48
N ASN A 208 -20.06 7.62 -30.92
CA ASN A 208 -19.21 8.10 -32.00
C ASN A 208 -17.71 8.10 -31.73
N PHE A 209 -17.28 8.68 -30.62
CA PHE A 209 -15.85 8.74 -30.33
C PHE A 209 -15.22 7.38 -30.22
N ASP A 210 -16.01 6.39 -29.85
CA ASP A 210 -15.50 5.04 -29.68
C ASP A 210 -14.94 4.48 -30.99
N LYS A 211 -15.64 4.71 -32.10
CA LYS A 211 -15.17 4.25 -33.41
C LYS A 211 -14.16 5.23 -33.98
N GLU A 212 -12.88 4.84 -33.91
CA GLU A 212 -11.78 5.68 -34.37
C GLU A 212 -12.04 6.36 -35.70
N SER A 213 -12.80 5.70 -36.56
CA SER A 213 -13.14 6.22 -37.88
C SER A 213 -13.71 7.63 -37.78
N GLU A 214 -14.91 7.73 -37.21
CA GLU A 214 -15.55 9.02 -37.07
C GLU A 214 -14.71 10.01 -36.25
N ARG A 215 -14.26 9.56 -35.08
CA ARG A 215 -13.44 10.37 -34.19
C ARG A 215 -12.44 11.29 -34.91
N HIS A 216 -11.47 10.69 -35.62
CA HIS A 216 -10.43 11.45 -36.33
C HIS A 216 -10.97 12.64 -37.10
N PHE A 217 -12.15 12.47 -37.67
CA PHE A 217 -12.76 13.53 -38.43
C PHE A 217 -13.24 14.56 -37.42
N ILE A 218 -13.98 14.12 -36.40
CA ILE A 218 -14.45 15.06 -35.37
C ILE A 218 -13.25 15.79 -34.77
N MET A 219 -12.23 15.02 -34.44
CA MET A 219 -11.02 15.61 -33.88
C MET A 219 -10.36 16.58 -34.85
N GLN A 220 -10.30 16.24 -36.13
CA GLN A 220 -9.66 17.13 -37.08
C GLN A 220 -10.36 18.45 -37.29
N VAL A 221 -11.69 18.43 -37.29
CA VAL A 221 -12.47 19.63 -37.47
C VAL A 221 -12.20 20.55 -36.30
N VAL A 222 -12.36 20.01 -35.10
CA VAL A 222 -12.17 20.81 -33.90
C VAL A 222 -10.78 21.45 -33.86
N CYS A 223 -9.76 20.75 -34.34
CA CYS A 223 -8.42 21.32 -34.34
C CYS A 223 -8.30 22.43 -35.36
N GLU A 224 -8.84 22.20 -36.55
CA GLU A 224 -8.82 23.24 -37.57
C GLU A 224 -9.52 24.46 -36.96
N ALA A 225 -10.78 24.26 -36.60
CA ALA A 225 -11.61 25.31 -36.01
C ALA A 225 -10.88 26.20 -35.01
N THR A 226 -9.81 25.69 -34.40
CA THR A 226 -9.06 26.47 -33.43
C THR A 226 -8.12 27.43 -34.13
N GLN A 227 -8.02 27.29 -35.45
CA GLN A 227 -7.15 28.13 -36.28
C GLN A 227 -7.88 29.27 -36.96
N CYS A 228 -9.20 29.15 -37.04
CA CYS A 228 -10.05 30.18 -37.63
C CYS A 228 -9.78 31.52 -36.96
N PRO A 229 -9.40 32.54 -37.74
CA PRO A 229 -9.11 33.86 -37.18
C PRO A 229 -10.21 34.57 -36.41
N ASP A 230 -11.37 33.94 -36.25
CA ASP A 230 -12.44 34.58 -35.47
C ASP A 230 -12.34 34.05 -34.02
N THR A 231 -11.69 34.84 -33.17
CA THR A 231 -11.49 34.49 -31.77
C THR A 231 -12.70 33.79 -31.14
N ARG A 232 -13.90 34.29 -31.41
CA ARG A 232 -15.10 33.69 -30.87
C ARG A 232 -15.12 32.19 -31.15
N VAL A 233 -14.76 31.84 -32.38
CA VAL A 233 -14.69 30.44 -32.80
C VAL A 233 -13.52 29.83 -32.06
N ARG A 234 -12.34 30.40 -32.28
CA ARG A 234 -11.11 29.94 -31.63
C ARG A 234 -11.38 29.41 -30.22
N VAL A 235 -11.98 30.24 -29.38
CA VAL A 235 -12.27 29.88 -28.00
C VAL A 235 -13.19 28.66 -27.93
N ALA A 236 -14.41 28.81 -28.43
CA ALA A 236 -15.39 27.73 -28.41
C ALA A 236 -14.78 26.43 -28.91
N ALA A 237 -13.78 26.55 -29.76
CA ALA A 237 -13.11 25.37 -30.28
C ALA A 237 -12.22 24.84 -29.16
N LEU A 238 -11.40 25.73 -28.60
CA LEU A 238 -10.52 25.32 -27.50
C LEU A 238 -11.37 24.76 -26.37
N GLN A 239 -12.60 25.25 -26.28
CA GLN A 239 -13.53 24.80 -25.25
C GLN A 239 -13.86 23.34 -25.49
N ASN A 240 -13.92 22.94 -26.76
CA ASN A 240 -14.23 21.56 -27.08
C ASN A 240 -13.06 20.65 -26.78
N LEU A 241 -11.84 21.10 -27.03
CA LEU A 241 -10.72 20.25 -26.70
C LEU A 241 -10.69 20.03 -25.18
N VAL A 242 -10.98 21.07 -24.42
CA VAL A 242 -10.99 20.94 -22.97
C VAL A 242 -11.99 19.92 -22.45
N LYS A 243 -13.18 19.86 -23.04
CA LYS A 243 -14.19 18.92 -22.58
C LYS A 243 -13.86 17.52 -23.06
N ILE A 244 -13.49 17.43 -24.32
CA ILE A 244 -13.12 16.16 -24.93
C ILE A 244 -11.99 15.53 -24.12
N MET A 245 -11.02 16.34 -23.73
CA MET A 245 -9.89 15.85 -22.98
C MET A 245 -10.33 15.28 -21.65
N SER A 246 -11.48 15.73 -21.17
CA SER A 246 -11.98 15.25 -19.89
C SER A 246 -13.03 14.14 -20.03
N LEU A 247 -13.29 13.69 -21.25
CA LEU A 247 -14.27 12.65 -21.48
C LEU A 247 -13.68 11.48 -22.25
N TYR A 248 -12.64 11.75 -23.03
CA TYR A 248 -12.00 10.72 -23.84
C TYR A 248 -10.45 10.73 -23.72
N TYR A 249 -9.97 10.88 -22.49
CA TYR A 249 -8.54 10.89 -22.27
C TYR A 249 -7.93 9.66 -22.91
N GLN A 250 -8.68 8.56 -22.92
CA GLN A 250 -8.19 7.30 -23.48
C GLN A 250 -7.85 7.34 -24.96
N TYR A 251 -8.63 8.07 -25.75
CA TYR A 251 -8.34 8.15 -27.18
C TYR A 251 -7.58 9.41 -27.54
N MET A 252 -6.77 9.94 -26.65
CA MET A 252 -6.04 11.16 -26.99
C MET A 252 -4.60 10.89 -27.34
N GLU A 253 -4.17 9.66 -27.12
CA GLU A 253 -2.79 9.25 -27.41
C GLU A 253 -2.35 9.70 -28.80
N THR A 254 -3.27 9.61 -29.74
CA THR A 254 -3.04 9.93 -31.15
C THR A 254 -2.81 11.39 -31.53
N TYR A 255 -3.75 12.25 -31.21
CA TYR A 255 -3.64 13.66 -31.59
C TYR A 255 -2.93 14.55 -30.59
N MET A 256 -2.38 13.95 -29.55
CA MET A 256 -1.71 14.74 -28.53
C MET A 256 -0.43 15.34 -29.10
N GLY A 257 0.51 14.46 -29.44
CA GLY A 257 1.80 14.89 -29.97
C GLY A 257 1.76 15.67 -31.27
N PRO A 258 1.01 15.22 -32.27
CA PRO A 258 1.01 15.99 -33.50
C PRO A 258 0.05 17.18 -33.52
N ALA A 259 -0.65 17.46 -32.43
CA ALA A 259 -1.60 18.56 -32.49
C ALA A 259 -1.95 19.27 -31.19
N LEU A 260 -2.79 18.62 -30.38
CA LEU A 260 -3.23 19.20 -29.11
C LEU A 260 -2.07 19.92 -28.42
N PHE A 261 -1.01 19.19 -28.10
CA PHE A 261 0.11 19.81 -27.43
C PHE A 261 0.45 21.19 -27.99
N ALA A 262 0.64 21.26 -29.29
CA ALA A 262 1.02 22.51 -29.95
C ALA A 262 -0.07 23.58 -29.89
N ILE A 263 -1.31 23.16 -30.18
CA ILE A 263 -2.44 24.08 -30.17
C ILE A 263 -2.61 24.77 -28.83
N THR A 264 -2.64 23.98 -27.77
CA THR A 264 -2.82 24.47 -26.40
C THR A 264 -1.70 25.32 -25.86
N ILE A 265 -0.46 24.91 -26.10
CA ILE A 265 0.67 25.68 -25.63
C ILE A 265 0.58 27.10 -26.19
N GLU A 266 0.36 27.21 -27.50
CA GLU A 266 0.25 28.53 -28.12
C GLU A 266 -0.83 29.28 -27.36
N ALA A 267 -1.93 28.58 -27.13
CA ALA A 267 -3.08 29.12 -26.42
C ALA A 267 -2.68 29.71 -25.08
N MET A 268 -1.91 28.96 -24.30
CA MET A 268 -1.48 29.42 -22.99
C MET A 268 -0.72 30.72 -23.12
N LYS A 269 -0.01 30.87 -24.23
CA LYS A 269 0.75 32.09 -24.49
C LYS A 269 -0.11 33.25 -24.97
N SER A 270 -1.16 32.97 -25.73
CA SER A 270 -2.02 34.03 -26.26
C SER A 270 -2.14 35.24 -25.36
N ASP A 271 -2.04 36.41 -25.96
CA ASP A 271 -2.16 37.64 -25.22
C ASP A 271 -3.65 37.91 -25.01
N ILE A 272 -4.48 37.01 -25.52
CA ILE A 272 -5.95 37.13 -25.39
C ILE A 272 -6.44 36.26 -24.22
N ASP A 273 -6.85 36.90 -23.14
CA ASP A 273 -7.32 36.22 -21.92
C ASP A 273 -8.27 35.04 -22.15
N GLU A 274 -9.43 35.32 -22.77
CA GLU A 274 -10.42 34.29 -23.03
C GLU A 274 -9.76 33.04 -23.65
N VAL A 275 -8.67 33.28 -24.38
CA VAL A 275 -7.93 32.20 -25.04
C VAL A 275 -7.00 31.43 -24.09
N ALA A 276 -6.04 32.12 -23.51
CA ALA A 276 -5.12 31.48 -22.58
C ALA A 276 -5.83 30.80 -21.41
N LEU A 277 -6.97 31.33 -20.99
CA LEU A 277 -7.66 30.68 -19.89
C LEU A 277 -8.03 29.24 -20.27
N GLN A 278 -8.36 29.03 -21.54
CA GLN A 278 -8.69 27.69 -22.04
C GLN A 278 -7.44 26.82 -22.17
N GLY A 279 -6.31 27.45 -22.49
CA GLY A 279 -5.07 26.71 -22.60
C GLY A 279 -4.74 26.13 -21.23
N ILE A 280 -4.67 27.01 -20.23
CA ILE A 280 -4.38 26.59 -18.86
C ILE A 280 -5.39 25.57 -18.40
N GLU A 281 -6.64 25.76 -18.77
CA GLU A 281 -7.68 24.85 -18.40
C GLU A 281 -7.45 23.47 -19.00
N PHE A 282 -7.04 23.42 -20.25
CA PHE A 282 -6.81 22.13 -20.92
C PHE A 282 -5.84 21.27 -20.10
N TRP A 283 -4.71 21.84 -19.68
CA TRP A 283 -3.74 21.09 -18.90
C TRP A 283 -4.17 20.81 -17.43
N SER A 284 -5.03 21.65 -16.87
CA SER A 284 -5.49 21.40 -15.52
C SER A 284 -6.36 20.16 -15.60
N ASN A 285 -7.02 19.99 -16.74
CA ASN A 285 -7.86 18.83 -16.96
C ASN A 285 -7.01 17.61 -17.20
N VAL A 286 -5.82 17.79 -17.75
CA VAL A 286 -4.96 16.61 -17.93
C VAL A 286 -4.65 16.16 -16.50
N CYS A 287 -4.15 17.09 -15.70
CA CYS A 287 -3.80 16.78 -14.31
C CYS A 287 -4.89 16.04 -13.56
N ASP A 288 -6.14 16.46 -13.74
CA ASP A 288 -7.24 15.81 -13.04
C ASP A 288 -7.38 14.38 -13.50
N GLU A 289 -7.51 14.18 -14.81
CA GLU A 289 -7.65 12.86 -15.34
C GLU A 289 -6.50 11.98 -14.92
N GLU A 290 -5.29 12.53 -14.92
CA GLU A 290 -4.14 11.71 -14.58
C GLU A 290 -4.06 11.35 -13.09
N MET A 291 -4.44 12.28 -12.21
CA MET A 291 -4.38 11.98 -10.79
C MET A 291 -5.40 10.90 -10.52
N ASP A 292 -6.56 11.00 -11.15
CA ASP A 292 -7.59 9.99 -10.91
C ASP A 292 -7.14 8.63 -11.43
N LEU A 293 -6.49 8.62 -12.60
CA LEU A 293 -5.99 7.36 -13.18
C LEU A 293 -4.93 6.76 -12.28
N ALA A 294 -4.23 7.61 -11.55
CA ALA A 294 -3.19 7.18 -10.63
C ALA A 294 -3.76 6.37 -9.48
N ILE A 295 -5.03 6.59 -9.14
CA ILE A 295 -5.66 5.85 -8.06
C ILE A 295 -5.98 4.48 -8.62
N GLU A 296 -6.57 4.50 -9.81
CA GLU A 296 -6.94 3.31 -10.55
C GLU A 296 -5.77 2.34 -10.57
N ALA A 297 -4.59 2.86 -10.94
CA ALA A 297 -3.39 2.04 -10.99
C ALA A 297 -3.07 1.36 -9.66
N SER A 298 -3.16 2.13 -8.59
CA SER A 298 -2.89 1.68 -7.23
C SER A 298 -3.87 0.63 -6.77
N GLU A 299 -5.13 0.86 -7.05
CA GLU A 299 -6.20 -0.05 -6.70
C GLU A 299 -6.09 -1.32 -7.52
N ALA A 300 -6.00 -1.18 -8.84
CA ALA A 300 -5.89 -2.36 -9.71
C ALA A 300 -4.68 -3.21 -9.34
N ALA A 301 -3.56 -2.56 -9.02
CA ALA A 301 -2.37 -3.31 -8.65
C ALA A 301 -2.69 -4.25 -7.50
N GLU A 302 -3.31 -3.79 -6.40
CA GLU A 302 -3.63 -4.79 -5.40
C GLU A 302 -5.03 -5.29 -5.61
N GLN A 303 -5.25 -5.86 -6.78
CA GLN A 303 -6.52 -6.41 -7.13
C GLN A 303 -6.17 -7.31 -8.27
N GLY A 304 -4.87 -7.49 -8.45
CA GLY A 304 -4.41 -8.36 -9.49
C GLY A 304 -5.34 -8.31 -10.68
N ARG A 305 -5.46 -7.12 -11.27
CA ARG A 305 -6.26 -6.93 -12.46
C ARG A 305 -5.64 -5.75 -13.19
N PRO A 306 -5.81 -5.69 -14.51
CA PRO A 306 -5.19 -4.52 -15.14
C PRO A 306 -6.07 -3.27 -14.94
N PRO A 307 -5.44 -2.09 -14.95
CA PRO A 307 -6.21 -0.85 -14.77
C PRO A 307 -7.20 -0.66 -15.93
N GLU A 308 -8.44 -0.25 -15.64
CA GLU A 308 -9.40 -0.07 -16.74
C GLU A 308 -8.84 0.87 -17.77
N HIS A 309 -8.04 1.83 -17.31
CA HIS A 309 -7.42 2.78 -18.21
C HIS A 309 -6.10 3.17 -17.64
N THR A 310 -5.14 3.53 -18.50
CA THR A 310 -3.84 3.89 -17.98
C THR A 310 -3.43 5.27 -18.39
N SER A 311 -2.57 5.87 -17.58
CA SER A 311 -2.11 7.21 -17.84
C SER A 311 -0.85 7.25 -18.67
N LYS A 312 -0.89 8.07 -19.70
CA LYS A 312 0.25 8.23 -20.59
C LYS A 312 1.18 9.31 -20.00
N PHE A 313 0.88 9.73 -18.78
CA PHE A 313 1.67 10.74 -18.10
C PHE A 313 2.00 12.02 -18.87
N TYR A 314 1.02 12.60 -19.57
CA TYR A 314 1.27 13.82 -20.34
C TYR A 314 1.75 14.97 -19.45
N ALA A 315 1.01 15.27 -18.39
CA ALA A 315 1.37 16.36 -17.47
C ALA A 315 2.83 16.34 -17.02
N LYS A 316 3.28 15.20 -16.53
CA LYS A 316 4.67 15.08 -16.11
C LYS A 316 5.56 15.39 -17.32
N GLY A 317 5.14 14.89 -18.48
CA GLY A 317 5.89 15.09 -19.70
C GLY A 317 6.04 16.50 -20.24
N ALA A 318 5.09 17.37 -19.97
CA ALA A 318 5.17 18.74 -20.48
C ALA A 318 5.61 19.74 -19.41
N LEU A 319 6.11 19.23 -18.29
CA LEU A 319 6.54 20.10 -17.21
C LEU A 319 7.47 21.20 -17.69
N GLN A 320 8.51 20.81 -18.42
CA GLN A 320 9.52 21.75 -18.95
C GLN A 320 8.90 22.79 -19.86
N TYR A 321 7.80 22.46 -20.52
CA TYR A 321 7.15 23.43 -21.38
C TYR A 321 6.14 24.26 -20.60
N LEU A 322 5.44 23.61 -19.69
CA LEU A 322 4.43 24.25 -18.89
C LEU A 322 4.90 25.27 -17.88
N VAL A 323 5.76 24.84 -16.97
CA VAL A 323 6.25 25.71 -15.91
C VAL A 323 6.73 27.12 -16.32
N PRO A 324 7.58 27.23 -17.36
CA PRO A 324 8.05 28.56 -17.79
C PRO A 324 6.91 29.47 -18.20
N ILE A 325 5.96 28.92 -18.96
CA ILE A 325 4.79 29.66 -19.43
C ILE A 325 3.91 30.12 -18.26
N LEU A 326 3.69 29.24 -17.29
CA LEU A 326 2.88 29.56 -16.11
C LEU A 326 3.55 30.63 -15.24
N THR A 327 4.77 30.35 -14.76
CA THR A 327 5.50 31.31 -13.92
C THR A 327 5.62 32.69 -14.59
N GLN A 328 5.51 32.74 -15.91
CA GLN A 328 5.59 34.00 -16.63
C GLN A 328 4.22 34.68 -16.59
N THR A 329 3.18 33.86 -16.59
CA THR A 329 1.82 34.37 -16.55
C THR A 329 1.53 34.95 -15.16
N LEU A 330 2.17 34.40 -14.13
CA LEU A 330 1.98 34.91 -12.78
C LEU A 330 2.44 36.36 -12.73
N THR A 331 3.17 36.75 -13.77
CA THR A 331 3.73 38.09 -13.90
C THR A 331 2.74 39.10 -14.43
N LYS A 332 1.80 38.63 -15.22
CA LYS A 332 0.77 39.50 -15.78
C LYS A 332 -0.22 39.77 -14.66
N GLN A 333 0.27 40.35 -13.57
CA GLN A 333 -0.59 40.66 -12.42
C GLN A 333 -1.51 41.80 -12.74
N ASP A 334 -2.37 42.13 -11.78
CA ASP A 334 -3.32 43.22 -11.92
C ASP A 334 -3.41 43.96 -10.59
N GLU A 335 -2.49 44.92 -10.36
CA GLU A 335 -2.46 45.71 -9.12
C GLU A 335 -3.86 45.92 -8.58
N ASN A 336 -4.76 46.27 -9.51
CA ASN A 336 -6.18 46.51 -9.24
C ASN A 336 -6.86 45.14 -9.11
N ASP A 337 -6.81 44.56 -7.92
CA ASP A 337 -7.45 43.26 -7.72
C ASP A 337 -8.03 42.99 -6.34
N ASP A 338 -9.24 43.48 -6.22
CA ASP A 338 -10.07 43.27 -5.05
C ASP A 338 -11.27 42.56 -5.65
N ASP A 339 -10.98 42.04 -6.83
CA ASP A 339 -11.95 41.43 -7.72
C ASP A 339 -12.23 39.95 -7.54
N ASP A 340 -13.51 39.69 -7.74
CA ASP A 340 -14.11 38.39 -7.84
C ASP A 340 -13.90 38.03 -9.29
N ASP A 341 -12.84 38.59 -9.85
CA ASP A 341 -12.54 38.41 -11.26
C ASP A 341 -11.43 37.40 -11.50
N TRP A 342 -11.78 36.46 -12.38
CA TRP A 342 -10.90 35.42 -12.82
C TRP A 342 -10.03 35.96 -13.94
N ASN A 343 -8.83 35.41 -14.13
CA ASN A 343 -7.94 35.84 -15.20
C ASN A 343 -6.68 34.99 -15.25
N PRO A 344 -6.00 34.98 -16.40
CA PRO A 344 -4.77 34.20 -16.61
C PRO A 344 -3.84 34.11 -15.41
N CYS A 345 -3.56 35.24 -14.78
CA CYS A 345 -2.67 35.23 -13.62
C CYS A 345 -3.14 34.27 -12.50
N LYS A 346 -4.44 34.32 -12.20
CA LYS A 346 -5.03 33.47 -11.16
C LYS A 346 -4.98 32.04 -11.59
N ALA A 347 -5.57 31.79 -12.75
CA ALA A 347 -5.62 30.46 -13.31
C ALA A 347 -4.28 29.77 -13.29
N ALA A 348 -3.23 30.52 -13.59
CA ALA A 348 -1.89 29.95 -13.63
C ALA A 348 -1.35 29.50 -12.27
N GLY A 349 -1.56 30.32 -11.24
CA GLY A 349 -1.09 29.95 -9.93
C GLY A 349 -1.78 28.70 -9.45
N VAL A 350 -3.09 28.60 -9.71
CA VAL A 350 -3.86 27.42 -9.31
C VAL A 350 -3.35 26.22 -10.10
N CYS A 351 -3.33 26.34 -11.42
CA CYS A 351 -2.86 25.25 -12.28
C CYS A 351 -1.47 24.77 -11.85
N LEU A 352 -0.66 25.69 -11.37
CA LEU A 352 0.67 25.33 -10.94
C LEU A 352 0.50 24.41 -9.73
N MET A 353 -0.24 24.87 -8.72
CA MET A 353 -0.50 24.08 -7.53
C MET A 353 -1.01 22.70 -7.92
N LEU A 354 -1.89 22.64 -8.91
CA LEU A 354 -2.42 21.35 -9.36
C LEU A 354 -1.22 20.49 -9.78
N LEU A 355 -0.53 20.91 -10.84
CA LEU A 355 0.63 20.21 -11.34
C LEU A 355 1.52 19.76 -10.18
N SER A 356 1.64 20.60 -9.18
CA SER A 356 2.48 20.27 -8.05
C SER A 356 2.00 19.06 -7.27
N THR A 357 0.69 18.85 -7.21
CA THR A 357 0.17 17.73 -6.45
C THR A 357 0.05 16.48 -7.28
N CYS A 358 0.23 16.64 -8.58
CA CYS A 358 0.16 15.56 -9.57
C CYS A 358 1.53 14.94 -9.84
N CYS A 359 2.52 15.77 -10.14
CA CYS A 359 3.86 15.31 -10.43
C CYS A 359 4.74 15.38 -9.20
N GLU A 360 4.19 15.92 -8.12
CA GLU A 360 4.90 16.04 -6.86
C GLU A 360 6.38 16.36 -7.05
N ASP A 361 7.23 15.63 -6.33
CA ASP A 361 8.67 15.83 -6.38
C ASP A 361 9.26 16.40 -7.68
N ASP A 362 8.94 15.79 -8.82
CA ASP A 362 9.44 16.28 -10.11
C ASP A 362 9.28 17.77 -10.31
N ILE A 363 8.26 18.35 -9.70
CA ILE A 363 8.00 19.76 -9.87
C ILE A 363 9.13 20.72 -9.47
N VAL A 364 9.58 20.64 -8.23
CA VAL A 364 10.60 21.55 -7.73
C VAL A 364 11.69 21.95 -8.72
N PRO A 365 12.46 20.98 -9.24
CA PRO A 365 13.51 21.33 -10.21
C PRO A 365 13.10 22.32 -11.31
N HIS A 366 11.93 22.13 -11.93
CA HIS A 366 11.49 23.05 -12.97
C HIS A 366 11.09 24.42 -12.44
N VAL A 367 10.68 24.47 -11.17
CA VAL A 367 10.23 25.72 -10.60
C VAL A 367 11.30 26.52 -9.84
N LEU A 368 12.17 25.83 -9.11
CA LEU A 368 13.20 26.52 -8.33
C LEU A 368 14.01 27.61 -9.05
N PRO A 369 14.52 27.34 -10.26
CA PRO A 369 15.27 28.39 -10.94
C PRO A 369 14.52 29.72 -11.07
N PHE A 370 13.26 29.65 -11.52
CA PHE A 370 12.47 30.86 -11.68
C PHE A 370 12.36 31.55 -10.36
N ILE A 371 12.25 30.75 -9.30
CA ILE A 371 12.11 31.31 -7.96
C ILE A 371 13.39 32.01 -7.52
N LYS A 372 14.51 31.30 -7.56
CA LYS A 372 15.78 31.88 -7.15
C LYS A 372 16.17 33.14 -7.91
N GLU A 373 15.88 33.20 -9.20
CA GLU A 373 16.24 34.36 -10.01
C GLU A 373 15.42 35.60 -9.77
N HIS A 374 14.11 35.44 -9.60
CA HIS A 374 13.24 36.58 -9.43
C HIS A 374 12.77 36.99 -8.05
N ILE A 375 13.19 36.29 -7.02
CA ILE A 375 12.76 36.69 -5.71
C ILE A 375 13.51 37.96 -5.32
N LYS A 376 14.46 38.39 -6.15
CA LYS A 376 15.25 39.60 -5.89
C LYS A 376 14.95 40.73 -6.86
N ASN A 377 14.35 40.36 -7.98
CA ASN A 377 13.99 41.27 -9.06
C ASN A 377 13.34 42.61 -8.63
N PRO A 378 13.86 43.73 -9.14
CA PRO A 378 13.38 45.09 -8.87
C PRO A 378 11.92 45.29 -9.22
N ASP A 379 11.45 44.51 -10.18
CA ASP A 379 10.06 44.61 -10.63
C ASP A 379 9.19 43.84 -9.64
N TRP A 380 8.25 44.53 -9.02
CA TRP A 380 7.42 43.86 -8.04
C TRP A 380 6.58 42.72 -8.63
N ARG A 381 6.23 42.80 -9.91
CA ARG A 381 5.45 41.72 -10.51
C ARG A 381 6.27 40.44 -10.54
N TYR A 382 7.60 40.55 -10.59
CA TYR A 382 8.42 39.36 -10.63
C TYR A 382 8.74 38.85 -9.25
N ARG A 383 8.95 39.74 -8.28
CA ARG A 383 9.21 39.29 -6.92
C ARG A 383 7.96 38.51 -6.54
N ASP A 384 6.80 39.10 -6.85
CA ASP A 384 5.53 38.47 -6.53
C ASP A 384 5.44 37.06 -7.10
N ALA A 385 5.62 36.95 -8.41
CA ALA A 385 5.57 35.66 -9.07
C ALA A 385 6.50 34.65 -8.39
N ALA A 386 7.66 35.12 -7.96
CA ALA A 386 8.61 34.23 -7.30
C ALA A 386 8.03 33.69 -6.03
N VAL A 387 7.62 34.60 -5.12
CA VAL A 387 7.04 34.21 -3.85
C VAL A 387 5.88 33.28 -4.14
N MET A 388 5.01 33.72 -5.05
CA MET A 388 3.85 32.92 -5.41
C MET A 388 4.22 31.55 -5.96
N ALA A 389 5.18 31.49 -6.87
CA ALA A 389 5.55 30.20 -7.43
C ALA A 389 5.97 29.32 -6.28
N PHE A 390 6.80 29.88 -5.42
CA PHE A 390 7.32 29.15 -4.28
C PHE A 390 6.26 28.63 -3.34
N GLY A 391 5.34 29.49 -2.94
CA GLY A 391 4.29 29.08 -2.05
C GLY A 391 3.42 27.99 -2.64
N SER A 392 3.18 28.06 -3.94
CA SER A 392 2.32 27.08 -4.55
C SER A 392 2.84 25.74 -5.00
N ILE A 393 4.12 25.43 -4.71
CA ILE A 393 4.66 24.10 -5.02
C ILE A 393 4.91 23.43 -3.67
N LEU A 394 4.51 24.08 -2.59
CA LEU A 394 4.70 23.59 -1.22
C LEU A 394 3.88 22.36 -0.80
N GLU A 395 3.00 21.92 -1.69
CA GLU A 395 2.16 20.77 -1.40
C GLU A 395 2.19 19.82 -2.61
N GLY A 396 2.84 18.68 -2.42
CA GLY A 396 2.99 17.70 -3.47
C GLY A 396 4.34 17.05 -3.25
N PRO A 397 5.43 17.82 -3.32
CA PRO A 397 6.80 17.34 -3.13
C PRO A 397 6.93 16.64 -1.78
N GLU A 398 7.96 15.80 -1.63
CA GLU A 398 8.16 15.12 -0.35
C GLU A 398 8.65 16.20 0.61
N PRO A 399 7.98 16.37 1.77
CA PRO A 399 8.39 17.40 2.73
C PRO A 399 9.87 17.50 3.09
N ASN A 400 10.53 16.37 3.32
CA ASN A 400 11.95 16.41 3.67
C ASN A 400 12.82 16.97 2.57
N GLN A 401 12.21 17.32 1.45
CA GLN A 401 12.97 17.88 0.37
C GLN A 401 12.75 19.37 0.40
N LEU A 402 11.57 19.76 0.86
CA LEU A 402 11.19 21.16 0.94
C LEU A 402 11.63 21.81 2.22
N LYS A 403 11.58 21.07 3.33
CA LYS A 403 11.97 21.63 4.61
C LYS A 403 13.26 22.43 4.51
N PRO A 404 14.33 21.84 3.94
CA PRO A 404 15.57 22.61 3.83
C PRO A 404 15.40 23.90 3.04
N LEU A 405 14.79 23.81 1.85
CA LEU A 405 14.56 24.99 1.03
C LEU A 405 13.84 26.07 1.82
N VAL A 406 12.87 25.64 2.61
CA VAL A 406 12.10 26.57 3.41
C VAL A 406 13.02 27.28 4.37
N ILE A 407 13.74 26.51 5.17
CA ILE A 407 14.66 27.07 6.15
C ILE A 407 15.57 28.13 5.54
N GLN A 408 15.99 27.91 4.32
CA GLN A 408 16.85 28.88 3.67
C GLN A 408 16.05 30.00 3.05
N ALA A 409 14.74 29.83 3.00
CA ALA A 409 13.87 30.84 2.41
C ALA A 409 13.25 31.80 3.44
N MET A 410 13.29 31.40 4.71
CA MET A 410 12.71 32.18 5.81
C MET A 410 13.16 33.62 5.98
N PRO A 411 14.49 33.88 5.98
CA PRO A 411 14.94 35.27 6.15
C PRO A 411 14.37 36.14 5.04
N THR A 412 14.54 35.68 3.81
CA THR A 412 14.05 36.38 2.64
C THR A 412 12.55 36.55 2.78
N LEU A 413 11.89 35.49 3.22
CA LEU A 413 10.44 35.51 3.42
C LEU A 413 10.06 36.58 4.46
N ILE A 414 10.79 36.60 5.56
CA ILE A 414 10.53 37.58 6.61
C ILE A 414 10.71 39.03 6.14
N GLU A 415 11.73 39.30 5.34
CA GLU A 415 11.97 40.66 4.85
C GLU A 415 10.87 41.05 3.86
N LEU A 416 10.59 40.17 2.91
CA LEU A 416 9.54 40.41 1.92
C LEU A 416 8.25 40.78 2.61
N MET A 417 8.10 40.37 3.86
CA MET A 417 6.91 40.70 4.63
C MET A 417 6.78 42.20 4.70
N LYS A 418 7.92 42.88 4.60
CA LYS A 418 7.95 44.33 4.62
C LYS A 418 8.11 44.97 3.24
N ASP A 419 7.96 44.20 2.17
CA ASP A 419 8.08 44.75 0.82
C ASP A 419 7.10 45.91 0.72
N PRO A 420 7.38 46.87 -0.18
CA PRO A 420 6.50 48.04 -0.36
C PRO A 420 5.18 47.74 -1.08
N SER A 421 5.18 46.75 -1.95
CA SER A 421 3.98 46.38 -2.71
C SER A 421 2.98 45.51 -1.92
N VAL A 422 1.70 45.90 -1.90
CA VAL A 422 0.66 45.13 -1.18
C VAL A 422 0.57 43.75 -1.80
N VAL A 423 0.55 43.74 -3.12
CA VAL A 423 0.50 42.50 -3.87
C VAL A 423 1.60 41.58 -3.37
N VAL A 424 2.83 42.08 -3.33
CA VAL A 424 3.94 41.26 -2.85
C VAL A 424 3.62 40.84 -1.43
N ARG A 425 3.13 41.78 -0.63
CA ARG A 425 2.82 41.47 0.76
C ARG A 425 1.63 40.51 0.95
N ASP A 426 0.64 40.53 0.05
CA ASP A 426 -0.49 39.59 0.18
C ASP A 426 0.14 38.23 -0.07
N THR A 427 0.64 38.05 -1.28
CA THR A 427 1.26 36.81 -1.71
C THR A 427 2.24 36.21 -0.73
N THR A 428 2.92 37.04 0.04
CA THR A 428 3.91 36.50 0.97
C THR A 428 3.24 35.99 2.24
N ALA A 429 2.32 36.76 2.80
CA ALA A 429 1.61 36.34 4.01
C ALA A 429 0.97 34.99 3.70
N TRP A 430 0.47 34.87 2.47
CA TRP A 430 -0.14 33.64 2.02
C TRP A 430 0.87 32.51 2.03
N THR A 431 2.01 32.74 1.37
CA THR A 431 3.07 31.75 1.30
C THR A 431 3.55 31.36 2.68
N VAL A 432 3.57 32.34 3.57
CA VAL A 432 3.98 32.09 4.95
C VAL A 432 2.98 31.14 5.57
N GLY A 433 1.69 31.39 5.33
CA GLY A 433 0.64 30.53 5.83
C GLY A 433 0.81 29.10 5.34
N ARG A 434 0.92 28.92 4.03
CA ARG A 434 1.14 27.61 3.43
C ARG A 434 2.33 26.92 4.08
N ILE A 435 3.38 27.66 4.37
CA ILE A 435 4.52 27.00 5.02
C ILE A 435 4.02 26.45 6.34
N CYS A 436 3.46 27.35 7.14
CA CYS A 436 2.92 27.07 8.47
C CYS A 436 1.95 25.91 8.56
N GLU A 437 1.17 25.71 7.51
CA GLU A 437 0.20 24.65 7.46
C GLU A 437 0.71 23.35 6.88
N LEU A 438 1.57 23.43 5.86
CA LEU A 438 2.11 22.23 5.22
C LEU A 438 3.44 21.74 5.79
N LEU A 439 4.17 22.60 6.47
CA LEU A 439 5.45 22.20 7.02
C LEU A 439 5.69 22.86 8.37
N PRO A 440 4.79 22.63 9.33
CA PRO A 440 4.93 23.23 10.67
C PRO A 440 6.37 23.20 11.12
N GLU A 441 6.92 21.98 11.14
CA GLU A 441 8.31 21.73 11.54
C GLU A 441 9.31 22.84 11.22
N ALA A 442 9.36 23.24 9.96
CA ALA A 442 10.27 24.29 9.50
C ALA A 442 9.88 25.68 9.96
N ALA A 443 8.58 25.91 10.10
CA ALA A 443 8.06 27.19 10.52
C ALA A 443 8.40 27.46 11.96
N ILE A 444 8.03 26.51 12.82
CA ILE A 444 8.26 26.62 14.25
C ILE A 444 9.74 26.48 14.64
N ASN A 445 10.60 26.31 13.63
CA ASN A 445 12.04 26.17 13.84
C ASN A 445 12.57 27.33 14.67
N ASP A 446 13.39 27.02 15.66
CA ASP A 446 13.95 28.04 16.57
C ASP A 446 14.97 29.05 16.01
N VAL A 447 15.51 28.81 14.82
CA VAL A 447 16.48 29.73 14.25
C VAL A 447 15.82 31.05 13.84
N TYR A 448 14.61 30.96 13.30
CA TYR A 448 13.89 32.15 12.84
C TYR A 448 12.52 32.37 13.46
N LEU A 449 12.16 31.54 14.42
CA LEU A 449 10.86 31.66 15.07
C LEU A 449 10.65 33.04 15.72
N ALA A 450 11.69 33.56 16.34
CA ALA A 450 11.62 34.86 17.00
C ALA A 450 11.26 35.97 16.03
N PRO A 451 12.05 36.12 14.95
CA PRO A 451 11.76 37.18 13.99
C PRO A 451 10.48 36.91 13.22
N LEU A 452 10.15 35.63 13.05
CA LEU A 452 8.96 35.25 12.33
C LEU A 452 7.68 35.62 13.07
N LEU A 453 7.73 35.64 14.39
CA LEU A 453 6.53 36.01 15.15
C LEU A 453 6.42 37.53 15.26
N GLN A 454 7.55 38.20 15.38
CA GLN A 454 7.53 39.65 15.48
C GLN A 454 6.83 40.17 14.24
N CYS A 455 7.31 39.67 13.10
CA CYS A 455 6.79 40.01 11.79
C CYS A 455 5.27 39.81 11.62
N LEU A 456 4.75 38.70 12.17
CA LEU A 456 3.33 38.38 12.07
C LEU A 456 2.48 39.18 13.03
N ILE A 457 3.01 39.43 14.21
CA ILE A 457 2.26 40.22 15.17
C ILE A 457 2.02 41.57 14.49
N GLU A 458 2.98 41.96 13.65
CA GLU A 458 2.87 43.21 12.92
C GLU A 458 1.91 42.98 11.77
N GLY A 459 2.20 41.99 10.94
CA GLY A 459 1.33 41.71 9.81
C GLY A 459 -0.14 41.82 10.17
N LEU A 460 -0.49 41.60 11.43
CA LEU A 460 -1.89 41.66 11.84
C LEU A 460 -2.52 43.03 11.67
N SER A 461 -1.67 44.06 11.64
CA SER A 461 -2.15 45.44 11.49
C SER A 461 -2.34 45.81 10.04
N ALA A 462 -1.65 45.10 9.17
CA ALA A 462 -1.70 45.32 7.72
C ALA A 462 -3.11 45.41 7.15
N GLU A 463 -3.20 45.41 5.82
CA GLU A 463 -4.47 45.48 5.12
C GLU A 463 -5.21 44.17 5.25
N PRO A 464 -6.54 44.21 5.28
CA PRO A 464 -7.36 43.00 5.40
C PRO A 464 -6.83 41.89 4.50
N ARG A 465 -6.21 42.28 3.39
CA ARG A 465 -5.64 41.33 2.45
C ARG A 465 -4.52 40.56 3.10
N VAL A 466 -3.54 41.29 3.63
CA VAL A 466 -2.38 40.69 4.28
C VAL A 466 -2.72 40.07 5.63
N ALA A 467 -3.29 40.88 6.51
CA ALA A 467 -3.65 40.41 7.83
C ALA A 467 -4.43 39.11 7.84
N SER A 468 -5.47 39.03 7.00
CA SER A 468 -6.29 37.83 6.96
C SER A 468 -5.49 36.55 6.87
N ASN A 469 -4.50 36.49 5.98
CA ASN A 469 -3.66 35.29 5.84
C ASN A 469 -2.76 35.17 7.05
N VAL A 470 -2.43 36.30 7.66
CA VAL A 470 -1.60 36.32 8.84
C VAL A 470 -2.35 35.57 9.94
N CYS A 471 -3.66 35.73 9.96
CA CYS A 471 -4.45 35.03 10.96
C CYS A 471 -4.33 33.54 10.69
N TRP A 472 -4.64 33.14 9.47
CA TRP A 472 -4.54 31.75 9.07
C TRP A 472 -3.19 31.25 9.50
N ALA A 473 -2.17 32.04 9.23
CA ALA A 473 -0.84 31.64 9.63
C ALA A 473 -0.84 31.32 11.12
N PHE A 474 -1.26 32.26 11.97
CA PHE A 474 -1.26 32.03 13.42
C PHE A 474 -2.02 30.80 13.89
N SER A 475 -3.07 30.43 13.21
CA SER A 475 -3.82 29.26 13.65
C SER A 475 -2.95 28.03 13.36
N SER A 476 -2.46 27.91 12.13
CA SER A 476 -1.61 26.78 11.76
C SER A 476 -0.46 26.71 12.72
N LEU A 477 0.22 27.83 12.89
CA LEU A 477 1.37 27.87 13.78
C LEU A 477 1.03 27.44 15.20
N ALA A 478 -0.12 27.87 15.71
CA ALA A 478 -0.55 27.54 17.06
C ALA A 478 -0.66 26.03 17.33
N GLU A 479 -1.34 25.33 16.43
CA GLU A 479 -1.50 23.90 16.59
C GLU A 479 -0.15 23.22 16.48
N ALA A 480 0.72 23.74 15.64
CA ALA A 480 2.05 23.16 15.44
C ALA A 480 2.95 23.36 16.65
N ALA A 481 2.84 24.52 17.30
CA ALA A 481 3.66 24.80 18.46
C ALA A 481 3.28 23.88 19.62
N TYR A 482 1.98 23.65 19.76
CA TYR A 482 1.44 22.77 20.80
C TYR A 482 1.93 21.35 20.58
N GLU A 483 1.49 20.74 19.47
CA GLU A 483 1.87 19.37 19.09
C GLU A 483 3.38 19.15 19.04
N ALA A 484 4.16 20.21 19.23
CA ALA A 484 5.60 20.07 19.20
C ALA A 484 6.09 19.98 20.62
N ALA A 485 5.68 20.93 21.44
CA ALA A 485 6.08 20.95 22.85
C ALA A 485 5.55 19.67 23.50
N ASP A 486 4.82 18.89 22.71
CA ASP A 486 4.22 17.63 23.15
C ASP A 486 5.07 16.81 24.13
N VAL A 487 6.31 16.49 23.77
CA VAL A 487 7.16 15.71 24.68
C VAL A 487 7.51 16.54 25.92
N ALA A 488 7.26 17.84 25.82
CA ALA A 488 7.49 18.78 26.92
C ALA A 488 6.17 18.87 27.69
N ASP A 489 5.25 18.00 27.32
CA ASP A 489 3.92 17.92 27.92
C ASP A 489 3.86 16.75 28.90
N ASP A 490 3.62 17.07 30.16
CA ASP A 490 3.52 16.04 31.21
C ASP A 490 2.20 16.14 31.96
N GLN A 491 1.59 14.98 32.21
CA GLN A 491 0.33 14.91 32.91
C GLN A 491 -0.79 15.47 32.04
N GLU A 492 -0.72 15.11 30.75
CA GLU A 492 -1.71 15.45 29.75
C GLU A 492 -1.73 16.87 29.18
N GLU A 493 -0.75 17.70 29.45
CA GLU A 493 -0.77 19.03 28.83
C GLU A 493 0.55 19.78 29.03
N PRO A 494 1.01 20.41 27.93
CA PRO A 494 2.31 21.06 27.89
C PRO A 494 2.51 22.10 28.97
N ALA A 495 3.54 22.03 29.76
CA ALA A 495 3.74 23.04 30.79
C ALA A 495 4.02 24.33 30.06
N THR A 496 4.64 24.22 28.89
CA THR A 496 4.98 25.40 28.09
C THR A 496 5.31 24.97 26.65
N TYR A 497 5.27 25.96 25.74
CA TYR A 497 5.61 25.77 24.32
C TYR A 497 6.19 27.09 23.80
N CYS A 498 6.83 27.04 22.62
CA CYS A 498 7.49 28.23 22.06
C CYS A 498 6.71 29.51 21.80
N LEU A 499 5.39 29.47 21.81
CA LEU A 499 4.66 30.71 21.58
C LEU A 499 4.40 31.44 22.88
N SER A 500 4.67 30.74 23.98
CA SER A 500 4.46 31.28 25.33
C SER A 500 5.02 32.69 25.52
N SER A 501 6.31 32.84 25.23
CA SER A 501 6.98 34.12 25.37
C SER A 501 6.20 35.26 24.74
N SER A 502 5.42 34.94 23.71
CA SER A 502 4.66 35.95 23.01
C SER A 502 3.13 35.79 23.06
N PHE A 503 2.66 34.70 23.65
CA PHE A 503 1.24 34.44 23.76
C PHE A 503 0.43 35.66 24.15
N GLU A 504 0.72 36.17 25.33
CA GLU A 504 0.03 37.33 25.85
C GLU A 504 -0.15 38.40 24.76
N LEU A 505 0.92 38.70 24.04
CA LEU A 505 0.83 39.71 22.99
C LEU A 505 0.04 39.27 21.77
N ILE A 506 0.16 37.99 21.43
CA ILE A 506 -0.57 37.48 20.28
C ILE A 506 -2.09 37.56 20.48
N VAL A 507 -2.59 37.00 21.57
CA VAL A 507 -4.02 37.04 21.81
C VAL A 507 -4.43 38.50 21.95
N GLN A 508 -3.56 39.30 22.54
CA GLN A 508 -3.87 40.71 22.73
C GLN A 508 -4.15 41.38 21.38
N LYS A 509 -3.18 41.30 20.49
CA LYS A 509 -3.33 41.88 19.17
C LYS A 509 -4.54 41.31 18.45
N LEU A 510 -4.70 40.00 18.51
CA LEU A 510 -5.84 39.34 17.87
C LEU A 510 -7.17 39.95 18.31
N LEU A 511 -7.27 40.32 19.59
CA LEU A 511 -8.49 40.92 20.08
C LEU A 511 -8.70 42.25 19.36
N GLU A 512 -7.64 43.06 19.27
CA GLU A 512 -7.69 44.35 18.57
C GLU A 512 -8.13 44.12 17.13
N THR A 513 -7.46 43.18 16.46
CA THR A 513 -7.78 42.81 15.11
C THR A 513 -9.25 42.42 15.00
N THR A 514 -9.69 41.62 15.95
CA THR A 514 -11.09 41.22 15.98
C THR A 514 -11.89 42.43 15.61
N ASP A 515 -11.49 43.45 16.30
CA ASP A 515 -12.03 44.78 16.15
C ASP A 515 -11.50 45.41 14.83
N ARG A 516 -12.37 45.59 13.86
CA ARG A 516 -11.86 46.25 12.66
C ARG A 516 -12.95 46.93 11.85
N PRO A 517 -12.76 48.28 11.80
CA PRO A 517 -13.69 49.18 11.10
C PRO A 517 -14.03 48.64 9.71
N ASP A 518 -13.25 47.61 9.41
CA ASP A 518 -13.29 46.89 8.18
C ASP A 518 -13.24 45.36 8.40
N GLY A 519 -13.31 44.90 9.63
CA GLY A 519 -13.30 43.48 9.89
C GLY A 519 -14.08 42.64 8.91
N HIS A 520 -15.02 43.23 8.18
CA HIS A 520 -15.81 42.46 7.23
C HIS A 520 -15.12 42.24 5.90
N GLN A 521 -14.03 42.96 5.66
CA GLN A 521 -13.27 42.81 4.44
C GLN A 521 -12.36 41.58 4.54
N ASN A 522 -12.45 40.68 3.56
CA ASN A 522 -11.63 39.46 3.54
C ASN A 522 -11.85 38.56 4.75
N ASN A 523 -13.02 38.70 5.37
CA ASN A 523 -13.39 37.89 6.54
C ASN A 523 -12.44 38.14 7.70
N LEU A 524 -11.67 39.21 7.58
CA LEU A 524 -10.70 39.56 8.60
C LEU A 524 -11.20 39.25 10.00
N ARG A 525 -12.49 39.46 10.24
CA ARG A 525 -13.05 39.21 11.57
C ARG A 525 -13.20 37.74 11.89
N SER A 526 -13.96 37.03 11.07
CA SER A 526 -14.16 35.61 11.29
C SER A 526 -12.80 34.94 11.44
N SER A 527 -11.86 35.32 10.59
CA SER A 527 -10.53 34.74 10.65
C SER A 527 -9.85 35.09 11.97
N ALA A 528 -10.02 36.32 12.44
CA ALA A 528 -9.38 36.71 13.70
C ALA A 528 -9.93 35.86 14.85
N TYR A 529 -11.25 35.68 14.88
CA TYR A 529 -11.85 34.88 15.93
C TYR A 529 -11.41 33.45 15.80
N GLU A 530 -11.64 32.83 14.65
CA GLU A 530 -11.24 31.46 14.43
C GLU A 530 -9.79 31.28 14.88
N SER A 531 -8.98 32.29 14.61
CA SER A 531 -7.57 32.29 14.96
C SER A 531 -7.35 32.44 16.47
N LEU A 532 -8.11 33.31 17.13
CA LEU A 532 -7.97 33.50 18.57
C LEU A 532 -8.42 32.22 19.27
N MET A 533 -9.50 31.62 18.79
CA MET A 533 -10.04 30.38 19.34
C MET A 533 -8.98 29.32 19.29
N GLU A 534 -8.38 29.18 18.12
CA GLU A 534 -7.35 28.18 17.88
C GLU A 534 -6.11 28.46 18.76
N ILE A 535 -5.74 29.72 18.92
CA ILE A 535 -4.59 30.03 19.74
C ILE A 535 -4.87 29.64 21.19
N VAL A 536 -6.15 29.69 21.54
CA VAL A 536 -6.57 29.33 22.89
C VAL A 536 -6.67 27.81 23.07
N LYS A 537 -7.39 27.13 22.19
CA LYS A 537 -7.51 25.69 22.29
C LYS A 537 -6.14 25.07 22.41
N ASN A 538 -5.27 25.33 21.44
CA ASN A 538 -3.91 24.78 21.46
C ASN A 538 -2.94 25.68 22.22
N SER A 539 -3.05 25.70 23.54
CA SER A 539 -2.16 26.53 24.33
C SER A 539 -1.52 25.78 25.49
N ALA A 540 -0.43 26.32 26.00
CA ALA A 540 0.27 25.69 27.11
C ALA A 540 -0.30 26.15 28.43
N LYS A 541 -0.38 25.23 29.37
CA LYS A 541 -0.92 25.52 30.69
C LYS A 541 -0.14 26.58 31.42
N ASP A 542 0.88 27.15 30.79
CA ASP A 542 1.65 28.18 31.47
C ASP A 542 1.15 29.59 31.16
N CYS A 543 0.35 29.73 30.11
CA CYS A 543 -0.18 31.04 29.76
C CYS A 543 -1.65 31.15 30.11
N TYR A 544 -2.08 30.31 31.04
CA TYR A 544 -3.45 30.31 31.52
C TYR A 544 -3.89 31.71 31.95
N PRO A 545 -3.03 32.42 32.69
CA PRO A 545 -3.38 33.78 33.12
C PRO A 545 -3.73 34.67 31.93
N ALA A 546 -3.22 34.30 30.76
CA ALA A 546 -3.49 35.07 29.56
C ALA A 546 -4.87 34.73 29.04
N VAL A 547 -5.28 33.48 29.21
CA VAL A 547 -6.58 33.03 28.76
C VAL A 547 -7.69 33.66 29.63
N GLN A 548 -7.36 33.95 30.88
CA GLN A 548 -8.33 34.56 31.77
C GLN A 548 -8.71 35.95 31.27
N LYS A 549 -7.76 36.88 31.25
CA LYS A 549 -8.01 38.24 30.78
C LYS A 549 -8.92 38.23 29.56
N THR A 550 -8.70 37.24 28.70
CA THR A 550 -9.48 37.10 27.49
C THR A 550 -10.95 36.83 27.80
N THR A 551 -11.19 35.84 28.65
CA THR A 551 -12.54 35.46 29.02
C THR A 551 -13.37 36.68 29.40
N LEU A 552 -12.81 37.54 30.25
CA LEU A 552 -13.49 38.74 30.67
C LEU A 552 -13.84 39.52 29.40
N VAL A 553 -12.80 39.79 28.61
CA VAL A 553 -12.93 40.51 27.36
C VAL A 553 -14.01 39.92 26.44
N ILE A 554 -14.13 38.60 26.46
CA ILE A 554 -15.12 37.94 25.61
C ILE A 554 -16.51 38.11 26.21
N MET A 555 -16.62 38.03 27.53
CA MET A 555 -17.91 38.20 28.19
C MET A 555 -18.37 39.64 28.06
N GLU A 556 -17.41 40.56 28.10
CA GLU A 556 -17.68 41.98 27.97
C GLU A 556 -18.35 42.22 26.63
N ARG A 557 -17.70 41.74 25.57
CA ARG A 557 -18.19 41.88 24.21
C ARG A 557 -19.49 41.13 23.96
N LEU A 558 -19.64 39.98 24.59
CA LEU A 558 -20.87 39.22 24.39
C LEU A 558 -22.03 40.06 24.91
N GLN A 559 -21.77 40.86 25.94
CA GLN A 559 -22.79 41.73 26.52
C GLN A 559 -23.09 42.92 25.62
N GLN A 560 -22.07 43.71 25.33
CA GLN A 560 -22.24 44.87 24.46
C GLN A 560 -23.00 44.51 23.18
N VAL A 561 -22.76 43.31 22.67
CA VAL A 561 -23.42 42.88 21.45
C VAL A 561 -24.89 42.56 21.70
N LEU A 562 -25.18 41.97 22.84
CA LEU A 562 -26.57 41.62 23.17
C LEU A 562 -27.47 42.83 23.28
N GLN A 563 -26.88 43.97 23.63
CA GLN A 563 -27.65 45.20 23.74
C GLN A 563 -27.58 45.89 22.39
N MET A 564 -26.52 45.57 21.64
CA MET A 564 -26.30 46.14 20.33
C MET A 564 -27.28 45.60 19.31
N GLU A 565 -28.21 44.76 19.75
CA GLU A 565 -29.17 44.17 18.84
C GLU A 565 -30.28 45.12 18.40
N SER A 566 -30.72 46.00 19.28
CA SER A 566 -31.80 46.94 18.95
C SER A 566 -31.39 48.11 18.04
N HIS A 567 -30.38 47.88 17.20
CA HIS A 567 -29.93 48.92 16.26
C HIS A 567 -29.85 48.39 14.83
N ILE A 568 -30.46 47.24 14.58
CA ILE A 568 -30.45 46.63 13.24
C ILE A 568 -31.27 47.40 12.20
N GLN A 569 -30.63 47.76 11.10
CA GLN A 569 -31.28 48.50 10.04
C GLN A 569 -31.45 47.70 8.75
N SER A 570 -30.33 47.45 8.08
CA SER A 570 -30.34 46.70 6.83
C SER A 570 -30.44 45.20 7.10
N THR A 571 -31.06 44.47 6.18
CA THR A 571 -31.19 43.01 6.31
C THR A 571 -29.77 42.51 6.50
N SER A 572 -28.83 43.30 6.01
CA SER A 572 -27.41 43.02 6.11
C SER A 572 -27.07 42.99 7.60
N ASP A 573 -27.30 44.12 8.25
CA ASP A 573 -27.04 44.28 9.68
C ASP A 573 -27.47 43.05 10.50
N ARG A 574 -28.55 42.42 10.09
CA ARG A 574 -29.02 41.26 10.83
C ARG A 574 -27.95 40.20 10.78
N ILE A 575 -27.83 39.54 9.62
CA ILE A 575 -26.86 38.48 9.42
C ILE A 575 -25.52 38.78 10.10
N GLN A 576 -25.05 40.02 10.00
CA GLN A 576 -23.81 40.43 10.62
C GLN A 576 -23.88 40.10 12.11
N PHE A 577 -24.83 40.74 12.78
CA PHE A 577 -25.08 40.53 14.21
C PHE A 577 -25.04 39.04 14.55
N ASN A 578 -25.91 38.28 13.89
CA ASN A 578 -26.01 36.84 14.12
C ASN A 578 -24.66 36.15 14.10
N ASP A 579 -23.81 36.61 13.19
CA ASP A 579 -22.48 36.07 13.00
C ASP A 579 -21.59 36.39 14.20
N LEU A 580 -21.44 37.69 14.46
CA LEU A 580 -20.64 38.15 15.59
C LEU A 580 -21.11 37.42 16.84
N GLN A 581 -22.43 37.25 16.91
CA GLN A 581 -23.07 36.56 18.02
C GLN A 581 -22.46 35.17 18.16
N SER A 582 -22.76 34.30 17.21
CA SER A 582 -22.27 32.93 17.21
C SER A 582 -20.75 32.89 17.42
N LEU A 583 -20.02 33.67 16.63
CA LEU A 583 -18.57 33.69 16.77
C LEU A 583 -18.15 33.85 18.22
N LEU A 584 -18.83 34.71 18.97
CA LEU A 584 -18.51 34.93 20.36
C LEU A 584 -18.78 33.67 21.20
N CYS A 585 -19.98 33.12 21.10
CA CYS A 585 -20.29 31.89 21.85
C CYS A 585 -19.21 30.86 21.58
N ALA A 586 -18.92 30.69 20.29
CA ALA A 586 -17.89 29.75 19.84
C ALA A 586 -16.60 30.01 20.59
N THR A 587 -16.30 31.30 20.78
CA THR A 587 -15.09 31.70 21.48
C THR A 587 -15.25 31.40 22.95
N LEU A 588 -16.49 31.52 23.43
CA LEU A 588 -16.80 31.24 24.83
C LEU A 588 -16.55 29.77 25.14
N GLN A 589 -17.02 28.89 24.25
CA GLN A 589 -16.80 27.47 24.45
C GLN A 589 -15.31 27.20 24.56
N ASN A 590 -14.53 27.62 23.58
CA ASN A 590 -13.10 27.38 23.59
C ASN A 590 -12.38 27.91 24.81
N VAL A 591 -12.73 29.11 25.26
CA VAL A 591 -12.06 29.62 26.44
C VAL A 591 -12.44 28.77 27.67
N LEU A 592 -13.73 28.62 27.93
CA LEU A 592 -14.21 27.85 29.07
C LEU A 592 -13.53 26.49 29.28
N ARG A 593 -13.44 25.69 28.22
CA ARG A 593 -12.81 24.38 28.33
C ARG A 593 -11.37 24.50 28.85
N LYS A 594 -10.80 25.70 28.77
CA LYS A 594 -9.43 25.93 29.21
C LYS A 594 -9.27 26.53 30.59
N VAL A 595 -10.37 26.96 31.21
CA VAL A 595 -10.29 27.56 32.54
C VAL A 595 -10.49 26.57 33.68
N GLN A 596 -9.86 26.90 34.80
CA GLN A 596 -9.92 26.09 36.01
C GLN A 596 -11.34 26.07 36.58
N HIS A 597 -11.72 24.94 37.16
CA HIS A 597 -13.06 24.79 37.74
C HIS A 597 -13.37 26.06 38.52
N GLN A 598 -12.36 26.55 39.22
CA GLN A 598 -12.46 27.75 40.02
C GLN A 598 -12.90 28.99 39.22
N ASP A 599 -12.22 29.24 38.10
CA ASP A 599 -12.54 30.39 37.26
C ASP A 599 -13.90 30.21 36.59
N ALA A 600 -14.30 28.97 36.42
CA ALA A 600 -15.59 28.66 35.80
C ALA A 600 -16.70 29.23 36.69
N LEU A 601 -16.66 28.86 37.96
CA LEU A 601 -17.65 29.31 38.94
C LEU A 601 -17.88 30.82 38.94
N GLN A 602 -16.79 31.59 39.00
CA GLN A 602 -16.92 33.04 38.99
C GLN A 602 -17.64 33.52 37.73
N ILE A 603 -17.17 33.04 36.58
CA ILE A 603 -17.74 33.41 35.29
C ILE A 603 -19.19 32.94 35.17
N SER A 604 -19.47 31.80 35.79
CA SER A 604 -20.77 31.15 35.78
C SER A 604 -22.00 32.04 35.66
N ASP A 605 -22.25 32.85 36.69
CA ASP A 605 -23.43 33.72 36.71
C ASP A 605 -23.56 34.59 35.48
N VAL A 606 -22.48 35.30 35.18
CA VAL A 606 -22.44 36.19 34.03
C VAL A 606 -22.82 35.40 32.79
N VAL A 607 -21.94 34.50 32.38
CA VAL A 607 -22.16 33.68 31.20
C VAL A 607 -23.61 33.21 31.06
N MET A 608 -24.07 32.48 32.08
CA MET A 608 -25.42 31.94 32.06
C MET A 608 -26.46 33.03 31.87
N ALA A 609 -26.16 34.23 32.37
CA ALA A 609 -27.07 35.35 32.23
C ALA A 609 -27.19 35.62 30.74
N SER A 610 -26.05 35.91 30.13
CA SER A 610 -25.95 36.20 28.71
C SER A 610 -26.59 35.10 27.86
N LEU A 611 -26.25 33.85 28.16
CA LEU A 611 -26.78 32.72 27.42
C LEU A 611 -28.27 32.54 27.64
N LEU A 612 -28.70 32.70 28.89
CA LEU A 612 -30.12 32.55 29.22
C LEU A 612 -30.88 33.69 28.56
N ARG A 613 -30.31 34.88 28.63
CA ARG A 613 -30.89 36.08 28.04
C ARG A 613 -30.91 35.92 26.51
N MET A 614 -29.80 35.44 25.98
CA MET A 614 -29.62 35.24 24.56
C MET A 614 -30.55 34.18 23.99
N PHE A 615 -30.99 33.26 24.83
CA PHE A 615 -31.88 32.21 24.37
C PHE A 615 -33.29 32.72 24.53
N GLN A 616 -33.53 33.30 25.70
CA GLN A 616 -34.82 33.87 26.09
C GLN A 616 -35.34 34.89 25.09
N SER A 617 -34.80 36.10 25.16
CA SER A 617 -35.23 37.17 24.28
C SER A 617 -35.15 36.72 22.83
N THR A 618 -33.99 36.23 22.42
CA THR A 618 -33.81 35.77 21.05
C THR A 618 -34.62 34.49 20.83
N ALA A 619 -35.88 34.53 21.24
CA ALA A 619 -36.78 33.39 21.08
C ALA A 619 -37.59 33.61 19.82
N GLY A 620 -36.95 34.22 18.82
CA GLY A 620 -37.61 34.48 17.55
C GLY A 620 -36.67 34.33 16.37
N SER A 621 -35.65 33.48 16.54
CA SER A 621 -34.67 33.24 15.49
C SER A 621 -34.59 31.76 15.11
N GLY A 622 -34.08 30.93 16.03
CA GLY A 622 -33.97 29.51 15.76
C GLY A 622 -32.54 29.03 15.60
N GLY A 623 -31.74 29.79 14.84
CA GLY A 623 -30.35 29.41 14.64
C GLY A 623 -29.57 29.72 15.89
N VAL A 624 -29.91 30.85 16.53
CA VAL A 624 -29.27 31.29 17.76
C VAL A 624 -29.38 30.22 18.84
N GLN A 625 -30.56 29.62 18.95
CA GLN A 625 -30.78 28.58 19.94
C GLN A 625 -29.66 27.54 19.95
N GLU A 626 -29.55 26.80 18.85
CA GLU A 626 -28.54 25.75 18.75
C GLU A 626 -27.11 26.18 19.08
N ASP A 627 -26.91 27.48 19.25
CA ASP A 627 -25.58 27.99 19.59
C ASP A 627 -25.43 28.22 21.08
N ALA A 628 -26.52 28.59 21.74
CA ALA A 628 -26.50 28.83 23.18
C ALA A 628 -26.52 27.49 23.93
N LEU A 629 -27.20 26.50 23.37
CA LEU A 629 -27.25 25.20 23.99
C LEU A 629 -25.82 24.68 24.06
N MET A 630 -25.12 24.78 22.93
CA MET A 630 -23.73 24.33 22.85
C MET A 630 -22.90 24.95 23.95
N ALA A 631 -23.11 26.24 24.16
CA ALA A 631 -22.39 26.98 25.18
C ALA A 631 -22.67 26.41 26.55
N VAL A 632 -23.94 26.13 26.83
CA VAL A 632 -24.34 25.58 28.11
C VAL A 632 -23.67 24.24 28.37
N SER A 633 -23.79 23.33 27.39
CA SER A 633 -23.19 21.99 27.46
C SER A 633 -21.76 22.15 27.95
N THR A 634 -21.01 22.97 27.22
CA THR A 634 -19.63 23.26 27.57
C THR A 634 -19.57 23.66 29.06
N LEU A 635 -20.44 24.58 29.45
CA LEU A 635 -20.49 25.05 30.83
C LEU A 635 -20.89 23.93 31.81
N VAL A 636 -21.90 23.17 31.43
CA VAL A 636 -22.36 22.04 32.23
C VAL A 636 -21.17 21.13 32.51
N GLU A 637 -20.40 20.82 31.46
CA GLU A 637 -19.24 19.94 31.55
C GLU A 637 -18.09 20.41 32.47
N VAL A 638 -17.90 21.72 32.58
CA VAL A 638 -16.86 22.29 33.42
C VAL A 638 -17.38 22.56 34.83
N LEU A 639 -18.65 22.92 34.95
CA LEU A 639 -19.21 23.17 36.27
C LEU A 639 -19.59 21.86 36.95
N GLY A 640 -19.98 20.88 36.15
CA GLY A 640 -20.35 19.59 36.69
C GLY A 640 -21.59 19.61 37.57
N GLY A 641 -21.38 19.54 38.88
CA GLY A 641 -22.49 19.54 39.80
C GLY A 641 -22.98 20.91 40.16
N GLU A 642 -22.06 21.86 40.33
CA GLU A 642 -22.49 23.21 40.70
C GLU A 642 -23.50 23.80 39.69
N PHE A 643 -23.64 23.17 38.53
CA PHE A 643 -24.58 23.68 37.55
C PHE A 643 -26.02 23.57 38.04
N LEU A 644 -26.22 22.81 39.11
CA LEU A 644 -27.57 22.59 39.65
C LEU A 644 -28.40 23.85 39.94
N LYS A 645 -27.75 24.95 40.27
CA LYS A 645 -28.49 26.16 40.55
C LYS A 645 -29.13 26.81 39.33
N TYR A 646 -28.55 26.61 38.15
CA TYR A 646 -29.11 27.23 36.95
C TYR A 646 -30.20 26.36 36.37
N MET A 647 -30.24 25.11 36.81
CA MET A 647 -31.22 24.16 36.32
C MET A 647 -32.66 24.68 36.25
N GLU A 648 -33.20 25.09 37.39
CA GLU A 648 -34.57 25.57 37.39
C GLU A 648 -34.71 26.72 36.40
N ALA A 649 -33.84 27.72 36.55
CA ALA A 649 -33.84 28.89 35.68
C ALA A 649 -33.38 28.61 34.25
N PHE A 650 -33.43 27.33 33.84
CA PHE A 650 -33.03 26.93 32.50
C PHE A 650 -34.00 25.91 31.88
N LYS A 651 -34.56 25.03 32.72
CA LYS A 651 -35.52 24.00 32.28
C LYS A 651 -36.48 24.34 31.12
N PRO A 652 -37.18 25.48 31.19
CA PRO A 652 -38.10 25.83 30.10
C PRO A 652 -37.49 25.70 28.71
N PHE A 653 -36.25 26.20 28.59
CA PHE A 653 -35.52 26.19 27.33
C PHE A 653 -35.15 24.78 26.86
N LEU A 654 -34.59 23.97 27.76
CA LEU A 654 -34.23 22.60 27.39
C LEU A 654 -35.49 21.96 26.85
N GLY A 655 -36.63 22.44 27.34
CA GLY A 655 -37.92 21.93 26.91
C GLY A 655 -38.25 22.37 25.50
N ILE A 656 -38.07 23.66 25.23
CA ILE A 656 -38.34 24.18 23.91
C ILE A 656 -37.51 23.41 22.89
N GLY A 657 -36.24 23.20 23.21
CA GLY A 657 -35.34 22.49 22.31
C GLY A 657 -35.67 21.02 22.08
N LEU A 658 -36.10 20.33 23.13
CA LEU A 658 -36.44 18.91 23.02
C LEU A 658 -37.72 18.67 22.24
N LYS A 659 -38.65 19.62 22.32
CA LYS A 659 -39.93 19.51 21.61
C LYS A 659 -39.84 20.02 20.19
N ASN A 660 -39.09 21.10 20.00
CA ASN A 660 -38.90 21.71 18.68
C ASN A 660 -38.21 20.79 17.70
N TYR A 661 -38.94 19.84 17.13
CA TYR A 661 -38.32 18.92 16.18
C TYR A 661 -38.38 19.42 14.75
N ALA A 662 -38.85 20.66 14.58
CA ALA A 662 -38.95 21.28 13.27
C ALA A 662 -37.54 21.62 12.82
N GLU A 663 -36.62 21.69 13.77
CA GLU A 663 -35.23 21.98 13.49
C GLU A 663 -34.41 20.98 14.28
N TYR A 664 -34.52 19.73 13.87
CA TYR A 664 -33.82 18.65 14.54
C TYR A 664 -32.42 19.00 15.01
N GLN A 665 -31.74 19.89 14.28
CA GLN A 665 -30.40 20.29 14.70
C GLN A 665 -30.42 20.72 16.16
N VAL A 666 -31.40 21.55 16.51
CA VAL A 666 -31.56 22.05 17.87
C VAL A 666 -32.03 20.95 18.84
N CYS A 667 -32.94 20.11 18.38
CA CYS A 667 -33.44 19.02 19.18
C CYS A 667 -32.24 18.11 19.52
N LEU A 668 -31.39 17.89 18.53
CA LEU A 668 -30.19 17.07 18.72
C LEU A 668 -29.35 17.66 19.84
N ALA A 669 -29.06 18.95 19.75
CA ALA A 669 -28.26 19.57 20.79
C ALA A 669 -28.94 19.31 22.13
N ALA A 670 -30.25 19.55 22.20
CA ALA A 670 -31.03 19.34 23.43
C ALA A 670 -30.86 17.92 23.97
N VAL A 671 -30.99 16.93 23.10
CA VAL A 671 -30.83 15.55 23.51
C VAL A 671 -29.45 15.29 24.11
N GLY A 672 -28.43 15.94 23.54
CA GLY A 672 -27.08 15.75 24.04
C GLY A 672 -26.87 16.39 25.38
N LEU A 673 -27.45 17.57 25.55
CA LEU A 673 -27.34 18.30 26.80
C LEU A 673 -27.93 17.45 27.93
N VAL A 674 -29.04 16.76 27.66
CA VAL A 674 -29.67 15.91 28.65
C VAL A 674 -28.60 14.97 29.22
N GLY A 675 -27.98 14.19 28.32
CA GLY A 675 -26.93 13.27 28.71
C GLY A 675 -25.81 14.03 29.38
N ASP A 676 -25.60 15.27 28.94
CA ASP A 676 -24.58 16.13 29.53
C ASP A 676 -24.99 16.50 30.94
N LEU A 677 -26.30 16.47 31.21
CA LEU A 677 -26.81 16.79 32.54
C LEU A 677 -26.80 15.54 33.43
N CYS A 678 -27.04 14.39 32.82
CA CYS A 678 -27.03 13.13 33.54
C CYS A 678 -25.71 12.93 34.25
N ARG A 679 -24.61 13.26 33.59
CA ARG A 679 -23.28 13.08 34.21
C ARG A 679 -22.90 14.16 35.19
N ALA A 680 -23.39 15.37 34.98
CA ALA A 680 -23.06 16.49 35.84
C ALA A 680 -23.87 16.53 37.15
N LEU A 681 -25.05 15.99 37.12
CA LEU A 681 -25.84 16.08 38.32
C LEU A 681 -26.04 14.74 38.90
N GLN A 682 -26.67 13.96 38.06
CA GLN A 682 -26.99 12.63 38.43
C GLN A 682 -28.26 12.58 39.22
N SER A 683 -28.44 11.46 39.91
CA SER A 683 -29.58 11.21 40.77
C SER A 683 -30.42 12.45 40.97
N ASN A 684 -29.72 13.49 41.33
CA ASN A 684 -30.25 14.82 41.54
C ASN A 684 -31.14 15.21 40.39
N ILE A 685 -30.85 14.72 39.21
CA ILE A 685 -31.65 15.10 38.05
C ILE A 685 -33.11 14.57 38.12
N LEU A 686 -33.30 13.69 39.08
CA LEU A 686 -34.52 12.93 39.24
C LEU A 686 -35.74 13.83 39.14
N PRO A 687 -35.67 15.04 39.72
CA PRO A 687 -36.79 15.98 39.65
C PRO A 687 -37.42 16.07 38.27
N PHE A 688 -36.60 16.33 37.26
CA PHE A 688 -37.08 16.47 35.88
C PHE A 688 -37.21 15.16 35.10
N CYS A 689 -36.55 14.12 35.55
CA CYS A 689 -36.62 12.84 34.86
C CYS A 689 -38.00 12.59 34.30
N ASP A 690 -39.01 12.68 35.17
CA ASP A 690 -40.40 12.45 34.76
C ASP A 690 -40.72 13.15 33.48
N GLU A 691 -40.60 14.48 33.50
CA GLU A 691 -40.86 15.31 32.34
C GLU A 691 -40.03 14.86 31.16
N VAL A 692 -38.71 14.76 31.36
CA VAL A 692 -37.83 14.38 30.27
C VAL A 692 -38.19 13.02 29.67
N MET A 693 -38.15 11.96 30.46
CA MET A 693 -38.47 10.63 29.92
C MET A 693 -39.68 10.59 29.00
N GLN A 694 -40.79 11.18 29.41
CA GLN A 694 -42.00 11.18 28.60
C GLN A 694 -41.79 12.04 27.36
N LEU A 695 -41.39 13.30 27.58
CA LEU A 695 -41.14 14.20 26.47
C LEU A 695 -40.26 13.53 25.40
N LEU A 696 -39.23 12.81 25.85
CA LEU A 696 -38.33 12.10 24.94
C LEU A 696 -39.06 10.93 24.29
N LEU A 697 -39.59 10.03 25.11
CA LEU A 697 -40.31 8.85 24.59
C LEU A 697 -41.43 9.26 23.64
N GLU A 698 -41.79 10.54 23.70
CA GLU A 698 -42.82 11.12 22.87
C GLU A 698 -42.27 11.21 21.45
N ASN A 699 -41.08 11.78 21.34
CA ASN A 699 -40.42 11.95 20.06
C ASN A 699 -40.10 10.60 19.42
N LEU A 700 -39.70 9.61 20.21
CA LEU A 700 -39.42 8.30 19.63
C LEU A 700 -40.68 7.79 18.94
N GLY A 701 -41.83 8.27 19.39
CA GLY A 701 -43.09 7.83 18.81
C GLY A 701 -43.60 8.72 17.70
N ASN A 702 -43.69 10.03 17.95
CA ASN A 702 -44.17 10.94 16.92
C ASN A 702 -43.19 10.78 15.77
N GLU A 703 -43.70 10.51 14.58
CA GLU A 703 -42.79 10.30 13.48
C GLU A 703 -42.54 11.46 12.53
N ASN A 704 -42.75 12.68 12.99
CA ASN A 704 -42.50 13.85 12.15
C ASN A 704 -41.01 14.09 12.28
N VAL A 705 -40.49 13.75 13.47
CA VAL A 705 -39.09 13.92 13.81
C VAL A 705 -38.13 13.18 12.90
N HIS A 706 -37.07 13.89 12.54
CA HIS A 706 -36.01 13.38 11.70
C HIS A 706 -35.43 12.15 12.37
N ARG A 707 -35.16 11.10 11.60
CA ARG A 707 -34.64 9.87 12.17
C ARG A 707 -33.26 9.96 12.80
N SER A 708 -32.46 10.94 12.40
CA SER A 708 -31.13 11.07 12.98
C SER A 708 -31.27 11.33 14.48
N VAL A 709 -32.27 12.12 14.83
CA VAL A 709 -32.54 12.48 16.22
C VAL A 709 -32.91 11.28 17.08
N LYS A 710 -33.55 10.27 16.49
CA LYS A 710 -33.95 9.11 17.29
C LYS A 710 -32.80 8.37 17.99
N PRO A 711 -31.81 7.85 17.24
CA PRO A 711 -30.70 7.12 17.88
C PRO A 711 -30.06 7.88 19.01
N GLN A 712 -30.03 9.20 18.92
CA GLN A 712 -29.47 9.98 20.01
C GLN A 712 -30.27 9.76 21.29
N ILE A 713 -31.59 9.65 21.15
CA ILE A 713 -32.48 9.45 22.27
C ILE A 713 -32.24 8.11 22.96
N LEU A 714 -32.37 7.01 22.22
CA LEU A 714 -32.15 5.69 22.80
C LEU A 714 -30.84 5.68 23.59
N SER A 715 -29.83 6.29 22.99
CA SER A 715 -28.54 6.37 23.61
C SER A 715 -28.64 7.08 24.94
N VAL A 716 -29.37 8.20 24.98
CA VAL A 716 -29.52 8.98 26.20
C VAL A 716 -30.24 8.22 27.32
N PHE A 717 -31.06 7.24 26.96
CA PHE A 717 -31.77 6.46 27.98
C PHE A 717 -30.78 5.79 28.88
N GLY A 718 -29.62 5.47 28.33
CA GLY A 718 -28.57 4.81 29.08
C GLY A 718 -27.80 5.81 29.92
N ASP A 719 -27.79 7.07 29.51
CA ASP A 719 -27.10 8.08 30.28
C ASP A 719 -27.94 8.35 31.52
N ILE A 720 -29.25 8.26 31.34
CA ILE A 720 -30.19 8.49 32.43
C ILE A 720 -30.10 7.37 33.45
N ALA A 721 -30.19 6.13 32.99
CA ALA A 721 -30.11 4.99 33.89
C ALA A 721 -28.85 5.03 34.75
N LEU A 722 -27.73 5.44 34.17
CA LEU A 722 -26.48 5.52 34.91
C LEU A 722 -26.49 6.60 35.98
N ALA A 723 -27.25 7.66 35.76
CA ALA A 723 -27.26 8.77 36.69
C ALA A 723 -28.25 8.64 37.83
N ILE A 724 -29.33 7.88 37.61
CA ILE A 724 -30.34 7.70 38.65
C ILE A 724 -30.37 6.27 39.20
N GLY A 725 -29.50 5.43 38.65
CA GLY A 725 -29.38 4.05 39.09
C GLY A 725 -30.63 3.24 39.37
N GLY A 726 -30.79 2.84 40.63
CA GLY A 726 -31.92 2.03 41.05
C GLY A 726 -33.28 2.67 40.81
N GLU A 727 -33.30 3.98 40.66
CA GLU A 727 -34.53 4.73 40.40
C GLU A 727 -35.06 4.50 38.97
N PHE A 728 -34.18 4.13 38.05
CA PHE A 728 -34.57 3.90 36.66
C PHE A 728 -35.61 2.79 36.56
N LYS A 729 -35.67 1.94 37.59
CA LYS A 729 -36.62 0.82 37.64
C LYS A 729 -38.04 1.27 37.29
N LYS A 730 -38.36 2.51 37.66
CA LYS A 730 -39.64 3.13 37.34
C LYS A 730 -39.85 3.05 35.81
N TYR A 731 -38.82 3.39 35.04
CA TYR A 731 -38.89 3.39 33.57
C TYR A 731 -38.31 2.13 32.90
N LEU A 732 -37.69 1.24 33.67
CA LEU A 732 -37.08 0.05 33.08
C LEU A 732 -37.98 -0.66 32.08
N GLU A 733 -39.25 -0.77 32.44
CA GLU A 733 -40.28 -1.45 31.66
C GLU A 733 -40.40 -1.08 30.18
N VAL A 734 -40.96 0.09 29.88
CA VAL A 734 -41.13 0.48 28.49
C VAL A 734 -39.84 0.54 27.69
N VAL A 735 -38.85 1.25 28.21
CA VAL A 735 -37.55 1.39 27.58
C VAL A 735 -37.04 0.04 27.07
N LEU A 736 -37.04 -0.96 27.93
CA LEU A 736 -36.57 -2.28 27.52
C LEU A 736 -37.30 -2.83 26.30
N ASN A 737 -38.60 -2.57 26.21
CA ASN A 737 -39.41 -3.05 25.09
C ASN A 737 -39.11 -2.24 23.85
N THR A 738 -38.89 -0.94 24.05
CA THR A 738 -38.54 -0.02 22.96
C THR A 738 -37.20 -0.47 22.35
N LEU A 739 -36.20 -0.66 23.20
CA LEU A 739 -34.90 -1.09 22.72
C LEU A 739 -35.04 -2.33 21.87
N GLN A 740 -35.93 -3.23 22.25
CA GLN A 740 -36.11 -4.44 21.48
C GLN A 740 -36.74 -4.11 20.15
N GLN A 741 -37.72 -3.21 20.16
CA GLN A 741 -38.39 -2.82 18.92
C GLN A 741 -37.37 -2.28 17.93
N ALA A 742 -36.59 -1.30 18.39
CA ALA A 742 -35.56 -0.71 17.56
C ALA A 742 -34.53 -1.75 17.16
N SER A 743 -34.12 -2.59 18.11
CA SER A 743 -33.11 -3.60 17.80
C SER A 743 -33.47 -4.47 16.60
N GLN A 744 -34.71 -4.93 16.52
CA GLN A 744 -35.14 -5.77 15.42
C GLN A 744 -35.53 -5.02 14.16
N ALA A 745 -35.33 -3.70 14.16
CA ALA A 745 -35.66 -2.89 12.99
C ALA A 745 -34.90 -3.43 11.78
N GLN A 746 -35.37 -3.10 10.58
CA GLN A 746 -34.73 -3.54 9.35
C GLN A 746 -34.88 -2.52 8.24
N VAL A 747 -33.96 -2.54 7.29
CA VAL A 747 -33.99 -1.62 6.17
C VAL A 747 -33.32 -2.23 4.95
N ASP A 748 -33.60 -1.67 3.78
CA ASP A 748 -32.98 -2.17 2.54
C ASP A 748 -31.53 -1.70 2.57
N LYS A 749 -30.62 -2.61 2.90
CA LYS A 749 -29.21 -2.28 2.95
C LYS A 749 -28.65 -1.92 1.56
N SER A 750 -29.53 -1.34 0.76
CA SER A 750 -29.16 -0.89 -0.58
C SER A 750 -29.31 0.60 -0.70
N ASP A 751 -29.54 1.23 0.40
CA ASP A 751 -29.60 2.66 0.39
C ASP A 751 -28.72 3.16 1.52
N PHE A 752 -27.40 3.20 1.24
CA PHE A 752 -26.37 3.58 2.23
C PHE A 752 -26.97 4.39 3.36
N ASP A 753 -27.11 5.66 3.13
CA ASP A 753 -27.75 6.34 4.20
C ASP A 753 -28.43 5.33 5.13
N MET A 754 -29.17 4.37 4.54
CA MET A 754 -29.83 3.39 5.38
C MET A 754 -28.80 2.43 6.07
N VAL A 755 -27.44 2.46 5.76
CA VAL A 755 -26.40 1.61 6.46
C VAL A 755 -25.93 2.33 7.67
N ASP A 756 -25.77 3.63 7.48
CA ASP A 756 -25.36 4.51 8.55
C ASP A 756 -26.48 4.63 9.52
N TYR A 757 -27.65 4.85 8.99
CA TYR A 757 -28.74 4.98 9.91
C TYR A 757 -28.88 3.70 10.76
N LEU A 758 -29.01 2.54 10.11
CA LEU A 758 -29.14 1.25 10.81
C LEU A 758 -28.05 1.05 11.86
N ASN A 759 -26.80 1.33 11.50
CA ASN A 759 -25.72 1.14 12.46
C ASN A 759 -25.81 2.14 13.61
N GLU A 760 -26.24 3.37 13.33
CA GLU A 760 -26.39 4.39 14.38
C GLU A 760 -27.45 3.90 15.36
N LEU A 761 -28.45 3.23 14.82
CA LEU A 761 -29.54 2.65 15.60
C LEU A 761 -29.00 1.49 16.43
N ARG A 762 -28.31 0.56 15.78
CA ARG A 762 -27.72 -0.60 16.42
C ARG A 762 -26.71 -0.19 17.49
N GLU A 763 -25.96 0.86 17.19
CA GLU A 763 -24.94 1.34 18.11
C GLU A 763 -25.58 2.09 19.26
N SER A 764 -26.70 2.73 18.98
CA SER A 764 -27.41 3.47 19.99
C SER A 764 -28.08 2.52 20.98
N CYS A 765 -28.72 1.47 20.47
CA CYS A 765 -29.39 0.50 21.34
C CYS A 765 -28.42 -0.17 22.30
N LEU A 766 -27.37 -0.76 21.75
CA LEU A 766 -26.35 -1.42 22.56
C LEU A 766 -25.86 -0.50 23.67
N GLU A 767 -25.75 0.79 23.38
CA GLU A 767 -25.31 1.72 24.40
C GLU A 767 -26.34 1.77 25.54
N ALA A 768 -27.61 1.97 25.21
CA ALA A 768 -28.66 2.03 26.21
C ALA A 768 -28.72 0.77 27.08
N TYR A 769 -28.70 -0.41 26.46
CA TYR A 769 -28.70 -1.66 27.22
C TYR A 769 -27.56 -1.59 28.21
N THR A 770 -26.35 -1.32 27.70
CA THR A 770 -25.16 -1.20 28.54
C THR A 770 -25.39 -0.25 29.72
N GLY A 771 -25.85 0.95 29.42
CA GLY A 771 -26.09 1.91 30.48
C GLY A 771 -27.08 1.41 31.51
N ILE A 772 -28.02 0.58 31.06
CA ILE A 772 -29.05 0.05 31.95
C ILE A 772 -28.42 -1.00 32.87
N VAL A 773 -27.89 -2.08 32.29
CA VAL A 773 -27.25 -3.09 33.13
C VAL A 773 -26.32 -2.39 34.13
N GLN A 774 -25.43 -1.52 33.64
CA GLN A 774 -24.53 -0.81 34.53
C GLN A 774 -25.31 -0.07 35.63
N GLY A 775 -26.30 0.73 35.23
CA GLY A 775 -27.09 1.47 36.20
C GLY A 775 -27.73 0.67 37.31
N LEU A 776 -28.19 -0.53 36.98
CA LEU A 776 -28.82 -1.39 37.96
C LEU A 776 -27.81 -2.20 38.76
N LYS A 777 -26.71 -2.57 38.11
CA LYS A 777 -25.67 -3.36 38.76
C LYS A 777 -25.12 -2.53 39.89
N GLY A 778 -25.16 -1.21 39.70
CA GLY A 778 -24.63 -0.31 40.72
C GLY A 778 -23.14 -0.55 40.76
N ASP A 779 -22.46 -0.04 41.78
CA ASP A 779 -21.03 -0.27 41.86
C ASP A 779 -20.50 -0.30 43.29
N GLN A 780 -20.37 -1.52 43.81
CA GLN A 780 -19.88 -1.80 45.15
C GLN A 780 -19.68 -3.30 45.15
N GLU A 781 -19.25 -3.81 44.00
CA GLU A 781 -19.03 -5.23 43.79
C GLU A 781 -19.80 -6.13 44.74
N ASN A 782 -21.11 -6.01 44.64
CA ASN A 782 -22.04 -6.79 45.43
C ASN A 782 -23.16 -7.20 44.46
N VAL A 783 -23.27 -6.45 43.36
CA VAL A 783 -24.25 -6.71 42.32
C VAL A 783 -25.67 -6.65 42.87
N HIS A 784 -26.24 -5.45 42.89
CA HIS A 784 -27.58 -5.21 43.41
C HIS A 784 -28.65 -6.03 42.67
N PRO A 785 -29.54 -6.71 43.42
CA PRO A 785 -30.62 -7.53 42.87
C PRO A 785 -31.38 -6.93 41.70
N ASP A 786 -31.33 -5.61 41.57
CA ASP A 786 -32.04 -4.96 40.48
C ASP A 786 -31.67 -5.53 39.10
N VAL A 787 -30.39 -5.78 38.88
CA VAL A 787 -29.94 -6.31 37.60
C VAL A 787 -30.65 -7.57 37.10
N MET A 788 -31.28 -8.30 38.01
CA MET A 788 -32.00 -9.50 37.63
C MET A 788 -33.21 -9.20 36.76
N LEU A 789 -33.73 -7.98 36.90
CA LEU A 789 -34.88 -7.57 36.10
C LEU A 789 -34.59 -7.73 34.61
N VAL A 790 -33.37 -7.44 34.20
CA VAL A 790 -33.00 -7.58 32.79
C VAL A 790 -32.53 -9.00 32.48
N GLN A 791 -32.63 -9.89 33.45
CA GLN A 791 -32.21 -11.28 33.29
C GLN A 791 -32.98 -11.95 32.13
N PRO A 792 -34.29 -11.66 32.00
CA PRO A 792 -35.09 -12.24 30.92
C PRO A 792 -34.61 -11.85 29.52
N ARG A 793 -34.26 -10.58 29.37
CA ARG A 793 -33.82 -10.06 28.11
C ARG A 793 -32.46 -10.61 27.67
N VAL A 794 -31.65 -11.02 28.63
CA VAL A 794 -30.33 -11.54 28.32
C VAL A 794 -30.29 -12.50 27.14
N GLU A 795 -31.33 -13.32 27.00
CA GLU A 795 -31.42 -14.28 25.91
C GLU A 795 -31.59 -13.53 24.60
N PHE A 796 -32.57 -12.62 24.58
CA PHE A 796 -32.85 -11.81 23.41
C PHE A 796 -31.63 -11.06 22.95
N ILE A 797 -31.08 -10.27 23.86
CA ILE A 797 -29.93 -9.41 23.59
C ILE A 797 -28.79 -10.19 22.93
N LEU A 798 -28.27 -11.20 23.60
CA LEU A 798 -27.16 -11.96 23.02
C LEU A 798 -27.51 -12.34 21.57
N SER A 799 -28.79 -12.15 21.25
CA SER A 799 -29.36 -12.38 19.90
C SER A 799 -28.97 -11.19 18.96
N PHE A 800 -29.77 -10.10 18.97
CA PHE A 800 -29.55 -8.87 18.14
C PHE A 800 -28.11 -8.65 17.73
N ILE A 801 -27.23 -8.94 18.67
CA ILE A 801 -25.81 -8.83 18.40
C ILE A 801 -25.46 -9.82 17.31
N ASP A 802 -26.04 -11.02 17.38
CA ASP A 802 -25.78 -12.05 16.39
C ASP A 802 -26.13 -11.52 14.98
N HIS A 803 -27.37 -11.09 14.77
CA HIS A 803 -27.74 -10.57 13.48
C HIS A 803 -26.57 -9.80 12.90
N ILE A 804 -26.03 -8.94 13.74
CA ILE A 804 -24.91 -8.04 13.39
C ILE A 804 -23.66 -8.78 13.04
N ALA A 805 -23.35 -9.62 13.98
CA ALA A 805 -22.22 -10.50 13.82
C ALA A 805 -22.31 -11.11 12.44
N GLY A 806 -23.53 -11.39 12.00
CA GLY A 806 -23.73 -11.97 10.68
C GLY A 806 -23.60 -10.93 9.58
N ASP A 807 -24.37 -9.85 9.70
CA ASP A 807 -24.36 -8.76 8.73
C ASP A 807 -22.98 -8.10 8.63
N GLU A 808 -22.46 -7.98 7.40
CA GLU A 808 -21.14 -7.40 7.20
C GLU A 808 -21.09 -5.89 7.27
N ASP A 809 -22.17 -5.24 6.84
CA ASP A 809 -22.27 -3.79 6.82
C ASP A 809 -21.89 -3.17 8.12
N HIS A 810 -21.11 -3.87 8.92
CA HIS A 810 -20.80 -3.17 10.09
C HIS A 810 -19.51 -2.46 10.11
N THR A 811 -19.63 -1.73 11.17
CA THR A 811 -18.86 -0.73 11.76
C THR A 811 -18.09 -1.19 12.99
N ASP A 812 -16.84 -0.78 13.10
CA ASP A 812 -16.07 -1.18 14.26
C ASP A 812 -16.74 -0.63 15.50
N GLY A 813 -17.38 0.54 15.38
CA GLY A 813 -18.07 1.16 16.49
C GLY A 813 -19.11 0.22 17.10
N VAL A 814 -19.93 -0.37 16.25
CA VAL A 814 -20.94 -1.32 16.68
C VAL A 814 -20.25 -2.54 17.33
N VAL A 815 -19.22 -3.05 16.68
CA VAL A 815 -18.49 -4.19 17.21
C VAL A 815 -17.92 -3.86 18.58
N ALA A 816 -17.57 -2.60 18.78
CA ALA A 816 -17.02 -2.11 20.04
C ALA A 816 -18.05 -2.17 21.15
N CYS A 817 -19.18 -1.51 20.95
CA CYS A 817 -20.25 -1.50 21.93
C CYS A 817 -20.68 -2.92 22.28
N ALA A 818 -20.93 -3.70 21.23
CA ALA A 818 -21.34 -5.08 21.40
C ALA A 818 -20.39 -5.86 22.30
N ALA A 819 -19.09 -5.75 22.03
CA ALA A 819 -18.12 -6.45 22.83
C ALA A 819 -18.31 -6.03 24.27
N GLY A 820 -18.40 -4.72 24.49
CA GLY A 820 -18.59 -4.21 25.82
C GLY A 820 -19.85 -4.71 26.48
N LEU A 821 -20.96 -4.63 25.78
CA LEU A 821 -22.24 -5.08 26.33
C LEU A 821 -22.08 -6.49 26.89
N ILE A 822 -21.39 -7.34 26.14
CA ILE A 822 -21.13 -8.70 26.55
C ILE A 822 -20.37 -8.69 27.86
N GLY A 823 -19.24 -7.99 27.88
CA GLY A 823 -18.45 -7.91 29.09
C GLY A 823 -19.31 -7.66 30.30
N ASP A 824 -20.16 -6.63 30.24
CA ASP A 824 -21.04 -6.27 31.34
C ASP A 824 -21.98 -7.41 31.69
N LEU A 825 -22.58 -8.02 30.67
CA LEU A 825 -23.52 -9.13 30.86
C LEU A 825 -22.90 -10.30 31.61
N CYS A 826 -21.62 -10.56 31.38
CA CYS A 826 -20.96 -11.64 32.09
C CYS A 826 -20.86 -11.18 33.54
N THR A 827 -20.44 -9.94 33.71
CA THR A 827 -20.27 -9.29 35.01
C THR A 827 -21.52 -9.22 35.88
N ALA A 828 -22.69 -9.40 35.29
CA ALA A 828 -23.90 -9.31 36.09
C ALA A 828 -24.58 -10.66 36.30
N PHE A 829 -24.76 -11.42 35.24
CA PHE A 829 -25.41 -12.73 35.29
C PHE A 829 -24.35 -13.77 35.15
N GLY A 830 -23.59 -13.59 34.09
CA GLY A 830 -22.39 -14.39 33.81
C GLY A 830 -22.43 -15.94 33.75
N LYS A 831 -23.50 -16.65 34.08
CA LYS A 831 -23.38 -18.07 33.80
C LYS A 831 -24.00 -18.22 32.48
N ASP A 832 -25.25 -17.78 32.62
CA ASP A 832 -26.31 -17.66 31.66
C ASP A 832 -25.82 -16.98 30.42
N VAL A 833 -24.63 -16.49 30.56
CA VAL A 833 -24.02 -15.79 29.47
C VAL A 833 -23.13 -16.71 28.67
N LEU A 834 -22.16 -17.31 29.36
CA LEU A 834 -21.15 -18.15 28.72
C LEU A 834 -21.66 -19.21 27.76
N LYS A 835 -22.79 -19.81 28.07
CA LYS A 835 -23.35 -20.86 27.22
C LYS A 835 -24.12 -20.33 26.02
N LEU A 836 -24.82 -19.21 26.19
CA LEU A 836 -25.58 -18.63 25.09
C LEU A 836 -24.66 -18.16 23.97
N VAL A 837 -23.49 -17.66 24.35
CA VAL A 837 -22.53 -17.19 23.36
C VAL A 837 -21.77 -18.39 22.81
N GLU A 838 -21.79 -19.48 23.57
CA GLU A 838 -21.13 -20.73 23.18
C GLU A 838 -21.98 -21.33 22.06
N ALA A 839 -23.29 -21.14 22.19
CA ALA A 839 -24.26 -21.62 21.22
C ALA A 839 -24.43 -20.55 20.14
N ARG A 840 -23.38 -19.75 19.97
CA ARG A 840 -23.35 -18.67 18.99
C ARG A 840 -21.90 -18.32 18.63
N PRO A 841 -21.25 -19.18 17.84
CA PRO A 841 -19.85 -18.98 17.40
C PRO A 841 -19.60 -17.64 16.74
N MET A 842 -20.53 -17.22 15.87
CA MET A 842 -20.43 -15.94 15.17
C MET A 842 -19.98 -14.83 16.10
N ILE A 843 -20.58 -14.80 17.29
CA ILE A 843 -20.23 -13.79 18.28
C ILE A 843 -18.73 -13.84 18.50
N HIS A 844 -18.21 -15.04 18.71
CA HIS A 844 -16.79 -15.22 18.95
C HIS A 844 -15.90 -14.69 17.83
N GLU A 845 -16.33 -14.88 16.59
CA GLU A 845 -15.56 -14.40 15.45
C GLU A 845 -15.58 -12.87 15.50
N LEU A 846 -16.74 -12.33 15.91
CA LEU A 846 -16.88 -10.88 16.03
C LEU A 846 -15.91 -10.35 17.07
N LEU A 847 -15.75 -11.06 18.18
CA LEU A 847 -14.84 -10.64 19.23
C LEU A 847 -13.41 -10.57 18.72
N THR A 848 -13.00 -11.60 18.00
CA THR A 848 -11.67 -11.63 17.44
C THR A 848 -11.55 -10.43 16.49
N GLU A 849 -12.59 -10.23 15.70
CA GLU A 849 -12.65 -9.10 14.77
C GLU A 849 -12.45 -7.81 15.56
N GLY A 850 -12.96 -7.80 16.79
CA GLY A 850 -12.84 -6.64 17.65
C GLY A 850 -11.46 -6.58 18.25
N ARG A 851 -10.59 -7.46 17.81
CA ARG A 851 -9.21 -7.49 18.30
C ARG A 851 -8.28 -7.25 17.12
N ARG A 852 -8.54 -7.94 16.01
CA ARG A 852 -7.75 -7.73 14.79
C ARG A 852 -8.14 -6.35 14.29
N SER A 853 -8.92 -5.64 15.08
CA SER A 853 -9.40 -4.30 14.73
C SER A 853 -8.38 -3.23 15.07
N LYS A 854 -8.35 -2.20 14.23
CA LYS A 854 -7.43 -1.08 14.39
C LYS A 854 -7.90 -0.12 15.46
N THR A 855 -9.21 0.11 15.50
CA THR A 855 -9.83 1.01 16.47
C THR A 855 -9.52 0.60 17.90
N ASN A 856 -9.24 1.60 18.73
CA ASN A 856 -8.90 1.36 20.12
C ASN A 856 -10.05 0.76 20.92
N LYS A 857 -11.12 1.54 21.07
CA LYS A 857 -12.31 1.11 21.80
C LYS A 857 -12.62 -0.33 21.45
N ALA A 858 -12.64 -0.63 20.16
CA ALA A 858 -12.93 -1.97 19.68
C ALA A 858 -12.00 -3.00 20.29
N LYS A 859 -10.69 -2.74 20.20
CA LYS A 859 -9.67 -3.65 20.71
C LYS A 859 -9.87 -4.02 22.19
N THR A 860 -9.60 -3.06 23.07
CA THR A 860 -9.74 -3.23 24.50
C THR A 860 -11.00 -4.00 24.91
N LEU A 861 -12.15 -3.46 24.52
CA LEU A 861 -13.42 -4.08 24.85
C LEU A 861 -13.56 -5.54 24.44
N ALA A 862 -12.96 -5.90 23.31
CA ALA A 862 -13.03 -7.29 22.84
C ALA A 862 -12.17 -8.12 23.79
N THR A 863 -10.97 -7.63 24.02
CA THR A 863 -9.99 -8.23 24.92
C THR A 863 -10.72 -8.60 26.19
N TRP A 864 -11.12 -7.55 26.91
CA TRP A 864 -11.84 -7.66 28.17
C TRP A 864 -12.96 -8.69 28.07
N ALA A 865 -13.89 -8.43 27.17
CA ALA A 865 -15.01 -9.33 26.98
C ALA A 865 -14.53 -10.78 26.91
N THR A 866 -13.42 -11.01 26.21
CA THR A 866 -12.88 -12.37 26.07
C THR A 866 -12.35 -12.92 27.39
N LYS A 867 -11.65 -12.11 28.16
CA LYS A 867 -11.13 -12.58 29.43
C LYS A 867 -12.29 -12.81 30.37
N GLU A 868 -13.30 -11.94 30.30
CA GLU A 868 -14.47 -12.06 31.13
C GLU A 868 -15.26 -13.30 30.79
N LEU A 869 -15.13 -13.75 29.55
CA LEU A 869 -15.84 -14.95 29.11
C LEU A 869 -15.03 -16.20 29.45
N ARG A 870 -13.72 -16.10 29.24
CA ARG A 870 -12.84 -17.22 29.53
C ARG A 870 -12.78 -17.44 31.03
N LYS A 871 -13.13 -16.42 31.80
CA LYS A 871 -13.11 -16.57 33.26
C LYS A 871 -14.28 -17.48 33.66
N LEU A 872 -15.43 -17.25 33.04
CA LEU A 872 -16.62 -18.04 33.32
C LEU A 872 -16.45 -19.48 32.87
N LYS A 873 -15.36 -19.74 32.16
CA LYS A 873 -15.07 -21.08 31.65
C LYS A 873 -14.69 -22.05 32.77
N ASN A 874 -13.75 -21.65 33.61
CA ASN A 874 -13.31 -22.51 34.71
C ASN A 874 -13.97 -22.15 36.04
N GLN A 875 -15.25 -21.78 35.99
CA GLN A 875 -15.96 -21.44 37.21
C GLN A 875 -16.74 -22.68 37.64
N ALA A 876 -16.91 -23.60 36.70
CA ALA A 876 -17.61 -24.85 36.94
C ALA A 876 -16.63 -25.96 37.28
N MET B 1 59.22 -43.28 -36.15
CA MET B 1 58.61 -43.22 -34.79
C MET B 1 57.10 -42.99 -34.90
N GLU B 2 56.40 -43.11 -33.77
CA GLU B 2 54.96 -42.89 -33.72
C GLU B 2 54.48 -42.32 -32.39
N LEU B 3 53.36 -41.61 -32.46
CA LEU B 3 52.73 -41.01 -31.29
C LEU B 3 51.27 -41.44 -31.31
N ILE B 4 51.00 -42.59 -31.93
CA ILE B 4 49.65 -43.13 -32.05
C ILE B 4 49.29 -44.11 -30.92
N THR B 5 50.12 -45.13 -30.72
CA THR B 5 49.88 -46.14 -29.70
C THR B 5 49.81 -45.60 -28.26
N ILE B 6 50.40 -44.43 -28.02
CA ILE B 6 50.41 -43.84 -26.69
C ILE B 6 48.99 -43.62 -26.14
N LEU B 7 47.99 -43.68 -27.01
CA LEU B 7 46.62 -43.46 -26.57
C LEU B 7 45.67 -44.64 -26.78
N GLU B 8 46.18 -45.74 -27.32
CA GLU B 8 45.37 -46.93 -27.53
C GLU B 8 45.23 -47.71 -26.23
N LYS B 9 45.23 -46.99 -25.10
CA LYS B 9 45.11 -47.59 -23.79
C LYS B 9 43.95 -47.00 -22.99
N THR B 10 43.26 -46.01 -23.57
CA THR B 10 42.13 -45.39 -22.90
C THR B 10 40.99 -46.38 -22.76
N VAL B 11 40.81 -47.20 -23.78
CA VAL B 11 39.77 -48.23 -23.78
C VAL B 11 40.45 -49.57 -23.49
N SER B 12 40.63 -50.38 -24.53
CA SER B 12 41.30 -51.69 -24.41
C SER B 12 40.80 -52.53 -23.24
N PRO B 13 40.08 -53.64 -23.53
CA PRO B 13 39.55 -54.54 -22.50
C PRO B 13 40.57 -55.43 -21.79
N ASP B 14 41.83 -55.40 -22.24
CA ASP B 14 42.89 -56.22 -21.67
C ASP B 14 43.19 -55.93 -20.20
N ARG B 15 43.51 -56.97 -19.44
CA ARG B 15 43.82 -56.86 -18.02
C ARG B 15 45.01 -55.93 -17.79
N LEU B 16 46.20 -56.38 -18.13
CA LEU B 16 47.43 -55.59 -17.97
C LEU B 16 47.55 -54.55 -19.09
N GLU B 17 46.54 -53.70 -19.21
CA GLU B 17 46.51 -52.64 -20.22
C GLU B 17 45.35 -51.69 -19.95
N LEU B 18 44.16 -52.26 -19.71
CA LEU B 18 42.98 -51.45 -19.43
C LEU B 18 43.28 -50.56 -18.23
N GLU B 19 43.91 -51.17 -17.22
CA GLU B 19 44.26 -50.46 -16.00
C GLU B 19 45.69 -49.92 -16.09
N ALA B 20 46.20 -49.80 -17.31
CA ALA B 20 47.54 -49.29 -17.53
C ALA B 20 47.46 -47.80 -17.84
N ALA B 21 46.32 -47.38 -18.39
CA ALA B 21 46.08 -45.98 -18.72
C ALA B 21 44.86 -45.49 -17.94
N GLN B 22 44.41 -46.30 -16.98
CA GLN B 22 43.26 -45.95 -16.14
C GLN B 22 43.70 -44.93 -15.10
N LYS B 23 44.87 -45.16 -14.50
CA LYS B 23 45.42 -44.26 -13.50
C LYS B 23 46.33 -43.27 -14.22
N PHE B 24 46.87 -43.71 -15.36
CA PHE B 24 47.77 -42.91 -16.18
C PHE B 24 47.06 -41.69 -16.76
N LEU B 25 45.81 -41.88 -17.18
CA LEU B 25 45.02 -40.80 -17.76
C LEU B 25 44.55 -39.78 -16.71
N GLU B 26 45.33 -39.64 -15.64
CA GLU B 26 45.02 -38.68 -14.58
C GLU B 26 46.19 -37.69 -14.52
N ARG B 27 46.96 -37.61 -15.63
CA ARG B 27 48.23 -36.82 -15.78
C ARG B 27 48.13 -35.44 -16.50
N ALA B 28 48.06 -35.40 -17.87
CA ALA B 28 47.90 -34.20 -18.74
C ALA B 28 48.63 -32.90 -18.33
N ALA B 29 49.08 -32.89 -17.05
CA ALA B 29 49.88 -31.82 -16.48
C ALA B 29 51.23 -31.94 -17.17
N VAL B 30 51.18 -32.06 -18.49
CA VAL B 30 52.35 -32.22 -19.33
C VAL B 30 52.73 -30.92 -20.05
N GLU B 31 53.93 -30.90 -20.62
CA GLU B 31 54.42 -29.74 -21.36
C GLU B 31 54.32 -30.10 -22.84
N ASN B 32 54.14 -31.40 -23.09
CA ASN B 32 54.01 -31.92 -24.45
C ASN B 32 52.55 -31.75 -24.86
N LEU B 33 51.65 -31.86 -23.88
CA LEU B 33 50.22 -31.72 -24.11
C LEU B 33 49.86 -30.32 -24.59
N PRO B 34 50.46 -29.27 -23.99
CA PRO B 34 50.17 -27.88 -24.39
C PRO B 34 50.33 -27.65 -25.89
N THR B 35 50.79 -28.66 -26.61
CA THR B 35 50.97 -28.60 -28.06
C THR B 35 50.83 -30.01 -28.63
N PHE B 36 50.33 -30.92 -27.80
CA PHE B 36 50.12 -32.31 -28.19
C PHE B 36 48.83 -32.46 -28.98
N LEU B 37 47.73 -31.96 -28.42
CA LEU B 37 46.44 -32.03 -29.09
C LEU B 37 46.54 -31.19 -30.35
N VAL B 38 47.66 -30.48 -30.46
CA VAL B 38 47.95 -29.63 -31.61
C VAL B 38 48.41 -30.59 -32.70
N GLU B 39 48.70 -31.82 -32.28
CA GLU B 39 49.15 -32.88 -33.16
C GLU B 39 48.09 -33.98 -33.22
N LEU B 40 47.39 -34.20 -32.12
CA LEU B 40 46.36 -35.23 -32.08
C LEU B 40 45.26 -34.78 -33.04
N SER B 41 45.15 -33.47 -33.23
CA SER B 41 44.15 -32.92 -34.14
C SER B 41 44.34 -33.57 -35.51
N ARG B 42 45.54 -34.09 -35.75
CA ARG B 42 45.84 -34.78 -37.01
C ARG B 42 45.07 -36.10 -36.99
N VAL B 43 44.90 -36.63 -35.78
CA VAL B 43 44.20 -37.89 -35.59
C VAL B 43 42.69 -37.71 -35.68
N LEU B 44 42.15 -36.82 -34.87
CA LEU B 44 40.71 -36.54 -34.84
C LEU B 44 40.24 -35.90 -36.14
N ALA B 45 41.03 -36.02 -37.20
CA ALA B 45 40.69 -35.45 -38.49
C ALA B 45 40.59 -36.54 -39.55
N ASN B 46 40.15 -37.72 -39.15
CA ASN B 46 40.01 -38.84 -40.07
C ASN B 46 38.80 -39.71 -39.71
N PRO B 47 38.12 -40.26 -40.73
CA PRO B 47 36.93 -41.11 -40.56
C PRO B 47 37.15 -42.43 -39.80
N GLY B 48 38.21 -43.16 -40.15
CA GLY B 48 38.47 -44.44 -39.51
C GLY B 48 39.37 -44.43 -38.29
N ASN B 49 38.86 -43.90 -37.18
CA ASN B 49 39.62 -43.85 -35.94
C ASN B 49 38.91 -44.69 -34.87
N SER B 50 39.54 -44.81 -33.71
CA SER B 50 38.94 -45.57 -32.62
C SER B 50 37.90 -44.66 -31.99
N GLN B 51 36.66 -44.80 -32.44
CA GLN B 51 35.56 -43.99 -31.94
C GLN B 51 35.55 -44.00 -30.40
N VAL B 52 34.81 -43.09 -29.85
CA VAL B 52 34.66 -42.94 -28.41
C VAL B 52 35.99 -42.63 -27.75
N ALA B 53 37.09 -42.73 -28.47
CA ALA B 53 38.30 -42.29 -27.85
C ALA B 53 38.49 -40.87 -28.33
N ARG B 54 38.22 -40.62 -29.60
CA ARG B 54 38.35 -39.30 -30.19
C ARG B 54 37.64 -38.30 -29.30
N VAL B 55 36.48 -38.71 -28.79
CA VAL B 55 35.68 -37.86 -27.92
C VAL B 55 36.48 -37.57 -26.66
N ALA B 56 37.19 -38.59 -26.16
CA ALA B 56 38.00 -38.45 -24.96
C ALA B 56 39.21 -37.56 -25.23
N ALA B 57 39.38 -37.17 -26.49
CA ALA B 57 40.49 -36.31 -26.89
C ALA B 57 39.99 -34.88 -26.95
N GLY B 58 38.73 -34.72 -27.35
CA GLY B 58 38.14 -33.40 -27.42
C GLY B 58 37.72 -32.93 -26.05
N LEU B 59 37.52 -33.89 -25.13
CA LEU B 59 37.11 -33.59 -23.76
C LEU B 59 38.29 -33.02 -22.97
N GLN B 60 39.50 -33.29 -23.46
CA GLN B 60 40.70 -32.82 -22.80
C GLN B 60 40.93 -31.36 -23.13
N ILE B 61 40.50 -30.96 -24.32
CA ILE B 61 40.64 -29.60 -24.79
C ILE B 61 39.70 -28.65 -24.03
N LYS B 62 38.48 -29.13 -23.77
CA LYS B 62 37.45 -28.38 -23.06
C LYS B 62 37.63 -28.46 -21.54
N ASN B 63 36.79 -29.26 -20.90
CA ASN B 63 36.79 -29.49 -19.45
C ASN B 63 37.13 -28.28 -18.58
N SER B 64 36.43 -27.16 -18.82
CA SER B 64 36.68 -25.94 -18.05
C SER B 64 35.56 -25.66 -17.05
N LEU B 65 34.31 -25.82 -17.50
CA LEU B 65 33.16 -25.57 -16.65
C LEU B 65 32.44 -26.85 -16.26
N THR B 66 33.02 -27.99 -16.62
CA THR B 66 32.44 -29.29 -16.32
C THR B 66 32.22 -29.44 -14.81
N SER B 67 32.85 -28.50 -14.04
CA SER B 67 32.74 -28.33 -12.59
C SER B 67 33.13 -26.88 -12.28
N LYS B 68 32.22 -26.19 -11.56
CA LYS B 68 32.22 -24.76 -11.17
C LYS B 68 33.02 -23.86 -12.12
N ASP B 69 32.33 -23.46 -13.16
CA ASP B 69 32.88 -22.64 -14.19
C ASP B 69 33.39 -21.27 -13.78
N PRO B 70 32.88 -20.73 -12.65
CA PRO B 70 33.22 -19.33 -12.18
C PRO B 70 34.64 -18.74 -12.14
N ASP B 71 35.62 -19.50 -11.70
CA ASP B 71 37.00 -19.06 -11.59
C ASP B 71 37.92 -19.73 -12.64
N ILE B 72 38.04 -21.05 -12.54
CA ILE B 72 38.91 -21.89 -13.40
C ILE B 72 38.91 -21.48 -14.88
N LYS B 73 37.87 -20.81 -15.36
CA LYS B 73 37.80 -20.42 -16.76
C LYS B 73 38.80 -19.33 -17.15
N ALA B 74 38.79 -18.22 -16.42
CA ALA B 74 39.69 -17.10 -16.70
C ALA B 74 41.14 -17.57 -16.56
N GLN B 75 41.31 -18.87 -16.35
CA GLN B 75 42.62 -19.49 -16.19
C GLN B 75 42.97 -20.24 -17.48
N TYR B 76 42.25 -21.34 -17.72
CA TYR B 76 42.47 -22.15 -18.91
C TYR B 76 42.59 -21.28 -20.16
N GLN B 77 41.73 -20.26 -20.24
CA GLN B 77 41.75 -19.37 -21.39
C GLN B 77 43.04 -18.58 -21.41
N GLN B 78 43.51 -18.17 -20.23
CA GLN B 78 44.75 -17.42 -20.13
C GLN B 78 45.95 -18.34 -20.33
N ARG B 79 45.78 -19.60 -19.93
CA ARG B 79 46.83 -20.60 -20.07
C ARG B 79 46.98 -20.96 -21.54
N TRP B 80 45.89 -20.79 -22.29
CA TRP B 80 45.88 -21.08 -23.71
C TRP B 80 46.53 -19.96 -24.51
N LEU B 81 46.07 -18.74 -24.27
CA LEU B 81 46.58 -17.56 -24.94
C LEU B 81 48.11 -17.45 -24.92
N ALA B 82 48.72 -18.13 -23.95
CA ALA B 82 50.17 -18.08 -23.82
C ALA B 82 50.88 -19.20 -24.59
N ILE B 83 50.13 -19.94 -25.39
CA ILE B 83 50.70 -21.04 -26.18
C ILE B 83 51.25 -20.59 -27.53
N ASP B 84 52.20 -21.36 -28.05
CA ASP B 84 52.86 -21.06 -29.34
C ASP B 84 51.85 -20.68 -30.42
N ALA B 85 51.88 -19.40 -30.81
CA ALA B 85 50.98 -18.87 -31.83
C ALA B 85 51.05 -19.64 -33.15
N ASN B 86 52.22 -20.17 -33.47
CA ASN B 86 52.41 -20.93 -34.71
C ASN B 86 51.85 -22.34 -34.54
N ALA B 87 51.82 -22.81 -33.29
CA ALA B 87 51.33 -24.15 -32.98
C ALA B 87 49.81 -24.27 -33.10
N ARG B 88 49.11 -23.34 -32.50
CA ARG B 88 47.66 -23.33 -32.50
C ARG B 88 47.05 -23.10 -33.88
N ARG B 89 47.89 -22.92 -34.90
CA ARG B 89 47.39 -22.69 -36.25
C ARG B 89 47.03 -24.02 -36.90
N GLU B 90 47.43 -25.13 -36.27
CA GLU B 90 47.15 -26.46 -36.79
C GLU B 90 45.93 -27.06 -36.10
N VAL B 91 45.81 -26.85 -34.78
CA VAL B 91 44.68 -27.35 -34.02
C VAL B 91 43.46 -26.70 -34.66
N LYS B 92 43.51 -25.37 -34.73
CA LYS B 92 42.46 -24.56 -35.30
C LYS B 92 42.36 -24.74 -36.82
N ASN B 93 43.27 -25.54 -37.38
CA ASN B 93 43.26 -25.78 -38.82
C ASN B 93 42.78 -27.19 -39.12
N TYR B 94 42.97 -28.10 -38.17
CA TYR B 94 42.55 -29.48 -38.32
C TYR B 94 41.19 -29.76 -37.73
N VAL B 95 40.93 -29.24 -36.54
CA VAL B 95 39.63 -29.45 -35.89
C VAL B 95 38.54 -28.82 -36.77
N LEU B 96 38.75 -27.58 -37.19
CA LEU B 96 37.79 -26.87 -38.04
C LEU B 96 37.68 -27.48 -39.45
N GLN B 97 38.15 -28.72 -39.58
CA GLN B 97 38.10 -29.44 -40.85
C GLN B 97 37.47 -30.79 -40.60
N THR B 98 37.47 -31.19 -39.33
CA THR B 98 36.90 -32.46 -38.87
C THR B 98 35.40 -32.53 -39.16
N LEU B 99 34.66 -31.59 -38.59
CA LEU B 99 33.22 -31.51 -38.75
C LEU B 99 32.75 -32.05 -40.09
N GLY B 100 31.75 -32.92 -40.05
CA GLY B 100 31.21 -33.49 -41.27
C GLY B 100 31.87 -34.83 -41.53
N THR B 101 32.54 -35.35 -40.50
CA THR B 101 33.21 -36.65 -40.61
C THR B 101 32.89 -37.57 -39.44
N GLU B 102 32.49 -37.01 -38.31
CA GLU B 102 32.14 -37.82 -37.14
C GLU B 102 30.76 -38.44 -37.36
N THR B 103 30.71 -39.75 -37.62
CA THR B 103 29.44 -40.44 -37.84
C THR B 103 28.65 -40.50 -36.54
N TYR B 104 29.35 -40.38 -35.43
CA TYR B 104 28.70 -40.38 -34.12
C TYR B 104 27.63 -39.28 -34.16
N ARG B 105 26.57 -39.44 -33.35
CA ARG B 105 25.48 -38.47 -33.35
C ARG B 105 25.90 -37.01 -33.07
N PRO B 106 26.09 -36.60 -31.80
CA PRO B 106 26.48 -35.20 -31.61
C PRO B 106 28.00 -34.97 -31.71
N SER B 107 28.40 -34.15 -32.67
CA SER B 107 29.81 -33.84 -32.89
C SER B 107 30.55 -33.55 -31.59
N SER B 108 31.77 -34.04 -31.48
CA SER B 108 32.59 -33.83 -30.29
C SER B 108 33.57 -32.69 -30.53
N ALA B 109 33.99 -32.55 -31.78
CA ALA B 109 34.92 -31.49 -32.17
C ALA B 109 34.30 -30.13 -31.90
N SER B 110 32.99 -30.04 -32.06
CA SER B 110 32.23 -28.81 -31.83
C SER B 110 32.59 -28.25 -30.46
N GLN B 111 32.54 -29.12 -29.45
CA GLN B 111 32.85 -28.72 -28.07
C GLN B 111 34.15 -27.94 -28.04
N CYS B 112 35.10 -28.35 -28.87
CA CYS B 112 36.42 -27.72 -28.95
C CYS B 112 36.35 -26.38 -29.67
N VAL B 113 35.91 -26.41 -30.92
CA VAL B 113 35.79 -25.20 -31.72
C VAL B 113 35.23 -24.07 -30.86
N ALA B 114 34.16 -24.37 -30.15
CA ALA B 114 33.52 -23.39 -29.28
C ALA B 114 34.44 -23.04 -28.12
N GLY B 115 35.04 -24.05 -27.51
CA GLY B 115 35.95 -23.81 -26.41
C GLY B 115 37.01 -22.80 -26.81
N ILE B 116 37.80 -23.16 -27.82
CA ILE B 116 38.86 -22.29 -28.31
C ILE B 116 38.34 -20.88 -28.56
N ALA B 117 37.43 -20.76 -29.52
CA ALA B 117 36.86 -19.48 -29.89
C ALA B 117 36.47 -18.59 -28.70
N CYS B 118 36.17 -19.20 -27.57
CA CYS B 118 35.81 -18.43 -26.39
C CYS B 118 36.98 -17.64 -25.83
N ALA B 119 38.20 -18.11 -26.10
CA ALA B 119 39.41 -17.46 -25.61
C ALA B 119 40.10 -16.69 -26.73
N GLU B 120 39.86 -17.12 -27.97
CA GLU B 120 40.46 -16.48 -29.13
C GLU B 120 39.65 -15.31 -29.67
N ILE B 121 38.43 -15.60 -30.11
CA ILE B 121 37.54 -14.58 -30.65
C ILE B 121 37.51 -13.29 -29.83
N PRO B 122 37.50 -13.41 -28.49
CA PRO B 122 37.48 -12.19 -27.66
C PRO B 122 38.66 -11.29 -27.99
N VAL B 123 39.82 -11.90 -28.16
CA VAL B 123 41.05 -11.18 -28.47
C VAL B 123 41.26 -11.22 -29.99
N SER B 124 40.17 -11.41 -30.74
CA SER B 124 40.23 -11.47 -32.19
C SER B 124 41.51 -12.18 -32.64
N GLN B 125 41.51 -13.50 -32.54
CA GLN B 125 42.68 -14.28 -32.92
C GLN B 125 42.35 -15.32 -34.00
N TRP B 126 41.08 -15.71 -34.11
CA TRP B 126 40.68 -16.70 -35.10
C TRP B 126 39.67 -16.14 -36.10
N PRO B 127 39.88 -14.89 -36.60
CA PRO B 127 38.93 -14.34 -37.57
C PRO B 127 38.92 -15.07 -38.91
N GLU B 128 38.71 -16.37 -38.87
CA GLU B 128 38.69 -17.19 -40.08
C GLU B 128 37.57 -18.22 -39.89
N LEU B 129 37.24 -18.44 -38.63
CA LEU B 129 36.21 -19.40 -38.21
C LEU B 129 34.80 -18.98 -38.64
N ILE B 130 34.29 -17.96 -37.97
CA ILE B 130 32.96 -17.44 -38.24
C ILE B 130 32.58 -17.49 -39.72
N PRO B 131 33.46 -16.98 -40.61
CA PRO B 131 33.15 -17.00 -42.05
C PRO B 131 32.95 -18.40 -42.61
N GLN B 132 33.78 -19.34 -42.15
CA GLN B 132 33.71 -20.73 -42.60
C GLN B 132 32.40 -21.40 -42.21
N LEU B 133 32.16 -21.50 -40.91
CA LEU B 133 30.96 -22.15 -40.38
C LEU B 133 29.67 -21.82 -41.14
N VAL B 134 29.57 -20.59 -41.63
CA VAL B 134 28.38 -20.21 -42.38
C VAL B 134 28.41 -20.89 -43.73
N ALA B 135 29.57 -20.81 -44.39
CA ALA B 135 29.77 -21.42 -45.70
C ALA B 135 29.17 -22.81 -45.78
N ASN B 136 29.46 -23.64 -44.77
CA ASN B 136 28.95 -25.00 -44.72
C ASN B 136 27.43 -25.06 -44.70
N VAL B 137 26.85 -24.51 -43.63
CA VAL B 137 25.40 -24.49 -43.44
C VAL B 137 24.63 -23.85 -44.58
N THR B 138 25.26 -22.90 -45.26
CA THR B 138 24.63 -22.21 -46.37
C THR B 138 24.87 -22.92 -47.70
N ASN B 139 26.10 -23.43 -47.87
CA ASN B 139 26.50 -24.15 -49.09
C ASN B 139 25.45 -25.19 -49.46
N PRO B 140 24.58 -24.88 -50.44
CA PRO B 140 23.53 -25.81 -50.87
C PRO B 140 24.02 -27.25 -51.12
N ASN B 141 25.32 -27.43 -51.19
CA ASN B 141 25.90 -28.77 -51.42
C ASN B 141 26.92 -29.18 -50.37
N SER B 142 26.46 -29.33 -49.14
CA SER B 142 27.31 -29.76 -48.05
C SER B 142 26.69 -31.04 -47.51
N THR B 143 27.52 -31.94 -47.03
CA THR B 143 27.00 -33.20 -46.49
C THR B 143 26.09 -32.96 -45.29
N GLU B 144 25.08 -33.82 -45.13
CA GLU B 144 24.15 -33.71 -44.02
C GLU B 144 24.88 -33.78 -42.68
N HIS B 145 26.15 -34.16 -42.71
CA HIS B 145 26.93 -34.26 -41.49
C HIS B 145 27.77 -33.02 -41.21
N MET B 146 28.09 -32.27 -42.25
CA MET B 146 28.88 -31.05 -42.08
C MET B 146 27.96 -29.99 -41.44
N LYS B 147 26.80 -29.79 -42.06
CA LYS B 147 25.82 -28.83 -41.58
C LYS B 147 25.47 -29.14 -40.14
N GLU B 148 25.04 -30.37 -39.90
CA GLU B 148 24.68 -30.82 -38.57
C GLU B 148 25.81 -30.52 -37.59
N SER B 149 27.05 -30.79 -38.00
CA SER B 149 28.23 -30.54 -37.18
C SER B 149 28.50 -29.06 -36.98
N THR B 150 28.41 -28.29 -38.07
CA THR B 150 28.63 -26.86 -38.02
C THR B 150 27.59 -26.20 -37.11
N LEU B 151 26.31 -26.51 -37.36
CA LEU B 151 25.23 -25.97 -36.55
C LEU B 151 25.51 -26.23 -35.07
N GLU B 152 25.75 -27.50 -34.72
CA GLU B 152 26.05 -27.89 -33.35
C GLU B 152 27.07 -26.97 -32.71
N ALA B 153 28.21 -26.81 -33.38
CA ALA B 153 29.30 -25.95 -32.90
C ALA B 153 28.89 -24.48 -32.70
N ILE B 154 28.25 -23.90 -33.72
CA ILE B 154 27.79 -22.52 -33.67
C ILE B 154 27.10 -22.21 -32.35
N GLY B 155 26.11 -23.03 -32.01
CA GLY B 155 25.38 -22.83 -30.77
C GLY B 155 26.28 -22.65 -29.56
N TYR B 156 27.04 -23.68 -29.20
CA TYR B 156 27.94 -23.62 -28.06
C TYR B 156 28.78 -22.37 -28.13
N ILE B 157 28.99 -21.87 -29.33
CA ILE B 157 29.79 -20.67 -29.48
C ILE B 157 29.00 -19.46 -28.97
N CYS B 158 27.82 -19.26 -29.51
CA CYS B 158 26.96 -18.14 -29.14
C CYS B 158 26.36 -18.20 -27.73
N GLN B 159 26.60 -19.29 -27.01
CA GLN B 159 26.05 -19.44 -25.68
C GLN B 159 26.97 -18.91 -24.57
N ASP B 160 28.27 -19.13 -24.72
CA ASP B 160 29.25 -18.72 -23.72
C ASP B 160 30.04 -17.45 -24.05
N ILE B 161 29.71 -16.83 -25.19
CA ILE B 161 30.39 -15.62 -25.64
C ILE B 161 29.47 -14.39 -25.65
N ASP B 162 29.98 -13.26 -25.18
CA ASP B 162 29.19 -12.04 -25.16
C ASP B 162 29.14 -11.44 -26.54
N PRO B 163 27.94 -11.05 -27.00
CA PRO B 163 27.70 -10.45 -28.32
C PRO B 163 28.54 -9.21 -28.60
N GLU B 164 28.97 -8.54 -27.53
CA GLU B 164 29.77 -7.33 -27.63
C GLU B 164 31.00 -7.55 -28.51
N GLN B 165 31.56 -8.76 -28.44
CA GLN B 165 32.75 -9.13 -29.21
C GLN B 165 32.38 -9.81 -30.52
N LEU B 166 31.17 -10.36 -30.59
CA LEU B 166 30.73 -11.04 -31.79
C LEU B 166 29.52 -10.35 -32.43
N GLN B 167 29.55 -9.03 -32.47
CA GLN B 167 28.48 -8.26 -33.09
C GLN B 167 28.51 -8.59 -34.56
N ASP B 168 29.73 -8.83 -35.06
CA ASP B 168 29.99 -9.17 -36.45
C ASP B 168 29.04 -10.26 -36.94
N LYS B 169 28.42 -10.01 -38.09
CA LYS B 169 27.50 -10.95 -38.72
C LYS B 169 26.59 -11.75 -37.79
N SER B 170 26.06 -11.10 -36.75
CA SER B 170 25.14 -11.76 -35.83
C SER B 170 23.95 -12.18 -36.70
N ASN B 171 24.06 -11.81 -37.97
CA ASN B 171 23.06 -12.10 -38.99
C ASN B 171 23.49 -13.33 -39.75
N GLU B 172 24.75 -13.36 -40.16
CA GLU B 172 25.23 -14.52 -40.88
C GLU B 172 25.08 -15.75 -40.00
N ILE B 173 25.06 -15.54 -38.68
CA ILE B 173 24.91 -16.62 -37.74
C ILE B 173 23.45 -17.05 -37.55
N LEU B 174 22.58 -16.08 -37.28
CA LEU B 174 21.16 -16.38 -37.11
C LEU B 174 20.57 -16.89 -38.43
N THR B 175 21.05 -16.32 -39.55
CA THR B 175 20.58 -16.72 -40.89
C THR B 175 20.91 -18.17 -41.14
N ALA B 176 22.02 -18.62 -40.57
CA ALA B 176 22.47 -19.99 -40.70
C ALA B 176 21.42 -20.86 -40.04
N ILE B 177 21.32 -20.68 -38.74
CA ILE B 177 20.39 -21.44 -37.92
C ILE B 177 18.97 -21.49 -38.42
N ILE B 178 18.38 -20.33 -38.70
CA ILE B 178 16.99 -20.32 -39.16
C ILE B 178 16.80 -21.08 -40.47
N GLN B 179 17.87 -21.19 -41.25
CA GLN B 179 17.78 -21.90 -42.52
C GLN B 179 17.81 -23.41 -42.21
N GLY B 180 18.58 -23.79 -41.21
CA GLY B 180 18.67 -25.20 -40.84
C GLY B 180 17.38 -25.63 -40.17
N MET B 181 16.49 -24.68 -39.97
CA MET B 181 15.22 -24.93 -39.30
C MET B 181 14.06 -24.81 -40.27
N ARG B 182 14.32 -24.23 -41.44
CA ARG B 182 13.29 -24.04 -42.47
C ARG B 182 12.50 -25.33 -42.72
N LYS B 183 11.26 -25.17 -43.17
CA LYS B 183 10.41 -26.32 -43.44
C LYS B 183 11.01 -27.20 -44.55
N GLU B 184 11.97 -26.63 -45.28
CA GLU B 184 12.67 -27.33 -46.36
C GLU B 184 13.56 -28.42 -45.79
N GLU B 185 14.76 -28.01 -45.39
CA GLU B 185 15.76 -28.91 -44.82
C GLU B 185 15.18 -30.30 -44.57
N PRO B 186 15.47 -31.25 -45.48
CA PRO B 186 14.98 -32.63 -45.36
C PRO B 186 15.58 -33.43 -44.21
N SER B 187 16.66 -32.93 -43.64
CA SER B 187 17.31 -33.64 -42.56
C SER B 187 16.83 -33.19 -41.17
N ASN B 188 15.98 -34.00 -40.54
CA ASN B 188 15.49 -33.65 -39.22
C ASN B 188 16.64 -33.62 -38.22
N ASN B 189 17.75 -34.27 -38.55
CA ASN B 189 18.90 -34.28 -37.66
C ASN B 189 19.56 -32.93 -37.75
N VAL B 190 19.27 -32.26 -38.86
CA VAL B 190 19.78 -30.93 -39.12
C VAL B 190 18.80 -29.98 -38.44
N LYS B 191 17.52 -30.32 -38.55
CA LYS B 191 16.51 -29.50 -37.90
C LYS B 191 16.81 -29.50 -36.41
N LEU B 192 16.98 -30.67 -35.81
CA LEU B 192 17.29 -30.71 -34.40
C LEU B 192 18.50 -29.86 -34.17
N ALA B 193 19.58 -30.17 -34.88
CA ALA B 193 20.84 -29.45 -34.76
C ALA B 193 20.59 -27.96 -34.67
N ALA B 194 19.82 -27.46 -35.61
CA ALA B 194 19.48 -26.04 -35.68
C ALA B 194 18.71 -25.60 -34.43
N THR B 195 17.53 -26.17 -34.23
CA THR B 195 16.71 -25.80 -33.09
C THR B 195 17.50 -25.71 -31.78
N ASN B 196 18.29 -26.73 -31.45
CA ASN B 196 19.07 -26.67 -30.21
C ASN B 196 20.01 -25.49 -30.34
N ALA B 197 20.46 -25.26 -31.57
CA ALA B 197 21.38 -24.17 -31.81
C ALA B 197 20.68 -22.87 -31.48
N LEU B 198 19.46 -22.70 -31.98
CA LEU B 198 18.68 -21.50 -31.70
C LEU B 198 18.48 -21.37 -30.19
N LEU B 199 18.16 -22.48 -29.55
CA LEU B 199 17.94 -22.49 -28.10
C LEU B 199 19.09 -21.90 -27.33
N ASN B 200 20.31 -22.11 -27.81
CA ASN B 200 21.50 -21.61 -27.14
C ASN B 200 21.77 -20.15 -27.47
N SER B 201 21.28 -19.70 -28.62
CA SER B 201 21.52 -18.34 -29.07
C SER B 201 20.47 -17.31 -28.72
N LEU B 202 19.44 -17.68 -27.98
CA LEU B 202 18.38 -16.74 -27.65
C LEU B 202 18.81 -15.52 -26.84
N GLU B 203 19.85 -15.67 -26.02
CA GLU B 203 20.37 -14.58 -25.21
C GLU B 203 21.26 -13.74 -26.11
N PHE B 204 22.10 -14.43 -26.87
CA PHE B 204 23.01 -13.79 -27.81
C PHE B 204 22.23 -13.03 -28.89
N THR B 205 20.94 -13.34 -29.06
CA THR B 205 20.18 -12.67 -30.09
C THR B 205 19.23 -11.59 -29.58
N LYS B 206 19.51 -11.08 -28.38
CA LYS B 206 18.69 -10.02 -27.79
C LYS B 206 18.53 -8.92 -28.83
N ALA B 207 19.66 -8.49 -29.38
CA ALA B 207 19.69 -7.44 -30.39
C ALA B 207 18.74 -7.71 -31.56
N ASN B 208 18.42 -8.97 -31.79
CA ASN B 208 17.53 -9.34 -32.88
C ASN B 208 16.06 -9.38 -32.47
N PHE B 209 15.78 -9.83 -31.25
CA PHE B 209 14.40 -9.89 -30.82
C PHE B 209 13.81 -8.51 -30.56
N ASP B 210 14.69 -7.55 -30.27
CA ASP B 210 14.20 -6.20 -30.05
C ASP B 210 13.71 -5.65 -31.38
N LYS B 211 14.49 -5.92 -32.44
CA LYS B 211 14.16 -5.48 -33.81
C LYS B 211 12.91 -6.16 -34.38
N GLU B 212 11.77 -5.48 -34.25
CA GLU B 212 10.47 -5.97 -34.70
C GLU B 212 10.47 -7.01 -35.80
N SER B 213 10.47 -6.56 -37.05
CA SER B 213 10.43 -7.48 -38.20
C SER B 213 11.29 -8.73 -38.03
N GLU B 214 12.53 -8.57 -37.59
CA GLU B 214 13.39 -9.73 -37.38
C GLU B 214 12.74 -10.72 -36.42
N ARG B 215 12.29 -10.24 -35.25
CA ARG B 215 11.64 -11.11 -34.28
C ARG B 215 10.54 -11.90 -34.95
N HIS B 216 9.60 -11.17 -35.55
CA HIS B 216 8.48 -11.77 -36.24
C HIS B 216 8.88 -13.02 -37.02
N PHE B 217 9.93 -12.89 -37.83
CA PHE B 217 10.38 -13.98 -38.68
C PHE B 217 10.71 -15.18 -37.81
N ILE B 218 11.62 -14.97 -36.85
CA ILE B 218 12.03 -16.01 -35.91
C ILE B 218 10.82 -16.70 -35.26
N MET B 219 9.96 -15.93 -34.62
CA MET B 219 8.78 -16.50 -33.99
C MET B 219 7.98 -17.37 -34.94
N GLN B 220 7.96 -16.97 -36.22
CA GLN B 220 7.22 -17.70 -37.25
C GLN B 220 7.84 -19.07 -37.59
N VAL B 221 9.17 -19.10 -37.65
CA VAL B 221 9.88 -20.34 -37.95
C VAL B 221 9.73 -21.28 -36.77
N VAL B 222 10.10 -20.80 -35.58
CA VAL B 222 10.02 -21.62 -34.38
C VAL B 222 8.62 -22.18 -34.28
N CYS B 223 7.68 -21.47 -34.90
CA CYS B 223 6.30 -21.91 -34.86
C CYS B 223 5.98 -23.03 -35.82
N GLU B 224 6.63 -23.04 -36.98
CA GLU B 224 6.39 -24.13 -37.93
C GLU B 224 7.01 -25.38 -37.31
N ALA B 225 8.21 -25.20 -36.77
CA ALA B 225 8.98 -26.27 -36.14
C ALA B 225 8.20 -27.13 -35.14
N THR B 226 7.28 -26.51 -34.41
CA THR B 226 6.50 -27.22 -33.41
C THR B 226 5.45 -28.12 -34.04
N GLN B 227 5.33 -28.03 -35.36
CA GLN B 227 4.37 -28.84 -36.09
C GLN B 227 5.06 -30.01 -36.79
N CYS B 228 6.38 -29.95 -36.88
CA CYS B 228 7.18 -31.00 -37.52
C CYS B 228 6.76 -32.38 -37.03
N PRO B 229 6.65 -33.34 -37.96
CA PRO B 229 6.28 -34.73 -37.69
C PRO B 229 7.25 -35.49 -36.79
N ASP B 230 8.52 -35.09 -36.80
CA ASP B 230 9.53 -35.73 -35.97
C ASP B 230 9.30 -35.12 -34.59
N THR B 231 9.45 -35.93 -33.54
CA THR B 231 9.24 -35.41 -32.21
C THR B 231 10.48 -34.81 -31.54
N ARG B 232 11.66 -35.36 -31.80
CA ARG B 232 12.87 -34.80 -31.20
C ARG B 232 12.99 -33.34 -31.60
N VAL B 233 12.22 -32.94 -32.62
CA VAL B 233 12.24 -31.56 -33.09
C VAL B 233 11.15 -30.78 -32.34
N ARG B 234 9.92 -31.28 -32.38
CA ARG B 234 8.81 -30.64 -31.67
C ARG B 234 9.34 -30.22 -30.29
N VAL B 235 9.90 -31.19 -29.59
CA VAL B 235 10.43 -30.98 -28.25
C VAL B 235 11.53 -29.94 -28.16
N ALA B 236 12.27 -29.73 -29.23
CA ALA B 236 13.32 -28.71 -29.18
C ALA B 236 12.76 -27.37 -29.58
N ALA B 237 11.67 -27.41 -30.36
CA ALA B 237 10.99 -26.19 -30.79
C ALA B 237 10.27 -25.55 -29.61
N LEU B 238 9.57 -26.37 -28.83
CA LEU B 238 8.84 -25.88 -27.67
C LEU B 238 9.83 -25.27 -26.70
N GLN B 239 10.88 -26.02 -26.39
CA GLN B 239 11.91 -25.55 -25.48
C GLN B 239 12.20 -24.11 -25.84
N ASN B 240 12.28 -23.83 -27.14
CA ASN B 240 12.54 -22.48 -27.59
C ASN B 240 11.41 -21.57 -27.13
N LEU B 241 10.18 -21.97 -27.41
CA LEU B 241 9.04 -21.16 -27.00
C LEU B 241 9.05 -20.94 -25.49
N VAL B 242 9.35 -22.00 -24.74
CA VAL B 242 9.38 -21.87 -23.29
C VAL B 242 10.39 -20.82 -22.84
N LYS B 243 11.57 -20.90 -23.42
CA LYS B 243 12.65 -19.98 -23.11
C LYS B 243 12.36 -18.58 -23.58
N ILE B 244 11.60 -18.44 -24.67
CA ILE B 244 11.30 -17.11 -25.17
C ILE B 244 10.23 -16.42 -24.36
N MET B 245 9.36 -17.20 -23.72
CA MET B 245 8.31 -16.60 -22.89
C MET B 245 9.03 -15.99 -21.69
N SER B 246 10.06 -16.68 -21.23
CA SER B 246 10.84 -16.22 -20.10
C SER B 246 11.76 -15.03 -20.40
N LEU B 247 12.34 -14.97 -21.60
CA LEU B 247 13.28 -13.87 -21.92
C LEU B 247 12.60 -12.68 -22.66
N TYR B 248 11.44 -12.90 -23.27
CA TYR B 248 10.82 -11.85 -24.07
C TYR B 248 9.31 -11.71 -23.90
N TYR B 249 8.84 -11.86 -22.67
CA TYR B 249 7.41 -11.75 -22.40
C TYR B 249 6.84 -10.47 -23.00
N GLN B 250 7.57 -9.35 -22.95
CA GLN B 250 7.06 -8.09 -23.48
C GLN B 250 6.54 -8.14 -24.90
N TYR B 251 7.12 -8.97 -25.74
CA TYR B 251 6.71 -9.04 -27.13
C TYR B 251 5.62 -10.06 -27.42
N MET B 252 5.55 -11.11 -26.63
CA MET B 252 4.65 -12.23 -26.87
C MET B 252 3.16 -11.92 -27.22
N GLU B 253 2.69 -10.68 -27.22
CA GLU B 253 1.26 -10.53 -27.50
C GLU B 253 0.88 -10.64 -28.98
N THR B 254 1.79 -10.27 -29.86
CA THR B 254 1.52 -10.35 -31.29
C THR B 254 1.51 -11.82 -31.72
N TYR B 255 1.96 -12.73 -30.83
CA TYR B 255 2.05 -14.14 -31.17
C TYR B 255 1.12 -15.07 -30.38
N MET B 256 1.00 -14.81 -29.09
CA MET B 256 0.20 -15.62 -28.17
C MET B 256 -1.19 -16.07 -28.61
N GLY B 257 -1.95 -15.17 -29.22
CA GLY B 257 -3.30 -15.51 -29.64
C GLY B 257 -3.40 -16.23 -30.95
N PRO B 258 -2.72 -15.72 -31.99
CA PRO B 258 -2.77 -16.38 -33.30
C PRO B 258 -1.81 -17.56 -33.44
N ALA B 259 -1.31 -18.09 -32.32
CA ALA B 259 -0.37 -19.22 -32.40
C ALA B 259 -0.03 -19.90 -31.07
N LEU B 260 0.90 -19.30 -30.33
CA LEU B 260 1.35 -19.82 -29.03
C LEU B 260 0.31 -20.56 -28.21
N PHE B 261 -0.81 -19.88 -27.93
CA PHE B 261 -1.89 -20.46 -27.16
C PHE B 261 -2.18 -21.87 -27.63
N ALA B 262 -2.70 -21.96 -28.84
CA ALA B 262 -3.05 -23.21 -29.50
C ALA B 262 -1.91 -24.26 -29.42
N ILE B 263 -0.72 -23.86 -29.86
CA ILE B 263 0.40 -24.76 -29.82
C ILE B 263 0.58 -25.38 -28.45
N THR B 264 0.89 -24.53 -27.47
CA THR B 264 1.10 -24.98 -26.09
C THR B 264 -0.09 -25.66 -25.43
N ILE B 265 -1.29 -25.17 -25.71
CA ILE B 265 -2.50 -25.79 -25.13
C ILE B 265 -2.44 -27.27 -25.49
N GLU B 266 -2.45 -27.51 -26.80
CA GLU B 266 -2.40 -28.84 -27.40
C GLU B 266 -1.20 -29.62 -26.90
N ALA B 267 -0.01 -29.04 -27.03
CA ALA B 267 1.17 -29.71 -26.55
C ALA B 267 0.90 -30.24 -25.14
N MET B 268 0.27 -29.42 -24.30
CA MET B 268 -0.04 -29.80 -22.93
C MET B 268 -0.83 -31.10 -22.81
N LYS B 269 -1.77 -31.27 -23.74
CA LYS B 269 -2.59 -32.45 -23.75
C LYS B 269 -1.79 -33.69 -24.18
N SER B 270 -0.92 -33.51 -25.19
CA SER B 270 -0.08 -34.59 -25.73
C SER B 270 0.18 -35.78 -24.79
N ASP B 271 0.02 -36.98 -25.33
CA ASP B 271 0.24 -38.18 -24.55
C ASP B 271 1.73 -38.49 -24.48
N ILE B 272 2.52 -37.64 -25.13
CA ILE B 272 3.97 -37.80 -25.08
C ILE B 272 4.47 -36.87 -23.99
N ASP B 273 5.03 -37.45 -22.93
CA ASP B 273 5.53 -36.70 -21.78
C ASP B 273 6.36 -35.47 -22.14
N GLU B 274 7.55 -35.71 -22.67
CA GLU B 274 8.45 -34.63 -23.05
C GLU B 274 7.75 -33.50 -23.79
N VAL B 275 6.69 -33.82 -24.50
CA VAL B 275 5.96 -32.79 -25.24
C VAL B 275 4.90 -32.04 -24.42
N ALA B 276 4.30 -32.69 -23.44
CA ALA B 276 3.29 -32.02 -22.62
C ALA B 276 4.01 -31.40 -21.43
N LEU B 277 5.22 -31.89 -21.16
CA LEU B 277 6.01 -31.35 -20.07
C LEU B 277 6.54 -29.99 -20.48
N GLN B 278 6.99 -29.89 -21.72
CA GLN B 278 7.51 -28.64 -22.24
C GLN B 278 6.34 -27.66 -22.48
N GLY B 279 5.12 -28.14 -22.39
CA GLY B 279 3.98 -27.27 -22.59
C GLY B 279 3.51 -26.75 -21.22
N ILE B 280 3.84 -27.49 -20.18
CA ILE B 280 3.46 -27.08 -18.85
C ILE B 280 4.44 -25.96 -18.49
N GLU B 281 5.72 -26.24 -18.64
CA GLU B 281 6.77 -25.27 -18.33
C GLU B 281 6.47 -23.95 -19.00
N PHE B 282 5.78 -24.01 -20.14
CA PHE B 282 5.45 -22.78 -20.84
C PHE B 282 4.61 -21.88 -19.94
N TRP B 283 3.45 -22.38 -19.51
CA TRP B 283 2.59 -21.59 -18.66
C TRP B 283 3.16 -21.38 -17.25
N SER B 284 4.08 -22.23 -16.81
CA SER B 284 4.67 -22.00 -15.51
C SER B 284 5.50 -20.72 -15.67
N ASN B 285 6.32 -20.69 -16.72
CA ASN B 285 7.14 -19.54 -16.98
C ASN B 285 6.28 -18.30 -17.05
N VAL B 286 5.11 -18.41 -17.67
CA VAL B 286 4.20 -17.28 -17.77
C VAL B 286 3.85 -16.75 -16.38
N CYS B 287 3.43 -17.64 -15.51
CA CYS B 287 3.09 -17.23 -14.16
C CYS B 287 4.29 -16.50 -13.57
N ASP B 288 5.47 -17.10 -13.63
CA ASP B 288 6.64 -16.43 -13.08
C ASP B 288 6.85 -15.02 -13.62
N GLU B 289 6.78 -14.82 -14.92
CA GLU B 289 7.00 -13.47 -15.41
C GLU B 289 5.79 -12.57 -15.10
N GLU B 290 4.63 -13.17 -14.87
CA GLU B 290 3.45 -12.36 -14.58
C GLU B 290 3.43 -11.91 -13.13
N MET B 291 4.02 -12.70 -12.26
CA MET B 291 4.05 -12.35 -10.85
C MET B 291 5.09 -11.26 -10.67
N ASP B 292 6.26 -11.47 -11.24
CA ASP B 292 7.33 -10.48 -11.14
C ASP B 292 6.82 -9.16 -11.69
N LEU B 293 6.03 -9.25 -12.76
CA LEU B 293 5.45 -8.08 -13.39
C LEU B 293 4.54 -7.32 -12.44
N ALA B 294 3.85 -8.06 -11.58
CA ALA B 294 2.95 -7.50 -10.57
C ALA B 294 3.72 -6.56 -9.64
N ILE B 295 4.80 -7.04 -9.03
CA ILE B 295 5.61 -6.20 -8.16
C ILE B 295 5.90 -4.86 -8.87
N GLU B 296 6.30 -4.93 -10.15
CA GLU B 296 6.59 -3.74 -10.94
C GLU B 296 5.37 -2.83 -10.88
N ALA B 297 4.21 -3.42 -11.15
CA ALA B 297 2.95 -2.67 -11.15
C ALA B 297 2.71 -1.96 -9.82
N SER B 298 2.87 -2.68 -8.72
CA SER B 298 2.69 -2.13 -7.41
C SER B 298 3.62 -0.96 -7.16
N GLU B 299 4.92 -1.22 -7.31
CA GLU B 299 5.98 -0.25 -7.09
C GLU B 299 5.77 1.03 -7.87
N ALA B 300 5.89 0.94 -9.18
CA ALA B 300 5.70 2.09 -10.05
C ALA B 300 4.41 2.79 -9.68
N ALA B 301 3.43 2.04 -9.19
CA ALA B 301 2.17 2.65 -8.81
C ALA B 301 2.35 3.65 -7.68
N GLU B 302 3.21 3.34 -6.72
CA GLU B 302 3.44 4.26 -5.62
C GLU B 302 4.51 5.37 -5.89
N GLN B 303 5.31 5.17 -6.93
CA GLN B 303 6.34 6.14 -7.32
C GLN B 303 5.86 7.05 -8.48
N GLY B 304 4.59 6.93 -8.83
CA GLY B 304 4.03 7.80 -9.83
C GLY B 304 4.82 7.84 -11.09
N ARG B 305 4.94 6.67 -11.70
CA ARG B 305 5.64 6.49 -12.94
C ARG B 305 4.98 5.31 -13.61
N PRO B 306 4.99 5.28 -14.95
CA PRO B 306 4.36 4.14 -15.59
C PRO B 306 5.30 2.97 -15.41
N PRO B 307 4.77 1.73 -15.35
CA PRO B 307 5.57 0.51 -15.17
C PRO B 307 6.51 0.24 -16.36
N GLU B 308 7.70 -0.28 -16.07
CA GLU B 308 8.69 -0.57 -17.11
C GLU B 308 8.11 -1.49 -18.19
N HIS B 309 7.28 -2.43 -17.76
CA HIS B 309 6.62 -3.39 -18.64
C HIS B 309 5.30 -3.83 -18.04
N THR B 310 4.24 -3.83 -18.82
CA THR B 310 2.94 -4.24 -18.28
C THR B 310 2.58 -5.70 -18.57
N SER B 311 1.80 -6.28 -17.68
CA SER B 311 1.32 -7.65 -17.82
C SER B 311 0.02 -7.72 -18.60
N LYS B 312 -0.18 -8.80 -19.35
CA LYS B 312 -1.38 -9.01 -20.15
C LYS B 312 -2.28 -10.04 -19.49
N PHE B 313 -1.88 -10.49 -18.31
CA PHE B 313 -2.66 -11.49 -17.59
C PHE B 313 -3.04 -12.70 -18.44
N TYR B 314 -2.08 -13.24 -19.20
CA TYR B 314 -2.34 -14.41 -20.03
C TYR B 314 -2.81 -15.54 -19.14
N ALA B 315 -2.03 -15.81 -18.09
CA ALA B 315 -2.35 -16.89 -17.17
C ALA B 315 -3.71 -16.76 -16.52
N LYS B 316 -4.20 -15.54 -16.34
CA LYS B 316 -5.51 -15.37 -15.71
C LYS B 316 -6.60 -15.76 -16.70
N GLY B 317 -6.54 -15.16 -17.88
CA GLY B 317 -7.52 -15.43 -18.92
C GLY B 317 -7.45 -16.78 -19.61
N ALA B 318 -6.46 -17.58 -19.27
CA ALA B 318 -6.31 -18.89 -19.87
C ALA B 318 -6.66 -19.95 -18.80
N LEU B 319 -7.29 -19.47 -17.74
CA LEU B 319 -7.68 -20.30 -16.61
C LEU B 319 -8.61 -21.45 -16.93
N GLN B 320 -9.73 -21.15 -17.58
CA GLN B 320 -10.69 -22.18 -17.92
C GLN B 320 -10.29 -23.06 -19.07
N TYR B 321 -9.01 -23.03 -19.44
CA TYR B 321 -8.52 -23.90 -20.50
C TYR B 321 -7.39 -24.68 -19.90
N LEU B 322 -6.64 -24.03 -19.02
CA LEU B 322 -5.51 -24.66 -18.37
C LEU B 322 -5.96 -25.65 -17.31
N VAL B 323 -6.67 -25.14 -16.32
CA VAL B 323 -7.15 -25.93 -15.21
C VAL B 323 -7.75 -27.28 -15.59
N PRO B 324 -8.74 -27.28 -16.50
CA PRO B 324 -9.36 -28.53 -16.92
C PRO B 324 -8.36 -29.52 -17.53
N ILE B 325 -7.26 -29.00 -18.08
CA ILE B 325 -6.20 -29.81 -18.68
C ILE B 325 -5.18 -30.28 -17.62
N LEU B 326 -4.97 -29.47 -16.62
CA LEU B 326 -4.03 -29.79 -15.57
C LEU B 326 -4.61 -30.77 -14.58
N THR B 327 -5.91 -30.61 -14.31
CA THR B 327 -6.61 -31.50 -13.39
C THR B 327 -6.67 -32.91 -13.98
N GLN B 328 -7.04 -32.99 -15.26
CA GLN B 328 -7.10 -34.25 -15.98
C GLN B 328 -5.72 -34.94 -15.93
N THR B 329 -4.70 -34.16 -16.23
CA THR B 329 -3.32 -34.64 -16.22
C THR B 329 -2.93 -35.09 -14.82
N LEU B 330 -3.71 -34.66 -13.84
CA LEU B 330 -3.45 -35.01 -12.45
C LEU B 330 -3.76 -36.47 -12.29
N THR B 331 -4.64 -36.92 -13.18
CA THR B 331 -5.18 -38.28 -13.26
C THR B 331 -4.26 -39.26 -14.02
N LYS B 332 -3.11 -38.77 -14.49
CA LYS B 332 -2.15 -39.60 -15.23
C LYS B 332 -1.01 -40.00 -14.29
N GLN B 333 -1.34 -40.61 -13.16
CA GLN B 333 -0.31 -40.98 -12.21
C GLN B 333 0.35 -42.31 -12.54
N ASP B 334 1.65 -42.38 -12.35
CA ASP B 334 2.34 -43.65 -12.58
C ASP B 334 2.28 -44.45 -11.29
N GLU B 335 1.41 -45.45 -11.17
CA GLU B 335 1.31 -46.24 -9.93
C GLU B 335 2.59 -47.01 -9.59
N ASN B 336 3.61 -46.97 -10.43
CA ASN B 336 4.82 -47.68 -10.05
C ASN B 336 5.60 -46.83 -9.09
N ASP B 337 5.60 -45.55 -9.37
CA ASP B 337 6.51 -44.90 -8.54
C ASP B 337 6.59 -43.46 -8.38
N ASP B 338 7.74 -43.27 -7.69
CA ASP B 338 8.19 -42.02 -7.24
C ASP B 338 9.60 -41.95 -6.71
N ASP B 339 9.85 -40.65 -6.49
CA ASP B 339 11.00 -39.99 -5.89
C ASP B 339 12.25 -39.74 -6.79
N ASP B 340 12.02 -39.38 -8.03
CA ASP B 340 13.09 -39.04 -8.99
C ASP B 340 12.55 -38.95 -10.40
N ASP B 341 11.52 -39.74 -10.72
CA ASP B 341 10.94 -39.73 -12.06
C ASP B 341 9.93 -38.60 -12.26
N TRP B 342 10.43 -37.43 -12.57
CA TRP B 342 9.58 -36.27 -12.85
C TRP B 342 8.70 -36.61 -14.05
N ASN B 343 7.44 -36.14 -14.04
CA ASN B 343 6.56 -36.42 -15.15
C ASN B 343 5.35 -35.48 -15.15
N PRO B 344 4.59 -35.49 -16.23
CA PRO B 344 3.39 -34.68 -16.41
C PRO B 344 2.42 -34.56 -15.26
N CYS B 345 2.63 -35.32 -14.20
CA CYS B 345 1.74 -35.21 -13.07
C CYS B 345 2.45 -34.35 -12.05
N LYS B 346 3.66 -34.76 -11.68
CA LYS B 346 4.45 -33.99 -10.72
C LYS B 346 4.44 -32.51 -11.11
N ALA B 347 4.48 -32.28 -12.41
CA ALA B 347 4.49 -30.93 -12.94
C ALA B 347 3.11 -30.30 -12.91
N ALA B 348 2.10 -31.03 -13.35
CA ALA B 348 0.74 -30.51 -13.41
C ALA B 348 0.25 -30.02 -12.05
N GLY B 349 0.82 -30.59 -10.99
CA GLY B 349 0.43 -30.18 -9.66
C GLY B 349 1.14 -28.89 -9.36
N VAL B 350 2.47 -28.98 -9.38
CA VAL B 350 3.39 -27.85 -9.16
C VAL B 350 2.85 -26.66 -9.92
N CYS B 351 2.63 -26.83 -11.21
CA CYS B 351 2.10 -25.77 -12.04
C CYS B 351 0.78 -25.25 -11.43
N LEU B 352 -0.03 -26.16 -10.90
CA LEU B 352 -1.30 -25.78 -10.28
C LEU B 352 -1.05 -24.89 -9.07
N MET B 353 -0.07 -25.27 -8.24
CA MET B 353 0.29 -24.46 -7.08
C MET B 353 0.79 -23.09 -7.55
N LEU B 354 1.71 -23.11 -8.49
CA LEU B 354 2.27 -21.90 -9.05
C LEU B 354 1.10 -21.03 -9.52
N LEU B 355 0.37 -21.53 -10.49
CA LEU B 355 -0.79 -20.85 -11.05
C LEU B 355 -1.75 -20.27 -9.98
N SER B 356 -1.75 -20.88 -8.80
CA SER B 356 -2.62 -20.46 -7.69
C SER B 356 -2.15 -19.19 -7.01
N THR B 357 -0.87 -19.16 -6.65
CA THR B 357 -0.30 -18.00 -6.01
C THR B 357 -0.25 -16.82 -6.99
N CYS B 358 -0.29 -17.12 -8.28
CA CYS B 358 -0.26 -16.08 -9.29
C CYS B 358 -1.64 -15.53 -9.56
N CYS B 359 -2.71 -16.36 -9.64
CA CYS B 359 -4.05 -15.86 -9.98
C CYS B 359 -4.94 -15.63 -8.78
N GLU B 360 -4.67 -16.41 -7.72
CA GLU B 360 -5.37 -16.26 -6.49
C GLU B 360 -6.84 -16.40 -6.57
N ASP B 361 -7.55 -15.60 -5.82
CA ASP B 361 -9.00 -15.71 -5.78
C ASP B 361 -9.68 -16.09 -7.10
N ASP B 362 -9.04 -15.82 -8.23
CA ASP B 362 -9.69 -16.14 -9.50
C ASP B 362 -9.62 -17.63 -9.81
N ILE B 363 -8.80 -18.38 -9.07
CA ILE B 363 -8.64 -19.80 -9.33
C ILE B 363 -9.64 -20.78 -8.73
N VAL B 364 -10.21 -20.46 -7.59
CA VAL B 364 -11.14 -21.39 -6.94
C VAL B 364 -12.39 -21.77 -7.75
N PRO B 365 -13.05 -20.80 -8.38
CA PRO B 365 -14.24 -21.17 -9.15
C PRO B 365 -13.95 -21.96 -10.42
N HIS B 366 -12.68 -22.27 -10.66
CA HIS B 366 -12.28 -23.05 -11.84
C HIS B 366 -11.88 -24.48 -11.51
N VAL B 367 -11.39 -24.68 -10.29
CA VAL B 367 -10.95 -25.98 -9.81
C VAL B 367 -11.93 -26.63 -8.85
N LEU B 368 -12.77 -25.83 -8.18
CA LEU B 368 -13.73 -26.40 -7.22
C LEU B 368 -14.69 -27.42 -7.82
N PRO B 369 -15.41 -27.06 -8.89
CA PRO B 369 -16.33 -28.07 -9.42
C PRO B 369 -15.68 -29.43 -9.75
N PHE B 370 -14.38 -29.44 -10.02
CA PHE B 370 -13.70 -30.70 -10.32
C PHE B 370 -13.35 -31.47 -9.05
N ILE B 371 -13.14 -30.77 -7.95
CA ILE B 371 -12.77 -31.41 -6.70
C ILE B 371 -13.98 -32.06 -6.07
N LYS B 372 -15.11 -31.38 -6.21
CA LYS B 372 -16.38 -31.85 -5.67
C LYS B 372 -16.95 -33.05 -6.41
N GLU B 373 -16.67 -33.14 -7.70
CA GLU B 373 -17.21 -34.24 -8.47
C GLU B 373 -16.42 -35.55 -8.41
N HIS B 374 -15.11 -35.47 -8.21
CA HIS B 374 -14.28 -36.67 -8.18
C HIS B 374 -13.61 -36.96 -6.86
N ILE B 375 -14.00 -36.24 -5.82
CA ILE B 375 -13.39 -36.42 -4.51
C ILE B 375 -13.67 -37.82 -3.90
N LYS B 376 -14.89 -38.32 -4.10
CA LYS B 376 -15.27 -39.63 -3.59
C LYS B 376 -15.49 -40.59 -4.77
N ASN B 377 -15.01 -40.19 -5.93
CA ASN B 377 -15.08 -40.96 -7.17
C ASN B 377 -14.61 -42.42 -6.97
N PRO B 378 -15.32 -43.38 -7.57
CA PRO B 378 -14.96 -44.80 -7.44
C PRO B 378 -13.53 -45.13 -7.90
N ASP B 379 -13.11 -44.54 -9.03
CA ASP B 379 -11.75 -44.74 -9.55
C ASP B 379 -10.89 -43.90 -8.66
N TRP B 380 -9.77 -44.47 -8.18
CA TRP B 380 -8.89 -43.72 -7.28
C TRP B 380 -8.08 -42.59 -7.95
N ARG B 381 -7.79 -42.74 -9.24
CA ARG B 381 -7.06 -41.71 -9.97
C ARG B 381 -7.76 -40.36 -9.85
N TYR B 382 -9.09 -40.37 -9.96
CA TYR B 382 -9.87 -39.14 -9.84
C TYR B 382 -10.08 -38.71 -8.38
N ARG B 383 -9.81 -39.62 -7.45
CA ARG B 383 -9.97 -39.29 -6.04
C ARG B 383 -8.70 -38.57 -5.66
N ASP B 384 -7.56 -39.14 -6.07
CA ASP B 384 -6.29 -38.52 -5.77
C ASP B 384 -6.24 -37.10 -6.37
N ALA B 385 -6.76 -36.97 -7.58
CA ALA B 385 -6.82 -35.70 -8.29
C ALA B 385 -7.52 -34.62 -7.49
N ALA B 386 -8.75 -34.89 -7.07
CA ALA B 386 -9.50 -33.89 -6.32
C ALA B 386 -8.75 -33.49 -5.04
N VAL B 387 -8.05 -34.44 -4.42
CA VAL B 387 -7.32 -34.12 -3.20
C VAL B 387 -6.10 -33.25 -3.50
N MET B 388 -5.22 -33.75 -4.37
CA MET B 388 -4.03 -33.00 -4.77
C MET B 388 -4.48 -31.65 -5.24
N ALA B 389 -5.50 -31.65 -6.07
CA ALA B 389 -6.01 -30.40 -6.60
C ALA B 389 -6.35 -29.51 -5.43
N PHE B 390 -7.25 -29.99 -4.57
CA PHE B 390 -7.68 -29.21 -3.42
C PHE B 390 -6.49 -28.72 -2.64
N GLY B 391 -5.64 -29.64 -2.22
CA GLY B 391 -4.47 -29.27 -1.44
C GLY B 391 -3.49 -28.30 -2.09
N SER B 392 -3.57 -28.09 -3.40
CA SER B 392 -2.63 -27.19 -4.05
C SER B 392 -3.20 -25.79 -4.33
N ILE B 393 -4.44 -25.56 -3.90
CA ILE B 393 -5.03 -24.24 -4.07
C ILE B 393 -5.05 -23.52 -2.71
N LEU B 394 -4.59 -24.22 -1.68
CA LEU B 394 -4.54 -23.69 -0.33
C LEU B 394 -3.76 -22.38 -0.17
N GLU B 395 -2.72 -22.19 -0.98
CA GLU B 395 -1.91 -20.98 -0.89
C GLU B 395 -2.17 -20.06 -2.07
N GLY B 396 -2.56 -18.81 -1.79
CA GLY B 396 -2.83 -17.89 -2.87
C GLY B 396 -4.15 -17.16 -2.72
N PRO B 397 -5.29 -17.87 -2.64
CA PRO B 397 -6.56 -17.15 -2.49
C PRO B 397 -6.76 -16.73 -1.04
N GLU B 398 -7.80 -15.95 -0.79
CA GLU B 398 -8.13 -15.47 0.54
C GLU B 398 -8.43 -16.57 1.57
N PRO B 399 -7.74 -16.56 2.71
CA PRO B 399 -7.98 -17.57 3.74
C PRO B 399 -9.40 -17.44 4.28
N ASN B 400 -9.89 -16.20 4.32
CA ASN B 400 -11.24 -15.93 4.81
C ASN B 400 -12.29 -16.61 3.93
N GLN B 401 -11.92 -16.84 2.67
CA GLN B 401 -12.80 -17.50 1.69
C GLN B 401 -12.16 -18.82 1.24
N LEU B 402 -11.79 -19.64 2.20
CA LEU B 402 -11.16 -20.92 1.92
C LEU B 402 -11.38 -21.81 3.12
N LYS B 403 -11.71 -21.18 4.25
CA LYS B 403 -11.98 -21.89 5.50
C LYS B 403 -13.28 -22.69 5.40
N PRO B 404 -14.34 -22.06 4.87
CA PRO B 404 -15.58 -22.81 4.76
C PRO B 404 -15.43 -24.09 3.91
N LEU B 405 -14.46 -24.08 2.99
CA LEU B 405 -14.21 -25.24 2.13
C LEU B 405 -13.38 -26.23 2.94
N VAL B 406 -12.30 -25.76 3.54
CA VAL B 406 -11.48 -26.64 4.34
C VAL B 406 -12.38 -27.31 5.36
N ILE B 407 -13.20 -26.50 6.04
CA ILE B 407 -14.10 -27.02 7.05
C ILE B 407 -14.96 -28.12 6.48
N GLN B 408 -15.85 -27.75 5.55
CA GLN B 408 -16.74 -28.74 4.97
C GLN B 408 -15.98 -29.72 4.08
N ALA B 409 -14.79 -30.11 4.51
CA ALA B 409 -13.97 -31.04 3.74
C ALA B 409 -13.14 -31.92 4.66
N MET B 410 -13.00 -31.48 5.91
CA MET B 410 -12.24 -32.23 6.90
C MET B 410 -12.73 -33.66 7.09
N PRO B 411 -14.05 -33.84 7.22
CA PRO B 411 -14.60 -35.20 7.41
C PRO B 411 -14.02 -36.12 6.35
N THR B 412 -14.37 -35.83 5.10
CA THR B 412 -13.90 -36.58 3.95
C THR B 412 -12.39 -36.77 3.97
N LEU B 413 -11.63 -35.72 4.31
CA LEU B 413 -10.19 -35.83 4.35
C LEU B 413 -9.80 -36.80 5.45
N ILE B 414 -10.61 -36.86 6.50
CA ILE B 414 -10.31 -37.78 7.58
C ILE B 414 -10.64 -39.17 7.07
N GLU B 415 -11.63 -39.25 6.17
CA GLU B 415 -11.99 -40.54 5.59
C GLU B 415 -10.77 -41.03 4.82
N LEU B 416 -10.48 -40.30 3.74
CA LEU B 416 -9.37 -40.60 2.83
C LEU B 416 -8.05 -40.89 3.48
N MET B 417 -7.92 -40.59 4.76
CA MET B 417 -6.65 -40.86 5.44
C MET B 417 -6.44 -42.38 5.49
N LYS B 418 -7.54 -43.09 5.28
CA LYS B 418 -7.56 -44.55 5.26
C LYS B 418 -8.34 -44.98 4.00
N ASP B 419 -7.79 -44.65 2.83
CA ASP B 419 -8.39 -44.97 1.54
C ASP B 419 -7.73 -46.23 1.04
N PRO B 420 -8.47 -47.05 0.27
CA PRO B 420 -7.89 -48.28 -0.23
C PRO B 420 -6.83 -48.01 -1.31
N SER B 421 -6.22 -46.83 -1.28
CA SER B 421 -5.19 -46.48 -2.26
C SER B 421 -4.05 -45.76 -1.56
N VAL B 422 -2.85 -46.33 -1.60
CA VAL B 422 -1.70 -45.68 -0.97
C VAL B 422 -1.55 -44.26 -1.51
N VAL B 423 -1.77 -44.11 -2.83
CA VAL B 423 -1.66 -42.82 -3.51
C VAL B 423 -2.66 -41.79 -2.98
N VAL B 424 -3.91 -42.17 -2.75
CA VAL B 424 -4.87 -41.22 -2.19
C VAL B 424 -4.41 -40.94 -0.75
N ARG B 425 -3.75 -41.93 -0.14
CA ARG B 425 -3.26 -41.80 1.23
C ARG B 425 -2.26 -40.67 1.31
N ASP B 426 -1.20 -40.80 0.52
CA ASP B 426 -0.09 -39.83 0.45
C ASP B 426 -0.58 -38.42 0.10
N THR B 427 -1.14 -38.28 -1.10
CA THR B 427 -1.66 -37.02 -1.57
C THR B 427 -2.56 -36.37 -0.55
N THR B 428 -2.83 -37.08 0.53
CA THR B 428 -3.72 -36.55 1.53
C THR B 428 -3.08 -36.08 2.83
N ALA B 429 -2.07 -36.81 3.33
CA ALA B 429 -1.42 -36.37 4.57
C ALA B 429 -0.75 -35.07 4.21
N TRP B 430 -0.58 -34.86 2.91
CA TRP B 430 0.01 -33.64 2.40
C TRP B 430 -1.06 -32.58 2.53
N THR B 431 -2.11 -32.70 1.71
CA THR B 431 -3.22 -31.76 1.74
C THR B 431 -3.67 -31.41 3.16
N VAL B 432 -3.37 -32.28 4.13
CA VAL B 432 -3.72 -32.05 5.53
C VAL B 432 -2.63 -31.22 6.17
N GLY B 433 -1.39 -31.65 5.97
CA GLY B 433 -0.27 -30.91 6.53
C GLY B 433 -0.22 -29.51 5.98
N ARG B 434 -0.76 -29.31 4.79
CA ARG B 434 -0.76 -27.99 4.17
C ARG B 434 -1.87 -27.11 4.70
N ILE B 435 -2.89 -27.72 5.30
CA ILE B 435 -3.99 -26.94 5.84
C ILE B 435 -3.58 -26.42 7.21
N CYS B 436 -2.81 -27.24 7.93
CA CYS B 436 -2.36 -26.87 9.26
C CYS B 436 -1.31 -25.77 9.21
N GLU B 437 -0.66 -25.60 8.07
CA GLU B 437 0.36 -24.58 7.92
C GLU B 437 -0.24 -23.31 7.38
N LEU B 438 -0.92 -23.40 6.25
CA LEU B 438 -1.54 -22.25 5.62
C LEU B 438 -2.88 -21.82 6.21
N LEU B 439 -3.58 -22.72 6.92
CA LEU B 439 -4.88 -22.38 7.46
C LEU B 439 -5.11 -22.86 8.89
N PRO B 440 -4.15 -22.58 9.79
CA PRO B 440 -4.21 -22.98 11.19
C PRO B 440 -5.58 -22.84 11.85
N GLU B 441 -6.18 -21.66 11.73
CA GLU B 441 -7.49 -21.43 12.31
C GLU B 441 -8.49 -22.48 11.87
N ALA B 442 -8.52 -22.77 10.58
CA ALA B 442 -9.42 -23.77 10.04
C ALA B 442 -9.00 -25.18 10.49
N ALA B 443 -7.74 -25.32 10.91
CA ALA B 443 -7.22 -26.60 11.36
C ALA B 443 -7.83 -26.91 12.71
N ILE B 444 -7.39 -26.20 13.75
CA ILE B 444 -7.94 -26.36 15.09
C ILE B 444 -9.38 -25.92 14.97
N ASN B 445 -10.33 -26.74 15.35
CA ASN B 445 -11.71 -26.31 15.17
C ASN B 445 -12.74 -27.27 15.74
N ASP B 446 -12.53 -27.64 17.00
CA ASP B 446 -13.39 -28.55 17.77
C ASP B 446 -14.25 -29.53 16.98
N VAL B 447 -15.16 -28.97 16.18
CA VAL B 447 -16.08 -29.76 15.36
C VAL B 447 -15.42 -30.98 14.77
N TYR B 448 -14.19 -30.82 14.26
CA TYR B 448 -13.45 -31.94 13.67
C TYR B 448 -12.08 -32.13 14.29
N LEU B 449 -11.72 -31.27 15.23
CA LEU B 449 -10.42 -31.35 15.89
C LEU B 449 -10.29 -32.64 16.70
N ALA B 450 -11.37 -33.04 17.35
CA ALA B 450 -11.37 -34.24 18.16
C ALA B 450 -10.82 -35.42 17.37
N PRO B 451 -11.43 -35.74 16.22
CA PRO B 451 -10.98 -36.85 15.37
C PRO B 451 -9.67 -36.54 14.64
N LEU B 452 -9.62 -35.37 14.01
CA LEU B 452 -8.45 -34.88 13.28
C LEU B 452 -7.17 -35.19 14.02
N LEU B 453 -7.20 -35.00 15.33
CA LEU B 453 -6.05 -35.28 16.15
C LEU B 453 -5.85 -36.79 16.16
N GLN B 454 -6.93 -37.54 16.34
CA GLN B 454 -6.87 -39.00 16.38
C GLN B 454 -6.41 -39.53 15.03
N CYS B 455 -6.80 -38.78 14.00
CA CYS B 455 -6.48 -39.09 12.62
C CYS B 455 -4.96 -39.05 12.44
N LEU B 456 -4.32 -38.04 13.03
CA LEU B 456 -2.87 -37.88 12.92
C LEU B 456 -2.05 -38.80 13.80
N ILE B 457 -2.44 -38.94 15.07
CA ILE B 457 -1.71 -39.83 15.97
C ILE B 457 -1.76 -41.19 15.31
N GLU B 458 -2.83 -41.39 14.53
CA GLU B 458 -3.03 -42.63 13.80
C GLU B 458 -2.00 -42.72 12.68
N GLY B 459 -1.77 -41.59 12.00
CA GLY B 459 -0.83 -41.55 10.90
C GLY B 459 0.62 -41.80 11.27
N LEU B 460 1.02 -41.36 12.46
CA LEU B 460 2.39 -41.52 12.93
C LEU B 460 2.90 -42.94 12.83
N SER B 461 1.97 -43.87 12.62
CA SER B 461 2.31 -45.29 12.51
C SER B 461 1.87 -45.71 11.13
N ALA B 462 2.63 -45.29 10.12
CA ALA B 462 2.26 -45.63 8.76
C ALA B 462 3.44 -45.50 7.81
N GLU B 463 3.13 -45.67 6.53
CA GLU B 463 4.13 -45.56 5.49
C GLU B 463 4.88 -44.25 5.76
N PRO B 464 6.22 -44.31 5.79
CA PRO B 464 7.06 -43.13 6.04
C PRO B 464 6.59 -41.92 5.24
N ARG B 465 6.20 -42.17 4.00
CA ARG B 465 5.73 -41.11 3.12
C ARG B 465 4.60 -40.31 3.75
N VAL B 466 3.69 -41.00 4.43
CA VAL B 466 2.56 -40.35 5.08
C VAL B 466 2.89 -39.86 6.49
N ALA B 467 3.69 -40.64 7.20
CA ALA B 467 4.09 -40.30 8.56
C ALA B 467 4.82 -38.95 8.60
N SER B 468 5.74 -38.72 7.68
CA SER B 468 6.47 -37.45 7.65
C SER B 468 5.49 -36.28 7.55
N ASN B 469 4.66 -36.27 6.50
CA ASN B 469 3.65 -35.22 6.32
C ASN B 469 2.71 -35.15 7.50
N VAL B 470 3.02 -35.86 8.58
CA VAL B 470 2.17 -35.83 9.75
C VAL B 470 2.94 -35.11 10.87
N CYS B 471 4.23 -35.42 11.02
CA CYS B 471 5.06 -34.74 12.02
C CYS B 471 5.09 -33.26 11.65
N TRP B 472 4.93 -33.01 10.36
CA TRP B 472 4.90 -31.69 9.80
C TRP B 472 3.62 -31.10 10.37
N ALA B 473 2.50 -31.72 10.03
CA ALA B 473 1.19 -31.27 10.50
C ALA B 473 1.11 -31.07 12.00
N PHE B 474 1.86 -31.85 12.77
CA PHE B 474 1.79 -31.70 14.20
C PHE B 474 2.51 -30.45 14.66
N SER B 475 3.76 -30.31 14.24
CA SER B 475 4.53 -29.15 14.61
C SER B 475 3.76 -27.92 14.13
N SER B 476 3.30 -27.99 12.89
CA SER B 476 2.53 -26.90 12.31
C SER B 476 1.27 -26.69 13.18
N LEU B 477 0.94 -27.69 13.99
CA LEU B 477 -0.25 -27.62 14.84
C LEU B 477 -0.01 -27.10 16.25
N ALA B 478 1.14 -27.43 16.84
CA ALA B 478 1.48 -26.95 18.18
C ALA B 478 1.62 -25.43 18.04
N GLU B 479 1.68 -24.97 16.80
CA GLU B 479 1.80 -23.55 16.51
C GLU B 479 0.39 -23.00 16.69
N ALA B 480 -0.42 -23.17 15.65
CA ALA B 480 -1.80 -22.70 15.66
C ALA B 480 -2.51 -22.83 17.01
N ALA B 481 -2.25 -23.90 17.73
CA ALA B 481 -2.88 -24.09 19.03
C ALA B 481 -2.47 -22.93 19.92
N TYR B 482 -1.23 -22.95 20.37
CA TYR B 482 -0.64 -21.93 21.23
C TYR B 482 -1.20 -20.51 20.98
N GLU B 483 -0.87 -19.94 19.82
CA GLU B 483 -1.32 -18.61 19.44
C GLU B 483 -2.83 -18.36 19.56
N ALA B 484 -3.63 -19.41 19.61
CA ALA B 484 -5.07 -19.24 19.72
C ALA B 484 -5.42 -19.07 21.19
N ALA B 485 -4.64 -19.73 22.05
CA ALA B 485 -4.80 -19.72 23.51
C ALA B 485 -4.01 -18.57 24.09
N ASP B 486 -3.62 -17.78 23.15
CA ASP B 486 -2.96 -16.57 23.48
C ASP B 486 -3.85 -15.78 24.43
N VAL B 487 -4.25 -16.41 25.55
CA VAL B 487 -5.06 -15.76 26.58
C VAL B 487 -4.23 -15.69 27.86
N ALA B 488 -4.69 -14.88 28.85
CA ALA B 488 -4.00 -14.73 30.14
C ALA B 488 -2.60 -14.19 29.95
N ASP B 489 -2.52 -13.23 29.07
CA ASP B 489 -1.25 -12.64 28.75
C ASP B 489 -0.92 -11.44 29.65
N ASP B 490 -0.14 -11.66 30.66
CA ASP B 490 0.33 -10.57 31.51
C ASP B 490 1.61 -11.14 31.90
N GLN B 491 1.38 -12.40 32.00
CA GLN B 491 2.30 -13.45 32.25
C GLN B 491 2.23 -14.07 30.87
N GLU B 492 3.25 -14.69 30.36
CA GLU B 492 2.96 -15.17 29.04
C GLU B 492 3.18 -16.62 28.93
N GLU B 493 2.51 -17.28 29.81
CA GLU B 493 2.51 -18.69 29.81
C GLU B 493 1.10 -19.12 30.12
N PRO B 494 0.57 -19.45 29.00
CA PRO B 494 -0.77 -19.85 28.90
C PRO B 494 -0.99 -20.87 29.96
N ALA B 495 -2.19 -21.27 30.17
CA ALA B 495 -2.36 -22.27 31.18
C ALA B 495 -2.84 -23.50 30.50
N THR B 496 -3.44 -23.29 29.34
CA THR B 496 -3.99 -24.40 28.58
C THR B 496 -4.40 -23.97 27.20
N TYR B 497 -4.23 -24.88 26.25
CA TYR B 497 -4.62 -24.61 24.86
C TYR B 497 -5.33 -25.82 24.29
N CYS B 498 -5.89 -25.66 23.09
CA CYS B 498 -6.65 -26.73 22.43
C CYS B 498 -6.02 -28.12 22.31
N LEU B 499 -4.73 -28.24 22.59
CA LEU B 499 -4.08 -29.55 22.49
C LEU B 499 -3.79 -30.13 23.86
N SER B 500 -4.00 -29.34 24.90
CA SER B 500 -3.74 -29.77 26.27
C SER B 500 -4.40 -31.13 26.52
N SER B 501 -5.67 -31.20 26.14
CA SER B 501 -6.47 -32.42 26.28
C SER B 501 -5.69 -33.68 25.91
N SER B 502 -5.17 -33.71 24.68
CA SER B 502 -4.42 -34.86 24.17
C SER B 502 -2.92 -34.65 23.97
N PHE B 503 -2.33 -33.79 24.80
CA PHE B 503 -0.90 -33.50 24.69
C PHE B 503 -0.02 -34.67 25.12
N GLU B 504 -0.19 -35.14 26.34
CA GLU B 504 0.65 -36.22 26.80
C GLU B 504 0.64 -37.34 25.76
N LEU B 505 -0.54 -37.61 25.21
CA LEU B 505 -0.65 -38.66 24.22
C LEU B 505 0.33 -38.38 23.10
N ILE B 506 0.04 -37.30 22.37
CA ILE B 506 0.86 -36.84 21.26
C ILE B 506 2.36 -37.03 21.47
N VAL B 507 2.90 -36.44 22.54
CA VAL B 507 4.32 -36.57 22.81
C VAL B 507 4.75 -38.02 22.88
N GLN B 508 3.83 -38.89 23.31
CA GLN B 508 4.13 -40.31 23.41
C GLN B 508 4.24 -40.93 22.03
N LYS B 509 3.25 -40.68 21.19
CA LYS B 509 3.24 -41.24 19.84
C LYS B 509 4.28 -40.61 18.91
N LEU B 510 4.96 -39.57 19.38
CA LEU B 510 6.02 -38.94 18.60
C LEU B 510 7.30 -39.53 19.13
N LEU B 511 7.32 -39.78 20.43
CA LEU B 511 8.48 -40.39 21.08
C LEU B 511 8.63 -41.76 20.47
N GLU B 512 7.49 -42.43 20.32
CA GLU B 512 7.42 -43.75 19.72
C GLU B 512 8.11 -43.67 18.36
N THR B 513 7.51 -42.88 17.47
CA THR B 513 8.00 -42.67 16.11
C THR B 513 9.51 -42.47 15.97
N THR B 514 10.11 -41.69 16.86
CA THR B 514 11.54 -41.44 16.79
C THR B 514 12.34 -42.71 16.58
N ASP B 515 11.87 -43.82 17.12
CA ASP B 515 12.60 -45.08 17.03
C ASP B 515 12.28 -45.98 15.85
N ARG B 516 11.13 -45.76 15.21
CA ARG B 516 10.75 -46.56 14.05
C ARG B 516 12.00 -46.99 13.30
N PRO B 517 12.17 -48.31 13.13
CA PRO B 517 13.36 -48.81 12.42
C PRO B 517 13.55 -48.11 11.06
N ASP B 518 12.48 -48.05 10.27
CA ASP B 518 12.53 -47.41 8.96
C ASP B 518 12.67 -45.88 9.06
N GLY B 519 13.37 -45.43 10.09
CA GLY B 519 13.56 -43.99 10.30
C GLY B 519 14.12 -43.15 9.17
N HIS B 520 15.19 -43.62 8.55
CA HIS B 520 15.86 -42.91 7.46
C HIS B 520 14.94 -42.58 6.29
N GLN B 521 13.87 -43.33 6.13
CA GLN B 521 12.97 -43.07 5.02
C GLN B 521 12.35 -41.69 5.15
N ASN B 522 12.77 -40.76 4.30
CA ASN B 522 12.23 -39.41 4.35
C ASN B 522 12.67 -38.82 5.70
N ASN B 523 13.86 -39.21 6.13
CA ASN B 523 14.43 -38.75 7.40
C ASN B 523 13.41 -38.70 8.52
N LEU B 524 12.30 -39.40 8.33
CA LEU B 524 11.20 -39.49 9.30
C LEU B 524 11.69 -39.39 10.74
N ARG B 525 12.80 -40.03 11.06
CA ARG B 525 13.30 -39.97 12.42
C ARG B 525 13.51 -38.54 12.86
N SER B 526 13.94 -37.68 11.95
CA SER B 526 14.17 -36.29 12.33
C SER B 526 12.89 -35.48 12.26
N SER B 527 12.14 -35.61 11.17
CA SER B 527 10.87 -34.90 11.06
C SER B 527 10.08 -35.06 12.35
N ALA B 528 10.27 -36.19 13.05
CA ALA B 528 9.58 -36.45 14.31
C ALA B 528 10.30 -35.77 15.45
N TYR B 529 11.59 -36.00 15.59
CA TYR B 529 12.32 -35.31 16.65
C TYR B 529 12.07 -33.81 16.54
N GLU B 530 12.06 -33.31 15.31
CA GLU B 530 11.81 -31.90 15.09
C GLU B 530 10.44 -31.65 15.70
N SER B 531 9.42 -32.26 15.12
CA SER B 531 8.06 -32.12 15.59
C SER B 531 7.97 -32.20 17.11
N LEU B 532 8.64 -33.17 17.71
CA LEU B 532 8.59 -33.29 19.16
C LEU B 532 8.96 -31.96 19.78
N MET B 533 10.10 -31.42 19.39
CA MET B 533 10.53 -30.13 19.92
C MET B 533 9.41 -29.11 19.81
N GLU B 534 9.11 -28.68 18.60
CA GLU B 534 8.07 -27.69 18.37
C GLU B 534 6.80 -27.87 19.24
N ILE B 535 6.43 -29.12 19.52
CA ILE B 535 5.24 -29.38 20.33
C ILE B 535 5.47 -28.79 21.73
N VAL B 536 6.68 -28.94 22.23
CA VAL B 536 7.03 -28.43 23.54
C VAL B 536 7.17 -26.90 23.52
N LYS B 537 8.01 -26.38 22.61
CA LYS B 537 8.22 -24.93 22.48
C LYS B 537 6.87 -24.25 22.55
N ASN B 538 5.88 -24.91 21.96
CA ASN B 538 4.52 -24.40 21.93
C ASN B 538 3.60 -25.27 22.77
N SER B 539 3.92 -25.41 24.05
CA SER B 539 3.08 -26.18 24.95
C SER B 539 2.42 -25.22 25.94
N ALA B 540 1.37 -25.69 26.60
CA ALA B 540 0.66 -24.88 27.56
C ALA B 540 1.17 -25.18 28.96
N LYS B 541 0.68 -24.43 29.94
CA LYS B 541 1.12 -24.60 31.29
C LYS B 541 0.71 -25.91 31.95
N ASP B 542 -0.39 -26.52 31.51
CA ASP B 542 -0.80 -27.79 32.13
C ASP B 542 -0.25 -28.99 31.38
N CYS B 543 0.75 -28.73 30.54
CA CYS B 543 1.39 -29.78 29.78
C CYS B 543 2.72 -30.08 30.45
N TYR B 544 3.22 -29.11 31.21
CA TYR B 544 4.48 -29.27 31.92
C TYR B 544 4.63 -30.67 32.52
N PRO B 545 3.65 -31.11 33.32
CA PRO B 545 3.81 -32.47 33.89
C PRO B 545 4.38 -33.44 32.86
N ALA B 546 3.90 -33.32 31.61
CA ALA B 546 4.37 -34.17 30.53
C ALA B 546 5.73 -33.66 30.07
N VAL B 547 5.75 -32.42 29.60
CA VAL B 547 6.98 -31.77 29.13
C VAL B 547 8.09 -32.00 30.15
N GLN B 548 7.71 -32.32 31.37
CA GLN B 548 8.66 -32.57 32.43
C GLN B 548 9.21 -33.98 32.23
N LYS B 549 8.32 -34.96 32.23
CA LYS B 549 8.71 -36.36 32.07
C LYS B 549 9.35 -36.62 30.70
N THR B 550 8.87 -35.91 29.67
CA THR B 550 9.40 -36.04 28.32
C THR B 550 10.90 -35.72 28.38
N THR B 551 11.27 -34.78 29.24
CA THR B 551 12.68 -34.41 29.40
C THR B 551 13.41 -35.67 29.81
N LEU B 552 13.08 -36.19 30.99
CA LEU B 552 13.68 -37.41 31.52
C LEU B 552 13.91 -38.44 30.42
N VAL B 553 12.96 -38.53 29.49
CA VAL B 553 13.09 -39.48 28.39
C VAL B 553 14.28 -39.06 27.53
N ILE B 554 14.20 -37.88 26.92
CA ILE B 554 15.29 -37.37 26.09
C ILE B 554 16.59 -37.46 26.89
N MET B 555 16.46 -37.45 28.21
CA MET B 555 17.59 -37.52 29.10
C MET B 555 18.29 -38.86 28.96
N GLU B 556 17.51 -39.94 28.90
CA GLU B 556 18.05 -41.28 28.78
C GLU B 556 18.56 -41.59 27.40
N ARG B 557 17.79 -41.24 26.37
CA ARG B 557 18.22 -41.48 25.00
C ARG B 557 19.69 -41.04 24.87
N LEU B 558 20.00 -39.84 25.32
CA LEU B 558 21.35 -39.30 25.24
C LEU B 558 22.30 -40.16 26.07
N GLN B 559 21.81 -40.64 27.21
CA GLN B 559 22.62 -41.47 28.08
C GLN B 559 23.09 -42.72 27.33
N GLN B 560 22.15 -43.34 26.60
CA GLN B 560 22.40 -44.56 25.82
C GLN B 560 23.34 -44.32 24.64
N VAL B 561 23.00 -43.36 23.79
CA VAL B 561 23.79 -43.05 22.61
C VAL B 561 25.22 -42.63 22.93
N LEU B 562 25.62 -42.74 24.19
CA LEU B 562 26.99 -42.38 24.56
C LEU B 562 27.73 -43.64 24.96
N GLN B 563 27.01 -44.56 25.58
CA GLN B 563 27.59 -45.83 26.00
C GLN B 563 27.40 -46.74 24.77
N MET B 564 27.20 -46.11 23.64
CA MET B 564 26.96 -46.83 22.40
C MET B 564 27.92 -46.31 21.35
N GLU B 565 28.69 -45.30 21.72
CA GLU B 565 29.63 -44.70 20.79
C GLU B 565 30.87 -45.58 20.63
N SER B 566 31.32 -46.17 21.73
CA SER B 566 32.49 -47.04 21.68
C SER B 566 32.12 -48.39 21.07
N HIS B 567 31.09 -48.39 20.24
CA HIS B 567 30.66 -49.62 19.59
C HIS B 567 30.40 -49.37 18.09
N ILE B 568 31.20 -48.48 17.50
CA ILE B 568 31.09 -48.11 16.09
C ILE B 568 32.10 -48.87 15.22
N GLN B 569 31.58 -49.71 14.33
CA GLN B 569 32.42 -50.54 13.45
C GLN B 569 32.71 -49.94 12.08
N SER B 570 31.76 -49.19 11.51
CA SER B 570 31.99 -48.61 10.19
C SER B 570 31.95 -47.09 10.16
N THR B 571 32.29 -46.53 9.01
CA THR B 571 32.27 -45.08 8.83
C THR B 571 30.80 -44.68 8.97
N SER B 572 29.94 -45.55 8.47
CA SER B 572 28.50 -45.34 8.52
C SER B 572 28.12 -45.01 9.96
N ASP B 573 28.23 -46.02 10.82
CA ASP B 573 27.91 -45.89 12.23
C ASP B 573 28.27 -44.53 12.83
N ARG B 574 29.40 -43.96 12.41
CA ARG B 574 29.79 -42.66 12.94
C ARG B 574 28.92 -41.60 12.31
N ILE B 575 28.73 -41.71 11.00
CA ILE B 575 27.92 -40.76 10.27
C ILE B 575 26.43 -41.05 10.48
N GLN B 576 26.12 -41.90 11.45
CA GLN B 576 24.75 -42.25 11.78
C GLN B 576 24.63 -42.10 13.30
N PHE B 577 25.78 -41.86 13.91
CA PHE B 577 25.88 -41.68 15.35
C PHE B 577 25.82 -40.19 15.57
N ASN B 578 26.79 -39.49 14.99
CA ASN B 578 26.86 -38.05 15.11
C ASN B 578 25.48 -37.48 14.80
N ASP B 579 24.79 -38.07 13.84
CA ASP B 579 23.46 -37.59 13.50
C ASP B 579 22.58 -37.66 14.72
N LEU B 580 22.46 -38.85 15.31
CA LEU B 580 21.63 -39.05 16.49
C LEU B 580 22.14 -38.32 17.73
N GLN B 581 23.45 -38.19 17.87
CA GLN B 581 23.95 -37.47 19.04
C GLN B 581 23.48 -36.04 18.88
N SER B 582 23.40 -35.58 17.64
CA SER B 582 22.98 -34.22 17.34
C SER B 582 21.50 -33.99 17.69
N LEU B 583 20.62 -34.67 16.97
CA LEU B 583 19.18 -34.57 17.20
C LEU B 583 18.87 -34.59 18.69
N LEU B 584 19.52 -35.49 19.42
CA LEU B 584 19.28 -35.58 20.85
C LEU B 584 19.67 -34.29 21.53
N CYS B 585 20.86 -33.80 21.20
CA CYS B 585 21.38 -32.57 21.78
C CYS B 585 20.42 -31.39 21.57
N ALA B 586 20.18 -31.05 20.31
CA ALA B 586 19.26 -29.95 19.97
C ALA B 586 18.04 -30.03 20.85
N THR B 587 17.37 -31.18 20.79
CA THR B 587 16.17 -31.47 21.57
C THR B 587 16.35 -31.16 23.05
N LEU B 588 17.44 -31.65 23.62
CA LEU B 588 17.73 -31.42 25.03
C LEU B 588 17.73 -29.92 25.26
N GLN B 589 18.49 -29.24 24.44
CA GLN B 589 18.63 -27.79 24.52
C GLN B 589 17.30 -27.06 24.45
N ASN B 590 16.32 -27.65 23.75
CA ASN B 590 15.03 -27.01 23.61
C ASN B 590 13.99 -27.43 24.64
N VAL B 591 14.40 -28.18 25.65
CA VAL B 591 13.47 -28.59 26.70
C VAL B 591 13.91 -27.99 28.03
N LEU B 592 15.07 -27.35 28.02
CA LEU B 592 15.59 -26.71 29.23
C LEU B 592 15.15 -25.27 29.19
N ARG B 593 14.89 -24.78 27.98
CA ARG B 593 14.44 -23.43 27.77
C ARG B 593 12.99 -23.38 28.26
N LYS B 594 12.42 -24.56 28.45
CA LYS B 594 11.04 -24.68 28.90
C LYS B 594 10.91 -25.55 30.15
N VAL B 595 11.71 -25.27 31.16
CA VAL B 595 11.63 -26.01 32.42
C VAL B 595 11.90 -25.09 33.61
N GLN B 596 11.15 -25.34 34.68
CA GLN B 596 11.25 -24.56 35.90
C GLN B 596 12.59 -24.75 36.59
N HIS B 597 13.21 -23.63 36.98
CA HIS B 597 14.50 -23.64 37.67
C HIS B 597 14.51 -24.88 38.56
N GLN B 598 13.39 -25.07 39.25
CA GLN B 598 13.20 -26.21 40.13
C GLN B 598 14.03 -27.43 39.70
N ASP B 599 13.59 -28.02 38.59
CA ASP B 599 14.20 -29.22 38.04
C ASP B 599 15.52 -28.99 37.31
N ALA B 600 15.71 -27.82 36.72
CA ALA B 600 16.96 -27.55 36.01
C ALA B 600 18.08 -27.72 37.01
N LEU B 601 17.88 -27.16 38.19
CA LEU B 601 18.87 -27.26 39.24
C LEU B 601 18.91 -28.71 39.69
N GLN B 602 17.84 -29.44 39.38
CA GLN B 602 17.76 -30.84 39.76
C GLN B 602 18.34 -31.76 38.68
N ILE B 603 18.54 -31.21 37.48
CA ILE B 603 19.08 -31.95 36.35
C ILE B 603 20.56 -31.61 36.14
N SER B 604 20.82 -30.34 35.89
CA SER B 604 22.16 -29.82 35.64
C SER B 604 23.34 -30.80 35.83
N ASP B 605 23.69 -31.09 37.08
CA ASP B 605 24.80 -32.00 37.37
C ASP B 605 24.87 -33.17 36.40
N VAL B 606 23.71 -33.74 36.09
CA VAL B 606 23.61 -34.85 35.17
C VAL B 606 23.73 -34.43 33.71
N VAL B 607 22.86 -33.54 33.25
CA VAL B 607 22.89 -33.05 31.88
C VAL B 607 24.28 -32.51 31.58
N MET B 608 24.71 -31.53 32.36
CA MET B 608 26.03 -30.96 32.19
C MET B 608 26.98 -32.13 32.01
N ALA B 609 26.77 -33.15 32.82
CA ALA B 609 27.59 -34.37 32.82
C ALA B 609 27.75 -34.94 31.42
N SER B 610 26.62 -35.07 30.72
CA SER B 610 26.62 -35.57 29.37
C SER B 610 27.41 -34.61 28.48
N LEU B 611 26.94 -33.35 28.43
CA LEU B 611 27.56 -32.29 27.64
C LEU B 611 29.08 -32.23 27.79
N LEU B 612 29.56 -32.35 29.03
CA LEU B 612 30.99 -32.30 29.30
C LEU B 612 31.75 -33.39 28.55
N ARG B 613 31.44 -34.65 28.84
CA ARG B 613 32.12 -35.75 28.16
C ARG B 613 31.66 -35.88 26.73
N MET B 614 31.50 -34.75 26.07
CA MET B 614 31.08 -34.69 24.68
C MET B 614 31.98 -33.65 24.06
N PHE B 615 32.74 -33.02 24.94
CA PHE B 615 33.72 -32.01 24.59
C PHE B 615 35.03 -32.77 24.78
N GLN B 616 35.03 -33.59 25.82
CA GLN B 616 36.18 -34.43 26.19
C GLN B 616 36.16 -35.59 25.21
N SER B 617 34.94 -36.01 24.86
CA SER B 617 34.74 -37.10 23.93
C SER B 617 35.45 -36.83 22.61
N THR B 618 35.23 -35.64 22.05
CA THR B 618 35.87 -35.28 20.78
C THR B 618 36.75 -34.03 20.86
N ALA B 619 37.96 -34.20 21.37
CA ALA B 619 38.90 -33.08 21.45
C ALA B 619 39.40 -32.90 20.02
N GLY B 620 38.76 -33.60 19.09
CA GLY B 620 39.11 -33.53 17.68
C GLY B 620 38.12 -32.61 16.98
N SER B 621 38.65 -31.62 16.27
CA SER B 621 37.85 -30.62 15.56
C SER B 621 36.69 -31.16 14.70
N GLY B 622 35.99 -30.22 14.06
CA GLY B 622 34.86 -30.58 13.22
C GLY B 622 33.69 -29.65 13.46
N GLY B 623 32.54 -30.21 13.80
CA GLY B 623 31.36 -29.40 14.06
C GLY B 623 30.44 -29.98 15.11
N VAL B 624 31.02 -30.45 16.21
CA VAL B 624 30.23 -31.01 17.30
C VAL B 624 30.20 -30.02 18.47
N GLN B 625 31.34 -29.37 18.72
CA GLN B 625 31.46 -28.40 19.80
C GLN B 625 30.34 -27.36 19.66
N GLU B 626 30.01 -27.04 18.41
CA GLU B 626 28.97 -26.08 18.10
C GLU B 626 27.70 -26.40 18.90
N ASP B 627 27.27 -27.66 18.85
CA ASP B 627 26.05 -28.10 19.54
C ASP B 627 26.10 -28.05 21.07
N ALA B 628 27.19 -28.58 21.64
CA ALA B 628 27.35 -28.61 23.07
C ALA B 628 27.34 -27.21 23.63
N LEU B 629 28.16 -26.34 23.07
CA LEU B 629 28.17 -24.96 23.55
C LEU B 629 26.72 -24.47 23.56
N MET B 630 26.07 -24.55 22.41
CA MET B 630 24.69 -24.15 22.32
C MET B 630 23.91 -24.71 23.52
N ALA B 631 24.17 -25.97 23.88
CA ALA B 631 23.48 -26.58 25.02
C ALA B 631 23.92 -25.97 26.36
N VAL B 632 25.23 -25.83 26.54
CA VAL B 632 25.75 -25.24 27.77
C VAL B 632 25.17 -23.84 27.86
N SER B 633 25.08 -23.18 26.71
CA SER B 633 24.55 -21.82 26.66
C SER B 633 23.14 -21.78 27.23
N THR B 634 22.30 -22.72 26.83
CA THR B 634 20.93 -22.78 27.31
C THR B 634 20.91 -23.05 28.79
N LEU B 635 21.64 -24.08 29.21
CA LEU B 635 21.67 -24.42 30.62
C LEU B 635 22.19 -23.27 31.44
N VAL B 636 23.00 -22.40 30.82
CA VAL B 636 23.58 -21.25 31.54
C VAL B 636 22.58 -20.15 31.81
N GLU B 637 21.81 -19.77 30.80
CA GLU B 637 20.84 -18.71 30.99
C GLU B 637 19.83 -19.17 32.01
N VAL B 638 19.47 -20.45 31.95
CA VAL B 638 18.46 -21.01 32.87
C VAL B 638 18.94 -21.19 34.31
N LEU B 639 20.16 -21.68 34.50
CA LEU B 639 20.72 -21.90 35.83
C LEU B 639 21.21 -20.62 36.49
N GLY B 640 21.36 -19.56 35.71
CA GLY B 640 21.85 -18.32 36.29
C GLY B 640 23.19 -18.54 37.01
N GLY B 641 23.44 -17.76 38.06
CA GLY B 641 24.69 -17.86 38.77
C GLY B 641 24.92 -19.20 39.44
N GLU B 642 23.93 -20.09 39.39
CA GLU B 642 24.06 -21.40 40.01
C GLU B 642 25.16 -22.17 39.26
N PHE B 643 25.28 -21.87 37.96
CA PHE B 643 26.26 -22.49 37.06
C PHE B 643 27.70 -22.40 37.55
N LEU B 644 27.98 -21.47 38.45
CA LEU B 644 29.34 -21.30 38.92
C LEU B 644 30.04 -22.62 39.26
N LYS B 645 29.28 -23.59 39.75
CA LYS B 645 29.87 -24.87 40.13
C LYS B 645 30.50 -25.61 38.97
N TYR B 646 29.97 -25.39 37.77
CA TYR B 646 30.46 -26.08 36.57
C TYR B 646 31.64 -25.41 35.87
N MET B 647 31.87 -24.13 36.14
CA MET B 647 32.96 -23.43 35.47
C MET B 647 34.28 -24.17 35.54
N GLU B 648 34.69 -24.53 36.75
CA GLU B 648 35.96 -25.23 36.91
C GLU B 648 36.19 -26.30 35.81
N ALA B 649 35.26 -27.23 35.68
CA ALA B 649 35.39 -28.29 34.68
C ALA B 649 34.75 -27.94 33.34
N PHE B 650 35.18 -26.82 32.76
CA PHE B 650 34.61 -26.40 31.49
C PHE B 650 35.45 -25.32 30.86
N LYS B 651 36.14 -24.55 31.69
CA LYS B 651 37.00 -23.47 31.22
C LYS B 651 37.84 -23.90 30.02
N PRO B 652 38.49 -25.07 30.12
CA PRO B 652 39.32 -25.58 29.02
C PRO B 652 38.59 -25.46 27.70
N PHE B 653 37.46 -26.16 27.63
CA PHE B 653 36.63 -26.19 26.44
C PHE B 653 36.18 -24.80 26.02
N LEU B 654 35.85 -23.95 26.98
CA LEU B 654 35.43 -22.59 26.67
C LEU B 654 36.63 -21.85 26.09
N GLY B 655 37.82 -22.33 26.42
CA GLY B 655 39.02 -21.71 25.90
C GLY B 655 39.33 -22.29 24.54
N ILE B 656 39.19 -23.60 24.42
CA ILE B 656 39.46 -24.29 23.15
C ILE B 656 38.51 -23.70 22.13
N GLY B 657 37.23 -23.62 22.47
CA GLY B 657 36.28 -23.05 21.55
C GLY B 657 36.67 -21.64 21.18
N LEU B 658 37.00 -20.83 22.20
CA LEU B 658 37.40 -19.45 21.96
C LEU B 658 38.61 -19.39 21.06
N LYS B 659 39.54 -20.32 21.29
CA LYS B 659 40.76 -20.39 20.53
C LYS B 659 40.49 -20.76 19.07
N ASN B 660 40.38 -22.05 18.78
CA ASN B 660 40.12 -22.56 17.44
C ASN B 660 40.05 -21.53 16.32
N TYR B 661 38.89 -20.88 16.19
CA TYR B 661 38.64 -19.86 15.17
C TYR B 661 38.80 -20.35 13.75
N ALA B 662 39.47 -21.47 13.60
CA ALA B 662 39.60 -22.10 12.29
C ALA B 662 38.18 -22.26 11.84
N GLU B 663 37.31 -22.76 12.76
CA GLU B 663 35.90 -22.90 12.48
C GLU B 663 35.13 -21.77 13.16
N TYR B 664 35.29 -20.56 12.59
CA TYR B 664 34.69 -19.34 13.12
C TYR B 664 33.26 -19.52 13.65
N GLN B 665 32.60 -20.61 13.27
CA GLN B 665 31.26 -20.88 13.78
C GLN B 665 31.31 -21.28 15.26
N VAL B 666 32.26 -22.13 15.62
CA VAL B 666 32.43 -22.57 16.99
C VAL B 666 32.92 -21.41 17.85
N CYS B 667 33.68 -20.51 17.25
CA CYS B 667 34.21 -19.37 17.99
C CYS B 667 33.06 -18.41 18.33
N LEU B 668 32.18 -18.18 17.36
CA LEU B 668 31.06 -17.29 17.59
C LEU B 668 30.19 -17.82 18.73
N ALA B 669 30.10 -19.13 18.85
CA ALA B 669 29.33 -19.74 19.92
C ALA B 669 30.04 -19.46 21.25
N ALA B 670 31.36 -19.60 21.24
CA ALA B 670 32.14 -19.36 22.44
C ALA B 670 32.09 -17.91 22.90
N VAL B 671 32.17 -16.98 21.96
CA VAL B 671 32.13 -15.56 22.31
C VAL B 671 30.73 -15.23 22.82
N GLY B 672 29.73 -15.87 22.23
CA GLY B 672 28.37 -15.65 22.65
C GLY B 672 28.20 -16.11 24.08
N LEU B 673 28.83 -17.22 24.40
CA LEU B 673 28.77 -17.79 25.73
C LEU B 673 29.39 -16.83 26.73
N VAL B 674 30.60 -16.36 26.45
CA VAL B 674 31.28 -15.43 27.33
C VAL B 674 30.33 -14.32 27.78
N GLY B 675 29.35 -13.99 26.93
CA GLY B 675 28.40 -12.96 27.29
C GLY B 675 27.38 -13.53 28.25
N ASP B 676 26.89 -14.72 27.93
CA ASP B 676 25.92 -15.38 28.78
C ASP B 676 26.48 -15.61 30.17
N LEU B 677 27.79 -15.84 30.25
CA LEU B 677 28.40 -16.03 31.55
C LEU B 677 28.40 -14.73 32.33
N CYS B 678 28.68 -13.63 31.63
CA CYS B 678 28.71 -12.31 32.24
C CYS B 678 27.35 -12.02 32.87
N ARG B 679 26.29 -12.22 32.10
CA ARG B 679 24.94 -11.98 32.59
C ARG B 679 24.59 -12.88 33.77
N ALA B 680 25.07 -14.13 33.74
CA ALA B 680 24.79 -15.05 34.82
C ALA B 680 25.72 -14.97 36.04
N LEU B 681 27.03 -14.80 35.82
CA LEU B 681 27.96 -14.78 36.94
C LEU B 681 28.36 -13.45 37.57
N GLN B 682 28.12 -12.34 36.87
CA GLN B 682 28.50 -11.01 37.38
C GLN B 682 29.96 -11.03 37.82
N SER B 683 30.24 -10.43 38.96
CA SER B 683 31.59 -10.37 39.48
C SER B 683 32.22 -11.74 39.68
N ASN B 684 31.39 -12.78 39.72
CA ASN B 684 31.91 -14.14 39.95
C ASN B 684 32.74 -14.66 38.79
N ILE B 685 32.70 -13.94 37.68
CA ILE B 685 33.45 -14.33 36.50
C ILE B 685 34.85 -13.73 36.53
N LEU B 686 35.03 -12.73 37.38
CA LEU B 686 36.32 -12.06 37.50
C LEU B 686 37.54 -12.97 37.54
N PRO B 687 37.44 -14.11 38.24
CA PRO B 687 38.64 -14.96 38.24
C PRO B 687 39.08 -15.43 36.86
N PHE B 688 38.16 -15.47 35.91
CA PHE B 688 38.47 -15.92 34.56
C PHE B 688 38.84 -14.80 33.58
N CYS B 689 38.47 -13.56 33.90
CA CYS B 689 38.73 -12.41 33.04
C CYS B 689 40.15 -12.16 32.53
N ASP B 690 41.10 -13.02 32.87
CA ASP B 690 42.45 -12.82 32.35
C ASP B 690 42.64 -13.81 31.22
N GLU B 691 42.09 -15.01 31.40
CA GLU B 691 42.15 -16.02 30.37
C GLU B 691 41.35 -15.44 29.19
N VAL B 692 40.13 -15.01 29.48
CA VAL B 692 39.25 -14.45 28.47
C VAL B 692 39.78 -13.17 27.81
N MET B 693 39.87 -12.06 28.56
CA MET B 693 40.37 -10.82 27.97
C MET B 693 41.57 -11.04 27.08
N GLN B 694 42.46 -11.95 27.48
CA GLN B 694 43.64 -12.19 26.67
C GLN B 694 43.22 -12.66 25.29
N LEU B 695 42.67 -13.86 25.20
CA LEU B 695 42.24 -14.43 23.93
C LEU B 695 41.44 -13.44 23.07
N LEU B 696 40.32 -12.95 23.59
CA LEU B 696 39.50 -12.01 22.83
C LEU B 696 40.42 -11.02 22.10
N LEU B 697 41.39 -10.47 22.82
CA LEU B 697 42.30 -9.52 22.22
C LEU B 697 43.25 -10.24 21.26
N GLU B 698 43.64 -11.46 21.60
CA GLU B 698 44.52 -12.23 20.74
C GLU B 698 43.81 -12.58 19.44
N ASN B 699 42.49 -12.37 19.38
CA ASN B 699 41.74 -12.68 18.17
C ASN B 699 41.35 -11.41 17.43
N LEU B 700 41.51 -10.26 18.08
CA LEU B 700 41.19 -8.99 17.45
C LEU B 700 42.44 -8.47 16.74
N GLY B 701 43.60 -8.93 17.20
CA GLY B 701 44.85 -8.53 16.60
C GLY B 701 45.11 -9.49 15.45
N ASN B 702 44.90 -10.77 15.71
CA ASN B 702 45.09 -11.83 14.71
C ASN B 702 44.26 -11.51 13.47
N GLU B 703 44.88 -11.65 12.29
CA GLU B 703 44.18 -11.33 11.06
C GLU B 703 43.60 -12.51 10.27
N ASN B 704 43.86 -13.74 10.72
CA ASN B 704 43.33 -14.91 10.03
C ASN B 704 42.01 -15.29 10.68
N VAL B 705 41.29 -14.28 11.16
CA VAL B 705 40.00 -14.48 11.81
C VAL B 705 38.87 -13.96 10.94
N HIS B 706 37.82 -14.75 10.81
CA HIS B 706 36.65 -14.36 10.03
C HIS B 706 36.26 -12.95 10.49
N ARG B 707 36.22 -12.00 9.57
CA ARG B 707 35.92 -10.62 9.93
C ARG B 707 34.62 -10.39 10.68
N SER B 708 33.79 -11.43 10.79
CA SER B 708 32.50 -11.31 11.48
C SER B 708 32.59 -11.54 12.97
N VAL B 709 33.59 -12.32 13.37
CA VAL B 709 33.82 -12.64 14.78
C VAL B 709 34.23 -11.44 15.61
N LYS B 710 34.89 -10.47 14.98
CA LYS B 710 35.36 -9.30 15.70
C LYS B 710 34.25 -8.41 16.24
N PRO B 711 33.17 -8.20 15.47
CA PRO B 711 32.09 -7.36 15.97
C PRO B 711 31.56 -7.93 17.29
N GLN B 712 31.46 -9.26 17.32
CA GLN B 712 30.95 -9.98 18.47
C GLN B 712 31.85 -9.82 19.69
N ILE B 713 33.14 -9.99 19.48
CA ILE B 713 34.09 -9.84 20.57
C ILE B 713 34.00 -8.41 21.11
N LEU B 714 34.17 -7.41 20.25
CA LEU B 714 34.08 -6.02 20.71
C LEU B 714 32.85 -5.83 21.58
N SER B 715 31.74 -6.37 21.11
CA SER B 715 30.46 -6.29 21.79
C SER B 715 30.55 -6.90 23.19
N VAL B 716 31.28 -8.00 23.29
CA VAL B 716 31.44 -8.70 24.56
C VAL B 716 32.24 -7.95 25.63
N PHE B 717 32.93 -6.87 25.26
CA PHE B 717 33.71 -6.09 26.23
C PHE B 717 32.76 -5.22 27.01
N GLY B 718 31.53 -5.13 26.55
CA GLY B 718 30.54 -4.33 27.24
C GLY B 718 29.86 -5.19 28.27
N ASP B 719 29.62 -6.44 27.90
CA ASP B 719 28.98 -7.38 28.81
C ASP B 719 29.91 -7.55 30.01
N ILE B 720 31.20 -7.70 29.72
CA ILE B 720 32.19 -7.90 30.76
C ILE B 720 32.30 -6.70 31.67
N ALA B 721 32.47 -5.53 31.08
CA ALA B 721 32.60 -4.33 31.88
C ALA B 721 31.34 -4.18 32.73
N LEU B 722 30.23 -4.70 32.22
CA LEU B 722 28.98 -4.62 32.95
C LEU B 722 28.96 -5.53 34.17
N ALA B 723 29.36 -6.77 33.94
CA ALA B 723 29.41 -7.77 34.99
C ALA B 723 30.39 -7.44 36.08
N ILE B 724 31.58 -6.99 35.73
CA ILE B 724 32.57 -6.69 36.75
C ILE B 724 32.73 -5.24 37.20
N GLY B 725 31.81 -4.38 36.79
CA GLY B 725 31.84 -2.97 37.16
C GLY B 725 33.19 -2.33 37.48
N GLY B 726 33.42 -2.06 38.76
CA GLY B 726 34.66 -1.44 39.16
C GLY B 726 35.93 -2.14 38.72
N GLU B 727 36.02 -3.45 38.91
CA GLU B 727 37.23 -4.17 38.55
C GLU B 727 37.53 -4.17 37.06
N PHE B 728 36.80 -3.37 36.29
CA PHE B 728 37.04 -3.31 34.85
C PHE B 728 38.21 -2.39 34.48
N LYS B 729 38.58 -1.48 35.39
CA LYS B 729 39.69 -0.55 35.17
C LYS B 729 40.98 -1.29 34.82
N LYS B 730 41.01 -2.57 35.16
CA LYS B 730 42.16 -3.41 34.89
C LYS B 730 42.39 -3.49 33.36
N TYR B 731 41.38 -3.07 32.59
CA TYR B 731 41.49 -3.11 31.13
C TYR B 731 41.10 -1.81 30.40
N LEU B 732 40.38 -0.93 31.09
CA LEU B 732 39.90 0.32 30.49
C LEU B 732 40.71 0.86 29.32
N GLU B 733 41.96 1.23 29.56
CA GLU B 733 42.82 1.76 28.51
C GLU B 733 42.78 0.82 27.31
N VAL B 734 43.56 -0.25 27.39
CA VAL B 734 43.64 -1.24 26.32
C VAL B 734 42.35 -1.41 25.52
N VAL B 735 41.26 -1.68 26.22
CA VAL B 735 39.96 -1.87 25.58
C VAL B 735 39.53 -0.61 24.84
N LEU B 736 39.52 0.52 25.55
CA LEU B 736 39.13 1.80 24.96
C LEU B 736 40.02 2.13 23.76
N ASN B 737 41.27 1.69 23.80
CA ASN B 737 42.21 1.93 22.73
C ASN B 737 41.99 0.98 21.56
N THR B 738 40.94 0.18 21.64
CA THR B 738 40.62 -0.73 20.55
C THR B 738 39.29 -0.26 19.98
N LEU B 739 38.49 0.33 20.85
CA LEU B 739 37.18 0.85 20.47
C LEU B 739 37.41 2.09 19.62
N GLN B 740 38.56 2.72 19.82
CA GLN B 740 38.91 3.92 19.07
C GLN B 740 39.35 3.45 17.69
N GLN B 741 40.40 2.65 17.66
CA GLN B 741 40.93 2.12 16.42
C GLN B 741 39.82 1.43 15.64
N ALA B 742 38.80 1.00 16.36
CA ALA B 742 37.67 0.33 15.72
C ALA B 742 36.75 1.37 15.11
N SER B 743 36.44 2.41 15.90
CA SER B 743 35.58 3.49 15.44
C SER B 743 35.96 3.90 14.04
N GLN B 744 37.24 4.19 13.84
CA GLN B 744 37.75 4.60 12.54
C GLN B 744 37.81 3.37 11.63
N ALA B 745 36.65 2.92 11.16
CA ALA B 745 36.56 1.75 10.30
C ALA B 745 36.69 2.10 8.82
N GLN B 746 37.53 1.34 8.13
CA GLN B 746 37.81 1.52 6.72
C GLN B 746 36.57 1.55 5.85
N VAL B 747 36.13 2.81 5.62
CA VAL B 747 34.94 3.19 4.87
C VAL B 747 35.11 3.14 3.38
N ASP B 748 34.29 2.16 2.99
CA ASP B 748 34.01 1.61 1.69
C ASP B 748 32.51 1.71 1.42
N LYS B 749 32.12 1.21 0.28
CA LYS B 749 30.72 1.29 -0.08
C LYS B 749 30.39 0.29 -1.20
N SER B 750 29.13 0.27 -1.59
CA SER B 750 28.59 -0.56 -2.69
C SER B 750 29.20 -1.92 -2.98
N ASP B 751 29.56 -2.65 -1.96
CA ASP B 751 29.90 -4.06 -2.10
C ASP B 751 28.97 -4.66 -1.05
N PHE B 752 28.07 -3.80 -0.55
CA PHE B 752 27.23 -4.28 0.52
C PHE B 752 28.15 -5.26 1.25
N ASP B 753 27.67 -6.07 2.21
CA ASP B 753 28.50 -7.04 2.97
C ASP B 753 29.69 -6.34 3.51
N MET B 754 29.48 -5.09 3.58
CA MET B 754 30.47 -4.22 4.05
C MET B 754 29.80 -2.97 4.49
N VAL B 755 28.61 -2.73 3.96
CA VAL B 755 27.91 -1.54 4.36
C VAL B 755 27.33 -1.78 5.74
N ASP B 756 26.79 -2.99 5.96
CA ASP B 756 26.23 -3.30 7.28
C ASP B 756 27.30 -3.94 8.15
N TYR B 757 28.36 -4.44 7.50
CA TYR B 757 29.45 -5.03 8.24
C TYR B 757 30.02 -3.88 9.07
N LEU B 758 30.12 -2.73 8.42
CA LEU B 758 30.60 -1.51 9.05
C LEU B 758 29.49 -1.11 10.02
N ASN B 759 28.25 -1.49 9.71
CA ASN B 759 27.11 -1.18 10.56
C ASN B 759 27.10 -2.07 11.78
N GLU B 760 27.63 -3.27 11.64
CA GLU B 760 27.71 -4.18 12.78
C GLU B 760 28.83 -3.65 13.67
N LEU B 761 30.01 -3.51 13.09
CA LEU B 761 31.19 -3.01 13.77
C LEU B 761 30.89 -1.75 14.59
N ARG B 762 29.99 -0.92 14.08
CA ARG B 762 29.61 0.31 14.76
C ARG B 762 28.62 0.03 15.87
N GLU B 763 27.64 -0.83 15.59
CA GLU B 763 26.64 -1.19 16.58
C GLU B 763 27.44 -1.81 17.72
N SER B 764 28.36 -2.70 17.36
CA SER B 764 29.22 -3.35 18.33
C SER B 764 29.97 -2.33 19.16
N CYS B 765 30.57 -1.35 18.50
CA CYS B 765 31.31 -0.31 19.21
C CYS B 765 30.40 0.49 20.14
N LEU B 766 29.27 0.97 19.61
CA LEU B 766 28.34 1.74 20.43
C LEU B 766 27.93 0.91 21.66
N GLU B 767 27.69 -0.38 21.43
CA GLU B 767 27.31 -1.29 22.49
C GLU B 767 28.39 -1.33 23.57
N ALA B 768 29.61 -1.69 23.18
CA ALA B 768 30.71 -1.77 24.14
C ALA B 768 30.83 -0.48 24.97
N TYR B 769 30.81 0.68 24.31
CA TYR B 769 30.90 1.95 25.04
C TYR B 769 29.80 2.04 26.07
N THR B 770 28.56 1.80 25.64
CA THR B 770 27.42 1.84 26.56
C THR B 770 27.71 0.94 27.74
N GLY B 771 28.28 -0.23 27.44
CA GLY B 771 28.63 -1.17 28.49
C GLY B 771 29.66 -0.59 29.42
N ILE B 772 30.83 -0.26 28.89
CA ILE B 772 31.89 0.30 29.72
C ILE B 772 31.41 1.52 30.50
N VAL B 773 30.57 2.36 29.89
CA VAL B 773 30.10 3.52 30.63
C VAL B 773 29.19 3.06 31.75
N GLN B 774 28.09 2.41 31.40
CA GLN B 774 27.15 1.93 32.41
C GLN B 774 27.80 1.02 33.44
N GLY B 775 28.93 0.41 33.08
CA GLY B 775 29.62 -0.47 34.01
C GLY B 775 30.29 0.29 35.13
N LEU B 776 31.05 1.32 34.79
CA LEU B 776 31.78 2.09 35.79
C LEU B 776 30.88 3.05 36.52
N LYS B 777 29.82 3.43 35.85
CA LYS B 777 28.88 4.32 36.46
C LYS B 777 28.14 3.55 37.52
N GLY B 778 28.10 2.25 37.35
CA GLY B 778 27.41 1.40 38.26
C GLY B 778 25.94 1.64 38.18
N ASP B 779 25.19 0.69 38.74
CA ASP B 779 23.79 0.93 38.73
C ASP B 779 23.68 2.28 39.33
N GLN B 780 22.70 2.95 38.87
CA GLN B 780 22.59 4.30 39.28
C GLN B 780 21.76 4.65 40.53
N GLU B 781 22.41 5.17 41.60
CA GLU B 781 21.67 5.86 42.68
C GLU B 781 22.34 7.26 42.66
N ASN B 782 23.05 7.54 41.53
CA ASN B 782 23.70 8.82 41.14
C ASN B 782 25.16 9.08 41.57
N VAL B 783 26.04 8.12 41.85
CA VAL B 783 27.32 8.64 42.35
C VAL B 783 28.59 7.85 41.99
N HIS B 784 29.19 7.86 40.78
CA HIS B 784 30.39 7.02 40.73
C HIS B 784 31.56 7.45 39.83
N PRO B 785 32.58 7.71 40.62
CA PRO B 785 33.94 8.22 40.28
C PRO B 785 34.70 7.59 39.15
N ASP B 786 34.58 6.28 39.03
CA ASP B 786 35.29 5.57 37.96
C ASP B 786 34.80 6.02 36.58
N VAL B 787 33.55 6.46 36.56
CA VAL B 787 32.93 6.91 35.30
C VAL B 787 33.74 8.06 34.68
N MET B 788 34.56 8.70 35.50
CA MET B 788 35.38 9.81 35.04
C MET B 788 36.43 9.30 34.06
N LEU B 789 37.16 8.29 34.46
CA LEU B 789 38.22 7.72 33.63
C LEU B 789 37.96 7.64 32.12
N VAL B 790 36.70 7.69 31.72
CA VAL B 790 36.36 7.63 30.29
C VAL B 790 36.05 9.02 29.74
N GLN B 791 35.87 9.99 30.63
CA GLN B 791 35.56 11.38 30.27
C GLN B 791 36.41 11.97 29.11
N PRO B 792 37.72 11.69 29.09
CA PRO B 792 38.55 12.23 28.00
C PRO B 792 38.29 11.46 26.70
N ARG B 793 37.13 10.80 26.66
CA ARG B 793 36.73 10.02 25.50
C ARG B 793 35.33 10.41 25.04
N VAL B 794 34.74 11.39 25.71
CA VAL B 794 33.41 11.85 25.34
C VAL B 794 33.53 12.53 23.98
N GLU B 795 34.61 13.29 23.82
CA GLU B 795 34.89 13.98 22.57
C GLU B 795 34.78 12.94 21.46
N PHE B 796 35.81 12.09 21.39
CA PHE B 796 35.91 11.03 20.38
C PHE B 796 34.63 10.28 20.08
N ILE B 797 33.85 10.01 21.12
CA ILE B 797 32.60 9.28 20.95
C ILE B 797 31.56 10.09 20.19
N LEU B 798 31.26 11.29 20.69
CA LEU B 798 30.29 12.14 20.03
C LEU B 798 30.71 12.40 18.59
N SER B 799 32.02 12.46 18.38
CA SER B 799 32.56 12.65 17.03
C SER B 799 32.24 11.41 16.23
N PHE B 800 32.29 10.27 16.91
CA PHE B 800 32.02 8.97 16.31
C PHE B 800 30.55 8.94 15.89
N ILE B 801 29.66 9.38 16.78
CA ILE B 801 28.24 9.42 16.46
C ILE B 801 28.09 10.37 15.28
N ASP B 802 28.60 11.57 15.45
CA ASP B 802 28.56 12.61 14.41
C ASP B 802 28.87 11.96 13.05
N HIS B 803 30.11 11.53 12.90
CA HIS B 803 30.60 10.90 11.68
C HIS B 803 29.74 9.72 11.26
N ILE B 804 29.12 9.05 12.23
CA ILE B 804 28.27 7.92 11.93
C ILE B 804 27.06 8.40 11.13
N ALA B 805 26.32 9.35 11.69
CA ALA B 805 25.14 9.90 11.04
C ALA B 805 25.45 10.44 9.65
N GLY B 806 26.71 10.31 9.24
CA GLY B 806 27.12 10.77 7.92
C GLY B 806 26.63 9.83 6.83
N ASP B 807 26.71 8.53 7.09
CA ASP B 807 26.27 7.54 6.12
C ASP B 807 24.80 7.22 6.38
N GLU B 808 23.91 7.70 5.51
CA GLU B 808 22.47 7.47 5.69
C GLU B 808 22.04 6.01 5.61
N ASP B 809 23.00 5.13 5.33
CA ASP B 809 22.73 3.69 5.24
C ASP B 809 23.13 3.06 6.57
N HIS B 810 22.72 3.71 7.65
CA HIS B 810 23.02 3.25 9.00
C HIS B 810 21.84 2.55 9.66
N THR B 811 21.89 1.22 9.67
CA THR B 811 20.86 0.37 10.26
C THR B 811 20.10 1.04 11.40
N ASP B 812 18.78 0.85 11.43
CA ASP B 812 17.95 1.40 12.50
C ASP B 812 18.60 0.98 13.81
N GLY B 813 19.34 -0.12 13.77
CA GLY B 813 20.02 -0.64 14.94
C GLY B 813 21.17 0.27 15.33
N VAL B 814 21.94 0.70 14.32
CA VAL B 814 23.05 1.61 14.56
C VAL B 814 22.49 2.92 15.07
N VAL B 815 21.25 3.19 14.68
CA VAL B 815 20.54 4.38 15.10
C VAL B 815 20.24 4.28 16.60
N ALA B 816 19.35 3.36 16.94
CA ALA B 816 18.96 3.14 18.32
C ALA B 816 20.17 3.16 19.24
N CYS B 817 21.02 2.15 19.14
CA CYS B 817 22.21 2.06 19.98
C CYS B 817 22.81 3.43 20.24
N ALA B 818 23.24 4.10 19.18
CA ALA B 818 23.83 5.42 19.28
C ALA B 818 23.03 6.34 20.21
N ALA B 819 21.71 6.31 20.07
CA ALA B 819 20.82 7.13 20.90
C ALA B 819 21.07 6.85 22.37
N GLY B 820 20.79 5.63 22.78
CA GLY B 820 20.97 5.21 24.16
C GLY B 820 22.31 5.58 24.72
N LEU B 821 23.36 5.47 23.92
CA LEU B 821 24.71 5.81 24.36
C LEU B 821 24.73 7.24 24.85
N ILE B 822 24.06 8.13 24.13
CA ILE B 822 24.04 9.53 24.53
C ILE B 822 23.32 9.75 25.86
N GLY B 823 22.11 9.21 25.99
CA GLY B 823 21.36 9.38 27.23
C GLY B 823 22.22 9.10 28.44
N ASP B 824 22.93 7.97 28.41
CA ASP B 824 23.80 7.58 29.51
C ASP B 824 24.96 8.55 29.67
N LEU B 825 25.41 9.10 28.55
CA LEU B 825 26.51 10.07 28.55
C LEU B 825 26.07 11.30 29.35
N CYS B 826 24.80 11.65 29.18
CA CYS B 826 24.21 12.78 29.87
C CYS B 826 24.14 12.46 31.37
N THR B 827 23.58 11.31 31.68
CA THR B 827 23.44 10.85 33.06
C THR B 827 24.81 10.49 33.60
N ALA B 828 25.84 10.87 32.88
CA ALA B 828 27.20 10.56 33.30
C ALA B 828 28.05 11.81 33.50
N PHE B 829 28.24 12.56 32.42
CA PHE B 829 29.06 13.75 32.44
C PHE B 829 28.27 15.08 32.49
N GLY B 830 26.96 14.98 32.77
CA GLY B 830 26.13 16.17 32.86
C GLY B 830 26.11 17.10 31.66
N LYS B 831 25.90 18.39 31.94
CA LYS B 831 25.83 19.43 30.91
C LYS B 831 27.01 19.45 29.97
N ASP B 832 28.22 19.28 30.52
CA ASP B 832 29.45 19.28 29.75
C ASP B 832 29.31 18.65 28.37
N VAL B 833 28.39 17.67 28.25
CA VAL B 833 28.16 17.00 26.98
C VAL B 833 27.30 17.84 26.03
N LEU B 834 26.29 18.49 26.60
CA LEU B 834 25.36 19.32 25.83
C LEU B 834 26.07 20.19 24.78
N LYS B 835 27.16 20.82 25.18
CA LYS B 835 27.92 21.68 24.27
C LYS B 835 28.35 20.90 23.05
N LEU B 836 29.07 19.81 23.27
CA LEU B 836 29.56 18.97 22.19
C LEU B 836 28.46 18.43 21.29
N VAL B 837 27.24 18.35 21.81
CA VAL B 837 26.09 17.85 21.06
C VAL B 837 25.54 18.90 20.09
N GLU B 838 25.47 20.15 20.56
CA GLU B 838 24.96 21.25 19.75
C GLU B 838 25.98 21.60 18.67
N ALA B 839 27.25 21.65 19.05
CA ALA B 839 28.34 21.96 18.13
C ALA B 839 28.46 20.86 17.07
N ARG B 840 27.44 20.01 17.02
CA ARG B 840 27.35 18.91 16.08
C ARG B 840 25.86 18.75 15.75
N PRO B 841 25.39 19.48 14.75
CA PRO B 841 24.00 19.50 14.27
C PRO B 841 23.34 18.15 13.98
N MET B 842 23.99 17.35 13.15
CA MET B 842 23.47 16.04 12.76
C MET B 842 22.95 15.20 13.91
N ILE B 843 23.69 15.17 15.01
CA ILE B 843 23.29 14.39 16.18
C ILE B 843 21.84 14.65 16.60
N HIS B 844 21.34 15.85 16.30
CA HIS B 844 19.97 16.20 16.65
C HIS B 844 18.97 15.61 15.66
N GLU B 845 19.19 15.85 14.37
CA GLU B 845 18.29 15.30 13.37
C GLU B 845 18.30 13.78 13.56
N LEU B 846 19.48 13.24 13.88
CA LEU B 846 19.64 11.81 14.09
C LEU B 846 18.63 11.29 15.09
N LEU B 847 18.47 12.00 16.20
CA LEU B 847 17.52 11.60 17.23
C LEU B 847 16.10 11.70 16.67
N THR B 848 15.89 12.69 15.82
CA THR B 848 14.60 12.90 15.21
C THR B 848 14.19 11.58 14.56
N GLU B 849 15.12 10.96 13.85
CA GLU B 849 14.89 9.68 13.19
C GLU B 849 14.37 8.66 14.19
N GLY B 850 14.81 8.81 15.44
CA GLY B 850 14.40 7.89 16.48
C GLY B 850 12.89 7.77 16.63
N ARG B 851 12.28 8.75 17.28
CA ARG B 851 10.83 8.75 17.47
C ARG B 851 10.11 8.47 16.17
N ARG B 852 10.67 8.97 15.05
CA ARG B 852 10.07 8.74 13.74
C ARG B 852 9.86 7.24 13.53
N SER B 853 10.91 6.54 13.10
CA SER B 853 10.87 5.11 12.85
C SER B 853 10.00 4.36 13.83
N LYS B 854 9.48 3.21 13.41
CA LYS B 854 8.62 2.40 14.28
C LYS B 854 9.42 1.38 15.07
N THR B 855 10.73 1.31 14.82
CA THR B 855 11.57 0.36 15.53
C THR B 855 11.38 0.62 17.03
N ASN B 856 10.85 -0.39 17.71
CA ASN B 856 10.58 -0.31 19.15
C ASN B 856 11.73 0.28 19.97
N LYS B 857 12.93 -0.25 19.78
CA LYS B 857 14.12 0.20 20.52
C LYS B 857 14.67 1.56 20.11
N ALA B 858 14.39 1.98 18.87
CA ALA B 858 14.87 3.28 18.40
C ALA B 858 13.79 4.31 18.64
N LYS B 859 12.81 3.96 19.48
CA LYS B 859 11.71 4.85 19.80
C LYS B 859 11.67 5.24 21.27
N THR B 860 11.33 4.28 22.13
CA THR B 860 11.29 4.54 23.57
C THR B 860 12.66 5.00 24.01
N LEU B 861 13.68 4.52 23.28
CA LEU B 861 15.05 4.87 23.54
C LEU B 861 15.34 6.22 22.91
N ALA B 862 14.51 6.60 21.96
CA ALA B 862 14.65 7.88 21.30
C ALA B 862 14.03 8.91 22.23
N THR B 863 12.94 8.53 22.88
CA THR B 863 12.26 9.42 23.82
C THR B 863 13.24 9.76 24.92
N TRP B 864 13.59 8.76 25.73
CA TRP B 864 14.51 8.97 26.84
C TRP B 864 15.78 9.66 26.34
N ALA B 865 16.34 9.15 25.25
CA ALA B 865 17.57 9.72 24.71
C ALA B 865 17.46 11.22 24.49
N THR B 866 16.49 11.63 23.68
CA THR B 866 16.29 13.03 23.36
C THR B 866 16.06 13.91 24.60
N LYS B 867 14.96 13.66 25.30
CA LYS B 867 14.60 14.42 26.50
C LYS B 867 15.78 14.70 27.43
N GLU B 868 16.61 13.70 27.66
CA GLU B 868 17.78 13.81 28.54
C GLU B 868 18.75 14.91 28.11
N LEU B 869 18.42 15.60 27.02
CA LEU B 869 19.26 16.68 26.51
C LEU B 869 18.66 18.05 26.83
N ARG B 870 17.40 18.04 27.22
CA ARG B 870 16.70 19.27 27.56
C ARG B 870 17.07 19.72 28.97
N LYS B 871 17.07 18.76 29.90
CA LYS B 871 17.40 19.05 31.29
C LYS B 871 18.75 19.75 31.36
N LEU B 872 19.51 19.68 30.27
CA LEU B 872 20.83 20.31 30.21
C LEU B 872 20.71 21.82 29.99
N LYS B 873 19.50 22.34 30.14
CA LYS B 873 19.25 23.77 29.97
C LYS B 873 18.36 24.25 31.12
N ASN B 874 17.55 23.32 31.64
CA ASN B 874 16.65 23.59 32.75
C ASN B 874 17.48 23.71 34.03
N GLN B 875 17.25 22.78 34.97
CA GLN B 875 17.97 22.77 36.24
C GLN B 875 17.95 24.12 36.97
N ALA B 876 16.99 24.28 37.87
CA ALA B 876 16.87 25.52 38.64
C ALA B 876 16.85 25.22 40.13
N ARG C 1 -8.72 30.32 -0.63
CA ARG C 1 -10.15 30.04 -0.99
C ARG C 1 -10.65 28.77 -0.30
N SER C 2 -9.96 27.67 -0.57
CA SER C 2 -10.30 26.35 -0.03
C SER C 2 -9.84 26.08 1.40
N SER C 3 -10.63 26.56 2.36
CA SER C 3 -10.30 26.35 3.75
C SER C 3 -10.51 24.88 4.08
N ILE C 4 -10.16 24.50 5.31
CA ILE C 4 -10.35 23.14 5.74
C ILE C 4 -11.83 22.85 5.78
N ASN C 5 -12.62 23.90 5.93
CA ASN C 5 -14.08 23.78 6.01
C ASN C 5 -14.83 23.68 4.70
N ASP C 6 -14.36 24.38 3.67
CA ASP C 6 -15.03 24.33 2.37
C ASP C 6 -14.93 22.91 1.80
N LYS C 7 -13.85 22.21 2.18
CA LYS C 7 -13.63 20.84 1.75
C LYS C 7 -14.54 19.97 2.60
N ILE C 8 -14.55 20.23 3.90
CA ILE C 8 -15.40 19.49 4.82
C ILE C 8 -16.84 19.58 4.32
N ILE C 9 -17.23 20.75 3.82
CA ILE C 9 -18.58 20.93 3.32
C ILE C 9 -18.73 20.11 2.06
N GLU C 10 -17.76 20.27 1.16
CA GLU C 10 -17.76 19.54 -0.11
C GLU C 10 -17.93 18.05 0.17
N LEU C 11 -17.38 17.62 1.30
CA LEU C 11 -17.45 16.24 1.73
C LEU C 11 -18.86 15.94 2.26
N LYS C 12 -19.51 16.95 2.84
CA LYS C 12 -20.88 16.80 3.35
C LYS C 12 -21.80 16.56 2.17
N ASP C 13 -21.76 17.48 1.21
CA ASP C 13 -22.59 17.38 0.01
C ASP C 13 -22.24 16.08 -0.68
N LEU C 14 -21.14 15.47 -0.25
CA LEU C 14 -20.67 14.22 -0.84
C LEU C 14 -21.26 12.96 -0.24
N VAL C 15 -21.05 12.78 1.06
CA VAL C 15 -21.52 11.59 1.78
C VAL C 15 -23.02 11.49 2.03
N GLY C 17 -26.30 14.38 2.07
CA GLY C 17 -27.15 15.03 1.09
C GLY C 17 -26.83 16.47 0.81
N THR C 18 -27.40 16.98 -0.29
CA THR C 18 -27.22 18.34 -0.74
C THR C 18 -27.88 19.30 0.25
N ASP C 19 -27.09 20.14 0.88
CA ASP C 19 -27.59 21.19 1.79
C ASP C 19 -28.24 20.79 3.16
N ALA C 20 -28.37 19.52 3.61
CA ALA C 20 -29.03 19.27 4.92
C ALA C 20 -27.95 19.25 5.98
N LYS C 21 -28.16 19.71 7.20
CA LYS C 21 -26.87 19.78 7.85
C LYS C 21 -26.61 19.22 9.23
N HIS C 23 -23.24 18.50 11.48
CA HIS C 23 -22.06 19.33 11.73
C HIS C 23 -20.77 18.64 11.37
N LYS C 24 -19.67 19.30 11.68
CA LYS C 24 -18.37 18.74 11.44
C LYS C 24 -18.17 17.56 12.40
N SER C 25 -17.09 16.82 12.33
CA SER C 25 -16.89 15.72 13.30
C SER C 25 -17.94 14.62 13.25
N GLY C 26 -18.94 14.88 12.37
CA GLY C 26 -20.01 13.98 12.01
C GLY C 26 -19.79 13.58 10.55
N VAL C 27 -19.30 14.55 9.75
CA VAL C 27 -19.00 14.35 8.35
C VAL C 27 -17.75 13.45 8.25
N LEU C 28 -16.78 13.63 9.13
CA LEU C 28 -15.59 12.79 9.10
C LEU C 28 -15.91 11.40 9.63
N ARG C 29 -17.13 11.23 10.12
CA ARG C 29 -17.58 9.95 10.63
C ARG C 29 -18.10 9.18 9.42
N LYS C 30 -19.23 9.65 8.88
CA LYS C 30 -19.85 9.04 7.71
C LYS C 30 -18.85 8.86 6.57
N ALA C 31 -17.97 9.85 6.39
CA ALA C 31 -16.96 9.78 5.34
C ALA C 31 -16.15 8.49 5.51
N ILE C 32 -15.54 8.31 6.68
CA ILE C 32 -14.77 7.10 6.93
C ILE C 32 -15.60 5.83 6.71
N ASP C 33 -16.82 5.81 7.21
CA ASP C 33 -17.70 4.66 7.06
C ASP C 33 -18.09 4.40 5.60
N TYR C 34 -18.39 5.48 4.88
CA TYR C 34 -18.80 5.40 3.46
C TYR C 34 -17.74 4.77 2.58
N ILE C 35 -16.48 5.15 2.82
CA ILE C 35 -15.34 4.65 2.08
C ILE C 35 -15.26 3.16 2.33
N LYS C 36 -15.24 2.76 3.60
CA LYS C 36 -15.20 1.34 3.92
C LYS C 36 -16.37 0.64 3.26
N TYR C 37 -17.54 1.27 3.30
CA TYR C 37 -18.72 0.69 2.67
C TYR C 37 -18.53 0.48 1.17
N LEU C 38 -18.16 1.54 0.47
CA LEU C 38 -17.94 1.47 -0.98
C LEU C 38 -16.91 0.43 -1.38
N GLN C 39 -15.83 0.32 -0.60
CA GLN C 39 -14.80 -0.63 -0.93
C GLN C 39 -15.34 -2.05 -0.97
N GLN C 40 -16.00 -2.47 0.11
CA GLN C 40 -16.55 -3.82 0.16
C GLN C 40 -17.59 -4.06 -0.93
N VAL C 41 -18.60 -3.19 -0.97
CA VAL C 41 -19.63 -3.29 -1.97
C VAL C 41 -19.00 -3.58 -3.33
N ASN C 42 -18.03 -2.75 -3.70
CA ASN C 42 -17.34 -2.88 -4.98
C ASN C 42 -16.61 -4.18 -5.13
N HIS C 43 -15.98 -4.64 -4.06
CA HIS C 43 -15.26 -5.90 -4.10
C HIS C 43 -16.26 -7.00 -4.39
N LYS C 44 -17.40 -6.99 -3.71
CA LYS C 44 -18.44 -8.00 -3.94
C LYS C 44 -18.90 -7.98 -5.40
N LEU C 45 -19.17 -6.79 -5.93
CA LEU C 45 -19.59 -6.67 -7.32
C LEU C 45 -18.56 -7.23 -8.28
N ARG C 46 -17.28 -6.95 -8.04
CA ARG C 46 -16.24 -7.46 -8.92
C ARG C 46 -16.31 -8.98 -9.00
N GLN C 47 -16.59 -9.63 -7.87
CA GLN C 47 -16.70 -11.08 -7.84
C GLN C 47 -17.93 -11.54 -8.59
N GLU C 48 -19.10 -11.11 -8.12
CA GLU C 48 -20.37 -11.47 -8.76
C GLU C 48 -20.26 -11.38 -10.27
N ASN C 49 -19.46 -10.43 -10.74
CA ASN C 49 -19.26 -10.23 -12.16
C ASN C 49 -18.31 -11.27 -12.76
N VAL C 51 -18.27 -14.55 -11.69
CA VAL C 51 -19.11 -15.73 -11.84
C VAL C 51 -20.08 -15.52 -13.00
N LEU C 52 -20.51 -14.28 -13.20
CA LEU C 52 -21.42 -13.98 -14.29
C LEU C 52 -20.64 -13.78 -15.56
N LYS C 53 -19.52 -14.49 -15.67
CA LYS C 53 -18.67 -14.39 -16.85
C LYS C 53 -17.99 -15.75 -16.97
N LEU C 54 -17.90 -16.45 -15.86
CA LEU C 54 -17.29 -17.78 -15.82
C LEU C 54 -18.37 -18.81 -16.10
N ALA C 55 -19.35 -18.84 -15.19
CA ALA C 55 -20.47 -19.76 -15.33
C ALA C 55 -21.40 -19.11 -16.34
N ASN C 56 -20.82 -18.40 -17.29
CA ASN C 56 -21.57 -17.71 -18.33
C ASN C 56 -20.86 -17.79 -19.67
N GLN C 57 -19.53 -17.88 -19.63
CA GLN C 57 -18.73 -17.96 -20.84
C GLN C 57 -18.81 -19.38 -21.41
N LYS C 58 -19.33 -20.31 -20.61
CA LYS C 58 -19.47 -21.69 -21.04
C LYS C 58 -20.62 -21.76 -22.03
N ASN C 59 -21.75 -21.16 -21.66
CA ASN C 59 -22.94 -21.14 -22.50
C ASN C 59 -22.74 -20.19 -23.67
N LYS C 60 -22.37 -20.74 -24.83
CA LYS C 60 -22.13 -19.93 -26.02
C LYS C 60 -21.91 -20.79 -27.27
N LEU C 61 -22.06 -20.18 -28.44
CA LEU C 61 -21.86 -20.87 -29.72
C LEU C 61 -21.02 -19.99 -30.65
N ARG D 1 -11.00 12.24 23.41
CA ARG D 1 -10.36 13.35 24.19
C ARG D 1 -9.45 14.21 23.31
N SER D 2 -8.40 13.59 22.80
CA SER D 2 -7.43 14.29 21.97
C SER D 2 -7.70 14.14 20.46
N SER D 3 -8.30 13.02 20.06
CA SER D 3 -8.58 12.79 18.65
C SER D 3 -9.95 12.16 18.38
N ILE D 4 -10.93 13.01 18.09
CA ILE D 4 -12.29 12.54 17.79
C ILE D 4 -12.80 13.28 16.54
N ASN D 5 -12.29 14.48 16.33
CA ASN D 5 -12.63 15.30 15.17
C ASN D 5 -11.32 15.71 14.53
N ASP D 6 -10.26 15.65 15.33
CA ASP D 6 -8.93 16.00 14.86
C ASP D 6 -8.28 14.69 14.47
N LYS D 7 -9.00 13.60 14.72
CA LYS D 7 -8.50 12.27 14.39
C LYS D 7 -8.85 11.94 12.93
N ILE D 8 -8.18 12.66 12.03
CA ILE D 8 -8.34 12.48 10.60
C ILE D 8 -7.24 11.48 10.22
N ILE D 9 -6.56 11.01 11.25
CA ILE D 9 -5.50 10.03 11.06
C ILE D 9 -6.18 8.76 10.56
N GLU D 10 -7.42 8.53 10.99
CA GLU D 10 -8.18 7.36 10.59
C GLU D 10 -8.59 7.46 9.13
N LEU D 11 -9.15 8.61 8.77
CA LEU D 11 -9.56 8.89 7.38
C LEU D 11 -8.33 8.79 6.51
N LYS D 12 -7.20 9.26 7.02
CA LYS D 12 -5.93 9.20 6.33
C LYS D 12 -5.51 7.73 6.16
N ASP D 13 -5.53 6.98 7.25
CA ASP D 13 -5.14 5.58 7.23
C ASP D 13 -5.76 4.86 6.03
N LEU D 14 -7.04 5.09 5.80
CA LEU D 14 -7.73 4.46 4.68
C LEU D 14 -7.10 4.90 3.38
N VAL D 15 -7.30 6.17 3.05
CA VAL D 15 -6.81 6.77 1.81
C VAL D 15 -5.31 6.71 1.51
N GLY D 17 -2.89 4.96 4.09
CA GLY D 17 -2.22 3.95 4.89
C GLY D 17 -1.53 4.63 6.06
N THR D 18 -1.37 3.91 7.17
CA THR D 18 -0.71 4.48 8.36
C THR D 18 0.75 4.85 8.08
N ASP D 19 1.42 4.03 7.26
CA ASP D 19 2.82 4.19 6.90
C ASP D 19 3.36 5.62 6.80
N ALA D 20 3.00 6.34 5.74
CA ALA D 20 3.50 7.71 5.53
C ALA D 20 2.70 8.84 6.20
N LYS D 21 3.15 10.07 5.93
CA LYS D 21 2.56 11.27 6.52
C LYS D 21 1.91 12.27 5.56
N HIS D 23 -0.68 16.35 5.92
CA HIS D 23 -1.48 17.33 6.68
C HIS D 23 -2.97 17.24 6.38
N LYS D 24 -3.79 17.82 7.27
CA LYS D 24 -5.25 17.85 7.12
C LYS D 24 -5.76 18.03 5.70
N SER D 25 -5.92 19.28 5.29
CA SER D 25 -6.41 19.64 3.95
C SER D 25 -5.93 18.70 2.83
N GLY D 26 -4.73 18.15 3.00
CA GLY D 26 -4.20 17.22 2.01
C GLY D 26 -4.52 15.79 2.37
N VAL D 27 -5.73 15.57 2.86
CA VAL D 27 -6.18 14.25 3.27
C VAL D 27 -7.68 14.18 2.97
N LEU D 28 -8.33 15.33 3.08
CA LEU D 28 -9.75 15.42 2.77
C LEU D 28 -9.86 15.76 1.29
N ARG D 29 -8.73 16.10 0.72
CA ARG D 29 -8.63 16.34 -0.70
C ARG D 29 -8.50 14.95 -1.26
N LYS D 30 -7.56 14.20 -0.69
CA LYS D 30 -7.35 12.82 -1.08
C LYS D 30 -8.59 11.98 -0.74
N ALA D 31 -9.31 12.40 0.30
CA ALA D 31 -10.50 11.68 0.70
C ALA D 31 -11.58 11.94 -0.33
N ILE D 32 -11.79 13.21 -0.64
CA ILE D 32 -12.83 13.58 -1.60
C ILE D 32 -12.65 12.97 -2.99
N ASP D 33 -11.40 12.93 -3.46
CA ASP D 33 -11.13 12.37 -4.78
C ASP D 33 -11.36 10.87 -4.78
N TYR D 34 -10.95 10.22 -3.70
CA TYR D 34 -11.10 8.77 -3.54
C TYR D 34 -12.56 8.32 -3.45
N ILE D 35 -13.38 9.07 -2.73
CA ILE D 35 -14.79 8.71 -2.63
C ILE D 35 -15.39 8.81 -4.03
N LYS D 36 -15.13 9.94 -4.70
CA LYS D 36 -15.65 10.18 -6.04
C LYS D 36 -15.24 9.05 -6.98
N TYR D 37 -14.03 8.54 -6.79
CA TYR D 37 -13.54 7.46 -7.61
C TYR D 37 -14.33 6.18 -7.27
N LEU D 38 -14.42 5.82 -5.99
CA LEU D 38 -15.16 4.62 -5.58
C LEU D 38 -16.60 4.72 -6.03
N GLN D 39 -17.16 5.93 -6.05
CA GLN D 39 -18.51 6.11 -6.53
C GLN D 39 -18.62 5.68 -8.00
N GLN D 40 -17.79 6.27 -8.87
CA GLN D 40 -17.77 5.92 -10.29
C GLN D 40 -17.59 4.41 -10.46
N VAL D 41 -16.42 3.93 -10.08
CA VAL D 41 -16.10 2.51 -10.15
C VAL D 41 -17.34 1.73 -9.84
N ASN D 42 -17.89 1.95 -8.64
CA ASN D 42 -19.11 1.30 -8.18
C ASN D 42 -20.22 1.39 -9.23
N HIS D 43 -20.42 2.60 -9.78
CA HIS D 43 -21.44 2.81 -10.80
C HIS D 43 -21.13 1.91 -11.99
N LYS D 44 -19.93 2.07 -12.53
CA LYS D 44 -19.48 1.29 -13.67
C LYS D 44 -19.64 -0.20 -13.36
N LEU D 45 -19.00 -0.68 -12.30
CA LEU D 45 -19.11 -2.08 -11.90
C LEU D 45 -20.57 -2.49 -11.90
N ARG D 46 -21.43 -1.59 -11.42
CA ARG D 46 -22.86 -1.84 -11.30
C ARG D 46 -23.56 -2.01 -12.65
N GLN D 47 -23.35 -1.07 -13.57
CA GLN D 47 -23.97 -1.13 -14.88
C GLN D 47 -23.39 -2.28 -15.69
N GLU D 48 -22.43 -2.98 -15.10
CA GLU D 48 -21.79 -4.11 -15.75
C GLU D 48 -22.50 -5.39 -15.33
N ASN D 49 -22.64 -5.56 -14.01
CA ASN D 49 -23.32 -6.72 -13.45
C ASN D 49 -24.70 -6.76 -14.06
N VAL D 51 -25.47 -6.07 -17.04
CA VAL D 51 -25.40 -6.64 -18.38
C VAL D 51 -25.23 -8.14 -18.32
N LEU D 52 -24.23 -8.62 -17.58
CA LEU D 52 -23.99 -10.06 -17.47
C LEU D 52 -25.19 -10.78 -16.86
N LYS D 53 -26.14 -10.01 -16.32
CA LYS D 53 -27.35 -10.55 -15.72
C LYS D 53 -28.46 -10.58 -16.78
N LEU D 54 -28.99 -9.39 -17.11
CA LEU D 54 -30.05 -9.26 -18.10
C LEU D 54 -29.73 -10.04 -19.36
N ALA D 55 -28.46 -10.04 -19.76
CA ALA D 55 -28.02 -10.74 -20.95
C ALA D 55 -28.06 -12.25 -20.80
N ASN D 56 -27.02 -12.91 -21.30
CA ASN D 56 -26.89 -14.35 -21.27
C ASN D 56 -27.24 -15.10 -19.99
N GLN D 57 -27.45 -14.40 -18.89
CA GLN D 57 -27.77 -15.09 -17.65
C GLN D 57 -29.08 -15.88 -17.73
N LYS D 58 -29.80 -15.75 -18.84
CA LYS D 58 -31.06 -16.48 -18.99
C LYS D 58 -31.52 -16.76 -20.42
N ASN D 59 -32.30 -17.85 -20.54
CA ASN D 59 -32.91 -18.34 -21.78
C ASN D 59 -32.15 -19.41 -22.57
N LYS D 60 -32.46 -20.66 -22.29
CA LYS D 60 -31.86 -21.81 -22.97
C LYS D 60 -32.71 -23.05 -22.67
N LEU D 61 -34.03 -22.86 -22.76
CA LEU D 61 -35.04 -23.90 -22.52
C LEU D 61 -34.52 -25.23 -21.96
N ARG E 1 6.85 -30.98 0.03
CA ARG E 1 6.25 -30.04 1.02
C ARG E 1 6.93 -28.69 0.86
N SER E 2 6.18 -27.61 1.09
CA SER E 2 6.74 -26.26 1.00
C SER E 2 7.67 -26.05 2.20
N SER E 3 8.86 -26.65 2.12
CA SER E 3 9.86 -26.58 3.19
C SER E 3 10.37 -25.18 3.46
N ILE E 4 10.50 -24.85 4.74
CA ILE E 4 10.94 -23.52 5.11
C ILE E 4 12.43 -23.41 5.37
N ASN E 5 13.16 -24.52 5.24
CA ASN E 5 14.61 -24.48 5.41
C ASN E 5 15.16 -24.13 4.04
N ASP E 6 14.60 -24.77 3.03
CA ASP E 6 14.99 -24.56 1.65
C ASP E 6 15.00 -23.07 1.34
N LYS E 7 13.95 -22.39 1.75
CA LYS E 7 13.82 -20.95 1.53
C LYS E 7 14.87 -20.16 2.30
N ILE E 8 15.01 -20.44 3.60
CA ILE E 8 15.99 -19.76 4.44
C ILE E 8 17.39 -19.78 3.82
N ILE E 9 17.84 -20.94 3.34
CA ILE E 9 19.16 -21.00 2.74
C ILE E 9 19.12 -20.29 1.40
N GLU E 10 18.01 -20.43 0.68
CA GLU E 10 17.87 -19.77 -0.60
C GLU E 10 18.06 -18.28 -0.33
N LEU E 11 17.49 -17.82 0.79
CA LEU E 11 17.59 -16.43 1.20
C LEU E 11 19.05 -16.11 1.50
N LYS E 12 19.78 -17.10 2.02
CA LYS E 12 21.18 -16.91 2.35
C LYS E 12 22.05 -16.98 1.10
N ASP E 13 21.58 -17.70 0.09
CA ASP E 13 22.30 -17.84 -1.16
C ASP E 13 22.18 -16.56 -1.99
N LEU E 14 21.20 -15.74 -1.63
CA LEU E 14 20.97 -14.51 -2.33
C LEU E 14 21.74 -13.34 -1.75
N VAL E 15 21.47 -13.11 -0.51
CA VAL E 15 22.07 -12.03 0.22
C VAL E 15 23.56 -12.11 0.25
N GLY E 17 27.02 -13.36 0.47
CA GLY E 17 27.66 -14.66 0.11
C GLY E 17 26.79 -15.60 -0.75
N THR E 18 26.82 -16.92 -0.50
CA THR E 18 26.02 -17.90 -1.24
C THR E 18 25.82 -19.17 -0.41
N ASP E 19 26.61 -19.26 0.70
CA ASP E 19 26.58 -20.37 1.70
C ASP E 19 27.66 -20.25 2.77
N ALA E 20 27.94 -19.03 3.30
CA ALA E 20 29.03 -18.85 4.28
C ALA E 20 28.79 -19.38 5.72
N LYS E 21 28.11 -20.53 5.82
CA LYS E 21 27.76 -21.24 7.09
C LYS E 21 27.12 -20.36 8.19
N HIS E 23 23.84 -19.00 10.25
CA HIS E 23 22.60 -19.43 10.75
C HIS E 23 21.36 -18.80 10.33
N LYS E 24 20.48 -19.36 11.14
CA LYS E 24 19.09 -19.07 11.21
C LYS E 24 18.93 -17.77 11.94
N SER E 25 18.53 -16.81 11.16
CA SER E 25 18.47 -15.53 11.72
C SER E 25 19.89 -15.16 12.01
N GLY E 26 20.34 -14.50 11.00
CA GLY E 26 21.56 -13.91 10.64
C GLY E 26 21.04 -13.61 9.26
N VAL E 27 20.72 -14.73 8.57
CA VAL E 27 20.17 -14.69 7.23
C VAL E 27 18.87 -13.86 7.25
N LEU E 28 18.11 -13.94 8.32
CA LEU E 28 16.83 -13.23 8.38
C LEU E 28 16.93 -11.73 8.54
N ARG E 29 17.89 -11.28 9.33
CA ARG E 29 18.10 -9.85 9.52
C ARG E 29 18.87 -9.25 8.36
N LYS E 30 19.86 -10.00 7.89
CA LYS E 30 20.68 -9.57 6.76
C LYS E 30 19.73 -9.25 5.64
N ALA E 31 18.74 -10.11 5.48
CA ALA E 31 17.73 -9.97 4.44
C ALA E 31 16.89 -8.73 4.65
N ILE E 32 16.37 -8.55 5.85
CA ILE E 32 15.58 -7.36 6.13
C ILE E 32 16.42 -6.15 5.80
N ASP E 33 17.69 -6.18 6.18
CA ASP E 33 18.60 -5.06 5.92
C ASP E 33 19.05 -4.90 4.46
N TYR E 34 19.21 -6.00 3.74
CA TYR E 34 19.60 -5.90 2.34
C TYR E 34 18.45 -5.21 1.58
N ILE E 35 17.22 -5.69 1.78
CA ILE E 35 16.07 -5.09 1.12
C ILE E 35 16.02 -3.58 1.39
N LYS E 36 16.19 -3.19 2.66
CA LYS E 36 16.15 -1.77 2.99
C LYS E 36 17.30 -1.04 2.32
N TYR E 37 18.32 -1.79 1.93
CA TYR E 37 19.47 -1.19 1.26
C TYR E 37 19.10 -0.88 -0.17
N LEU E 38 18.66 -1.89 -0.91
CA LEU E 38 18.28 -1.74 -2.31
C LEU E 38 17.16 -0.73 -2.57
N GLN E 39 16.13 -0.75 -1.74
CA GLN E 39 15.04 0.20 -1.96
C GLN E 39 15.58 1.61 -1.93
N GLN E 40 16.69 1.80 -1.22
CA GLN E 40 17.31 3.12 -1.05
C GLN E 40 18.23 3.49 -2.22
N VAL E 41 19.12 2.58 -2.58
CA VAL E 41 20.04 2.85 -3.68
C VAL E 41 19.23 3.03 -4.97
N ASN E 42 18.13 2.28 -5.09
CA ASN E 42 17.31 2.40 -6.27
C ASN E 42 16.63 3.75 -6.22
N HIS E 43 16.18 4.13 -5.04
CA HIS E 43 15.52 5.41 -4.90
C HIS E 43 16.43 6.53 -5.32
N LYS E 44 17.69 6.48 -4.91
CA LYS E 44 18.63 7.53 -5.26
C LYS E 44 18.93 7.50 -6.75
N LEU E 45 19.31 6.35 -7.29
CA LEU E 45 19.58 6.24 -8.73
C LEU E 45 18.50 6.98 -9.52
N ARG E 46 17.24 6.69 -9.21
CA ARG E 46 16.11 7.31 -9.89
C ARG E 46 16.11 8.83 -9.83
N GLN E 47 16.48 9.39 -8.68
CA GLN E 47 16.51 10.84 -8.55
C GLN E 47 17.59 11.43 -9.43
N GLU E 48 18.75 10.77 -9.48
CA GLU E 48 19.82 11.25 -10.32
C GLU E 48 19.41 11.12 -11.79
N ASN E 49 18.93 9.96 -12.21
CA ASN E 49 18.51 9.77 -13.59
C ASN E 49 17.44 10.79 -13.97
N VAL E 51 17.42 14.11 -12.59
CA VAL E 51 18.28 15.28 -12.75
C VAL E 51 19.10 15.18 -14.05
N LEU E 52 19.69 14.02 -14.32
CA LEU E 52 20.48 13.84 -15.53
C LEU E 52 19.63 13.88 -16.78
N LYS E 53 18.45 13.30 -16.73
CA LYS E 53 17.56 13.27 -17.89
C LYS E 53 16.99 14.66 -18.17
N LEU E 54 16.95 15.50 -17.15
CA LEU E 54 16.41 16.85 -17.29
C LEU E 54 17.48 17.89 -17.63
N ALA E 55 18.71 17.64 -17.20
CA ALA E 55 19.81 18.55 -17.48
C ALA E 55 20.32 18.23 -18.87
N ASN E 56 19.59 17.37 -19.56
CA ASN E 56 19.92 16.94 -20.90
C ASN E 56 18.67 17.14 -21.75
N GLN E 57 17.58 16.53 -21.31
CA GLN E 57 16.29 16.59 -21.98
C GLN E 57 16.28 16.28 -23.47
N LYS E 58 16.46 15.00 -23.79
CA LYS E 58 16.44 14.49 -25.18
C LYS E 58 17.67 14.72 -26.05
N ASN E 59 18.83 14.92 -25.44
CA ASN E 59 20.08 15.12 -26.19
C ASN E 59 20.05 16.23 -27.23
N LYS E 60 19.26 17.27 -26.99
CA LYS E 60 19.17 18.40 -27.91
C LYS E 60 19.71 19.66 -27.22
N LEU E 61 20.51 19.46 -26.19
CA LEU E 61 21.07 20.56 -25.42
C LEU E 61 22.49 20.91 -25.88
N ARG F 1 22.85 -10.04 26.43
CA ARG F 1 22.29 -9.33 25.29
C ARG F 1 22.00 -10.30 24.14
N SER F 2 20.97 -11.13 24.31
CA SER F 2 20.56 -12.09 23.29
C SER F 2 19.40 -11.50 22.50
N SER F 3 19.59 -11.37 21.19
CA SER F 3 18.57 -10.79 20.30
C SER F 3 17.22 -11.49 20.29
N ILE F 4 16.56 -11.47 19.14
CA ILE F 4 15.24 -12.08 19.00
C ILE F 4 15.00 -12.79 17.65
N ASN F 5 13.73 -13.21 17.49
CA ASN F 5 13.36 -13.85 16.24
C ASN F 5 11.94 -13.74 15.89
N ASP F 6 11.62 -14.44 14.85
CA ASP F 6 10.31 -14.23 14.47
C ASP F 6 10.36 -12.80 13.92
N LYS F 7 11.38 -12.55 13.11
CA LYS F 7 11.59 -11.28 12.43
C LYS F 7 10.78 -11.37 11.14
N ILE F 8 10.35 -12.60 10.85
CA ILE F 8 9.54 -12.87 9.67
C ILE F 8 8.41 -11.85 9.68
N ILE F 9 8.04 -11.44 10.89
CA ILE F 9 6.97 -10.47 11.05
C ILE F 9 7.41 -9.13 10.50
N GLU F 10 8.60 -8.69 10.91
CA GLU F 10 9.15 -7.42 10.45
C GLU F 10 9.39 -7.44 8.94
N LEU F 11 9.93 -8.54 8.43
CA LEU F 11 10.20 -8.72 7.01
C LEU F 11 8.87 -8.69 6.28
N LYS F 12 7.84 -9.24 6.92
CA LYS F 12 6.49 -9.27 6.38
C LYS F 12 6.06 -7.83 6.12
N ASP F 13 6.23 -6.97 7.12
CA ASP F 13 5.84 -5.57 7.00
C ASP F 13 6.59 -4.95 5.85
N LEU F 14 7.90 -5.18 5.85
CA LEU F 14 8.79 -4.63 4.84
C LEU F 14 8.36 -4.90 3.41
N VAL F 15 8.06 -6.16 3.13
CA VAL F 15 7.64 -6.58 1.81
C VAL F 15 6.17 -6.24 1.57
N GLY F 17 3.33 -5.51 3.12
CA GLY F 17 2.72 -4.30 3.64
C GLY F 17 2.60 -4.33 5.15
N THR F 18 2.35 -3.15 5.73
CA THR F 18 2.21 -3.02 7.17
C THR F 18 1.07 -3.89 7.72
N ASP F 19 -0.04 -3.91 6.99
CA ASP F 19 -1.20 -4.69 7.36
C ASP F 19 -1.37 -5.88 6.47
N ALA F 20 -1.26 -7.04 7.05
CA ALA F 20 -1.38 -8.17 6.17
C ALA F 20 -1.44 -9.52 6.89
N LYS F 21 -1.80 -10.54 6.12
CA LYS F 21 -1.86 -11.91 6.58
C LYS F 21 -0.61 -12.65 6.09
N HIS F 23 1.43 -16.53 6.10
CA HIS F 23 2.28 -17.38 6.99
C HIS F 23 3.79 -17.12 6.91
N LYS F 24 4.58 -18.03 7.50
CA LYS F 24 6.04 -17.94 7.46
C LYS F 24 6.59 -18.47 6.14
N SER F 25 5.76 -19.22 5.44
CA SER F 25 6.14 -19.78 4.14
C SER F 25 5.99 -18.78 3.00
N GLY F 26 4.88 -18.06 2.98
CA GLY F 26 4.65 -17.08 1.93
C GLY F 26 5.63 -15.93 2.02
N VAL F 27 5.71 -15.33 3.20
CA VAL F 27 6.61 -14.22 3.44
C VAL F 27 8.00 -14.53 2.89
N LEU F 28 8.53 -15.71 3.19
CA LEU F 28 9.85 -16.09 2.70
C LEU F 28 9.94 -16.19 1.19
N ARG F 29 9.14 -17.08 0.60
CA ARG F 29 9.17 -17.26 -0.84
C ARG F 29 8.45 -16.13 -1.52
N LYS F 30 8.47 -14.96 -0.88
CA LYS F 30 7.86 -13.75 -1.41
C LYS F 30 8.96 -12.70 -1.28
N ALA F 31 9.61 -12.70 -0.12
CA ALA F 31 10.72 -11.80 0.14
C ALA F 31 11.80 -12.16 -0.87
N ILE F 32 12.02 -13.46 -1.07
CA ILE F 32 13.02 -13.93 -2.01
C ILE F 32 12.71 -13.38 -3.40
N ASP F 33 11.43 -13.33 -3.76
CA ASP F 33 11.06 -12.81 -5.07
C ASP F 33 11.34 -11.32 -5.07
N TYR F 34 11.02 -10.67 -3.96
CA TYR F 34 11.20 -9.23 -3.87
C TYR F 34 12.64 -8.79 -3.98
N ILE F 35 13.53 -9.54 -3.35
CA ILE F 35 14.95 -9.22 -3.38
C ILE F 35 15.48 -9.36 -4.78
N LYS F 36 15.10 -10.44 -5.46
CA LYS F 36 15.55 -10.65 -6.83
C LYS F 36 15.08 -9.50 -7.69
N TYR F 37 13.79 -9.16 -7.59
CA TYR F 37 13.22 -8.07 -8.37
C TYR F 37 13.99 -6.78 -8.08
N LEU F 38 14.10 -6.44 -6.80
CA LEU F 38 14.81 -5.25 -6.40
C LEU F 38 16.18 -5.19 -7.05
N GLN F 39 16.83 -6.34 -7.17
CA GLN F 39 18.16 -6.42 -7.78
C GLN F 39 18.09 -6.07 -9.27
N GLN F 40 17.19 -6.74 -9.98
CA GLN F 40 17.02 -6.49 -11.40
C GLN F 40 16.88 -5.01 -11.66
N VAL F 41 15.93 -4.37 -10.99
CA VAL F 41 15.75 -2.96 -11.24
C VAL F 41 17.00 -2.18 -10.89
N ASN F 42 17.74 -2.62 -9.87
CA ASN F 42 18.95 -1.87 -9.50
C ASN F 42 19.92 -1.91 -10.67
N HIS F 43 20.22 -3.11 -11.15
CA HIS F 43 21.13 -3.26 -12.27
C HIS F 43 20.70 -2.32 -13.42
N LYS F 44 19.44 -2.42 -13.82
CA LYS F 44 18.93 -1.61 -14.91
C LYS F 44 18.97 -0.11 -14.64
N LEU F 45 18.77 0.29 -13.38
CA LEU F 45 18.81 1.72 -13.03
C LEU F 45 20.23 2.26 -13.15
N ARG F 46 21.18 1.55 -12.55
CA ARG F 46 22.57 1.94 -12.58
C ARG F 46 23.12 1.83 -13.99
N GLN F 47 22.60 0.88 -14.76
CA GLN F 47 23.04 0.69 -16.14
C GLN F 47 22.53 1.93 -16.86
N GLU F 48 21.23 2.10 -16.82
CA GLU F 48 20.52 3.22 -17.43
C GLU F 48 21.09 4.56 -16.98
N ASN F 49 21.62 4.60 -15.76
CA ASN F 49 22.21 5.81 -15.20
C ASN F 49 23.59 6.11 -15.81
N VAL F 51 24.47 5.00 -19.26
CA VAL F 51 24.16 5.32 -20.65
C VAL F 51 23.28 6.58 -20.64
N LEU F 52 23.67 7.51 -19.77
CA LEU F 52 22.95 8.77 -19.59
C LEU F 52 23.96 9.75 -19.02
N LYS F 53 25.04 9.21 -18.47
CA LYS F 53 26.12 10.01 -17.91
C LYS F 53 27.22 9.90 -18.96
N LEU F 54 26.86 9.30 -20.08
CA LEU F 54 27.74 9.10 -21.23
C LEU F 54 27.28 10.11 -22.28
N ALA F 55 25.96 10.27 -22.38
CA ALA F 55 25.37 11.19 -23.34
C ALA F 55 25.37 12.61 -22.77
N ASN F 56 26.08 12.81 -21.66
CA ASN F 56 26.17 14.13 -21.05
C ASN F 56 27.59 14.65 -21.22
N GLN F 57 28.35 13.93 -22.04
CA GLN F 57 29.70 14.32 -22.35
C GLN F 57 29.77 14.45 -23.87
N LYS F 58 28.61 14.35 -24.48
CA LYS F 58 28.45 14.48 -25.93
C LYS F 58 27.69 15.76 -26.22
N ASN F 59 27.30 16.46 -25.15
CA ASN F 59 26.56 17.71 -25.23
C ASN F 59 27.48 18.93 -25.05
N LYS F 60 27.57 19.42 -23.79
CA LYS F 60 28.44 20.55 -23.45
C LYS F 60 28.42 21.72 -24.42
N LEU F 61 27.73 22.79 -23.99
CA LEU F 61 27.57 24.00 -24.79
C LEU F 61 28.87 24.52 -25.38
#